data_9Q3D
# 
_entry.id   9Q3D 
# 
_audit_conform.dict_name       mmcif_pdbx.dic 
_audit_conform.dict_version    5.406 
_audit_conform.dict_location   http://mmcif.pdb.org/dictionaries/ascii/mmcif_pdbx.dic 
# 
loop_
_database_2.database_id 
_database_2.database_code 
_database_2.pdbx_database_accession 
_database_2.pdbx_DOI 
PDB   9Q3D         pdb_00009q3d 10.2210/pdb9q3d/pdb 
WWPDB D_1000299122 ?            ?                   
# 
_pdbx_audit_revision_history.ordinal             1 
_pdbx_audit_revision_history.data_content_type   'Structure model' 
_pdbx_audit_revision_history.major_revision      1 
_pdbx_audit_revision_history.minor_revision      0 
_pdbx_audit_revision_history.revision_date       2025-11-05 
_pdbx_audit_revision_history.part_number         ? 
# 
_pdbx_audit_revision_details.ordinal             1 
_pdbx_audit_revision_details.revision_ordinal    1 
_pdbx_audit_revision_details.data_content_type   'Structure model' 
_pdbx_audit_revision_details.provider            repository 
_pdbx_audit_revision_details.type                'Initial release' 
_pdbx_audit_revision_details.description         ? 
_pdbx_audit_revision_details.details             ? 
# 
_pdbx_database_status.status_code                     REL 
_pdbx_database_status.status_code_sf                  REL 
_pdbx_database_status.status_code_mr                  ? 
_pdbx_database_status.entry_id                        9Q3D 
_pdbx_database_status.recvd_initial_deposition_date   2025-08-18 
_pdbx_database_status.SG_entry                        N 
_pdbx_database_status.deposit_site                    RCSB 
_pdbx_database_status.process_site                    RCSB 
_pdbx_database_status.status_code_cs                  ? 
_pdbx_database_status.status_code_nmr_data            ? 
_pdbx_database_status.methods_development_category    ? 
_pdbx_database_status.pdb_format_compatible           Y 
# 
_pdbx_contact_author.id                 4 
_pdbx_contact_author.email              rs17@nyu.edu 
_pdbx_contact_author.name_first         Ruojie 
_pdbx_contact_author.name_last          Sha 
_pdbx_contact_author.name_mi            ? 
_pdbx_contact_author.role               'principal investigator/group leader' 
_pdbx_contact_author.identifier_ORCID   0000-0002-0807-734X 
# 
loop_
_audit_author.name 
_audit_author.pdbx_ordinal 
_audit_author.identifier_ORCID 
'Horvath, A.'   1 0009-0008-5770-8014 
'Woloszyn, K.'  2 0000-0003-1200-583X 
'Vecchioni, S.' 3 0000-0001-8243-650X 
'Ohayon, Y.P.'  4 0000-0001-7500-4282 
'Sha, R.'       5 0000-0002-0807-734X 
# 
_citation.abstract                  ? 
_citation.abstract_id_CAS           ? 
_citation.book_id_ISBN              ? 
_citation.book_publisher            ? 
_citation.book_publisher_city       ? 
_citation.book_title                ? 
_citation.coordinate_linkage        ? 
_citation.country                   ? 
_citation.database_id_Medline       ? 
_citation.details                   ? 
_citation.id                        primary 
_citation.journal_abbrev            'To Be Published' 
_citation.journal_id_ASTM           ? 
_citation.journal_id_CSD            0353 
_citation.journal_id_ISSN           ? 
_citation.journal_full              ? 
_citation.journal_issue             ? 
_citation.journal_volume            ? 
_citation.language                  ? 
_citation.page_first                ? 
_citation.page_last                 ? 
_citation.title                     'Blunted Tensegrity Triangles' 
_citation.year                      ? 
_citation.database_id_CSD           ? 
_citation.pdbx_database_id_DOI      ? 
_citation.pdbx_database_id_PubMed   ? 
_citation.pdbx_database_id_patent   ? 
_citation.unpublished_flag          ? 
# 
loop_
_citation_author.citation_id 
_citation_author.name 
_citation_author.ordinal 
_citation_author.identifier_ORCID 
primary 'Horvath, A.'   1 0009-0008-5770-8014 
primary 'Woloszyn, K.'  2 0000-0003-1200-583X 
primary 'Vecchioni, S.' 3 0000-0001-8243-650X 
primary 'Ohayon, Y.P.'  4 0000-0001-7500-4282 
primary 'Sha, R.'       5 0000-0002-0807-734X 
# 
loop_
_entity.id 
_entity.type 
_entity.src_method 
_entity.pdbx_description 
_entity.formula_weight 
_entity.pdbx_number_of_molecules 
_entity.pdbx_ec 
_entity.pdbx_mutation 
_entity.pdbx_fragment 
_entity.details 
1 polymer syn 
;DNA (5'-D(*CP*GP*AP*GP*CP*CP*TP*GP*TP*AP*CP*GP*GP*AP*CP*AP*GP*TP*CP*A)-3')
;
6143.981 1 ? ? ? ? 
2 polymer syn 
;DNA (5'-D(*CP*CP*GP*TP*AP*CP*A)-3')
;
2082.400 1 ? ? ? ? 
3 polymer syn 
;DNA (5'-D(*GP*GP*CP*TP*CP*G)-3')
;
1825.216 1 ? ? ? ? 
4 polymer syn 
;DNA (5'-D(*TP*GP*AP*CP*TP*GP*T)-3')
;
2128.421 1 ? ? ? ? 
# 
loop_
_entity_poly.entity_id 
_entity_poly.type 
_entity_poly.nstd_linkage 
_entity_poly.nstd_monomer 
_entity_poly.pdbx_seq_one_letter_code 
_entity_poly.pdbx_seq_one_letter_code_can 
_entity_poly.pdbx_strand_id 
_entity_poly.pdbx_target_identifier 
1 polydeoxyribonucleotide no no '(DC)(DG)(DA)(DG)(DC)(DC)(DT)(DG)(DT)(DA)(DC)(DG)(DG)(DA)(DC)(DA)(DG)(DT)(DC)(DA)' 
CGAGCCTGTACGGACAGTCA A ? 
2 polydeoxyribonucleotide no no '(DC)(DC)(DG)(DT)(DA)(DC)(DA)'                                                     CCGTACA B ? 
3 polydeoxyribonucleotide no no '(DG)(DG)(DC)(DT)(DC)(DG)'                                                         GGCTCG C ? 
4 polydeoxyribonucleotide no no '(DT)(DG)(DA)(DC)(DT)(DG)(DT)'                                                     TGACTGT D ? 
# 
loop_
_entity_poly_seq.entity_id 
_entity_poly_seq.num 
_entity_poly_seq.mon_id 
_entity_poly_seq.hetero 
1 1  DC n 
1 2  DG n 
1 3  DA n 
1 4  DG n 
1 5  DC n 
1 6  DC n 
1 7  DT n 
1 8  DG n 
1 9  DT n 
1 10 DA n 
1 11 DC n 
1 12 DG n 
1 13 DG n 
1 14 DA n 
1 15 DC n 
1 16 DA n 
1 17 DG n 
1 18 DT n 
1 19 DC n 
1 20 DA n 
2 1  DC n 
2 2  DC n 
2 3  DG n 
2 4  DT n 
2 5  DA n 
2 6  DC n 
2 7  DA n 
3 1  DG n 
3 2  DG n 
3 3  DC n 
3 4  DT n 
3 5  DC n 
3 6  DG n 
4 1  DT n 
4 2  DG n 
4 3  DA n 
4 4  DC n 
4 5  DT n 
4 6  DG n 
4 7  DT n 
# 
loop_
_pdbx_entity_src_syn.entity_id 
_pdbx_entity_src_syn.pdbx_src_id 
_pdbx_entity_src_syn.pdbx_alt_source_flag 
_pdbx_entity_src_syn.pdbx_beg_seq_num 
_pdbx_entity_src_syn.pdbx_end_seq_num 
_pdbx_entity_src_syn.organism_scientific 
_pdbx_entity_src_syn.organism_common_name 
_pdbx_entity_src_syn.ncbi_taxonomy_id 
_pdbx_entity_src_syn.details 
1 1 sample 1 20 'synthetic construct' ? 32630 ? 
2 1 sample 1 7  'synthetic construct' ? 32630 ? 
3 1 sample 1 6  'synthetic construct' ? 32630 ? 
4 1 sample 1 7  'synthetic construct' ? 32630 ? 
# 
loop_
_chem_comp.id 
_chem_comp.type 
_chem_comp.mon_nstd_flag 
_chem_comp.name 
_chem_comp.pdbx_synonyms 
_chem_comp.formula 
_chem_comp.formula_weight 
DA 'DNA linking' y "2'-DEOXYADENOSINE-5'-MONOPHOSPHATE" ? 'C10 H14 N5 O6 P' 331.222 
DC 'DNA linking' y "2'-DEOXYCYTIDINE-5'-MONOPHOSPHATE"  ? 'C9 H14 N3 O7 P'  307.197 
DG 'DNA linking' y "2'-DEOXYGUANOSINE-5'-MONOPHOSPHATE" ? 'C10 H14 N5 O7 P' 347.221 
DT 'DNA linking' y "THYMIDINE-5'-MONOPHOSPHATE"         ? 'C10 H15 N2 O8 P' 322.208 
# 
loop_
_pdbx_poly_seq_scheme.asym_id 
_pdbx_poly_seq_scheme.entity_id 
_pdbx_poly_seq_scheme.seq_id 
_pdbx_poly_seq_scheme.mon_id 
_pdbx_poly_seq_scheme.ndb_seq_num 
_pdbx_poly_seq_scheme.pdb_seq_num 
_pdbx_poly_seq_scheme.auth_seq_num 
_pdbx_poly_seq_scheme.pdb_mon_id 
_pdbx_poly_seq_scheme.auth_mon_id 
_pdbx_poly_seq_scheme.pdb_strand_id 
_pdbx_poly_seq_scheme.pdb_ins_code 
_pdbx_poly_seq_scheme.hetero 
A 1 1  DC 1  103 103 DC DC A . n 
A 1 2  DG 2  104 104 DG DG A . n 
A 1 3  DA 3  105 105 DA DA A . n 
A 1 4  DG 4  106 106 DG DG A . n 
A 1 5  DC 5  107 107 DC DC A . n 
A 1 6  DC 6  108 108 DC DC A . n 
A 1 7  DT 7  109 109 DT DT A . n 
A 1 8  DG 8  110 110 DG DG A . n 
A 1 9  DT 9  111 111 DT DT A . n 
A 1 10 DA 10 112 112 DA DA A . n 
A 1 11 DC 11 113 113 DC DC A . n 
A 1 12 DG 12 114 114 DG DG A . n 
A 1 13 DG 13 115 115 DG DG A . n 
A 1 14 DA 14 116 116 DA DA A . n 
A 1 15 DC 15 117 117 DC DC A . n 
A 1 16 DA 16 118 118 DA DA A . n 
A 1 17 DG 17 119 119 DG DG A . n 
A 1 18 DT 18 120 120 DT DT A . n 
A 1 19 DC 19 121 121 DC DC A . n 
A 1 20 DA 20 122 122 DA DA A . n 
B 2 1  DC 1  119 119 DC DC B . n 
B 2 2  DC 2  120 120 DC DC B . n 
B 2 3  DG 3  121 121 DG DG B . n 
B 2 4  DT 4  122 122 DT DT B . n 
B 2 5  DA 5  123 123 DA DA B . n 
B 2 6  DC 6  124 124 DC DC B . n 
B 2 7  DA 7  125 125 DA DA B . n 
C 3 1  DG 1  209 209 DG DG C . n 
C 3 2  DG 2  210 210 DG DG C . n 
C 3 3  DC 3  211 211 DC DC C . n 
C 3 4  DT 4  212 212 DT DT C . n 
C 3 5  DC 5  213 213 DC DC C . n 
C 3 6  DG 6  214 214 DG DG C . n 
D 4 1  DT 1  202 202 DT DT D . n 
D 4 2  DG 2  203 203 DG DG D . n 
D 4 3  DA 3  204 204 DA DA D . n 
D 4 4  DC 4  205 205 DC DC D . n 
D 4 5  DT 5  206 206 DT DT D . n 
D 4 6  DG 6  207 207 DG DG D . n 
D 4 7  DT 7  208 208 DT DT D . n 
# 
loop_
_software.citation_id 
_software.classification 
_software.compiler_name 
_software.compiler_version 
_software.contact_author 
_software.contact_author_email 
_software.date 
_software.description 
_software.dependencies 
_software.hardware 
_software.language 
_software.location 
_software.mods 
_software.name 
_software.os 
_software.os_version 
_software.type 
_software.version 
_software.pdbx_reference_DOI 
_software.pdbx_ordinal 
? refinement       ? ? ? ? ? ? ? ? ? ? ? PHENIX    ? ? ? 1.21.2_5419 ? 1 
? 'data reduction' ? ? ? ? ? ? ? ? ? ? ? autoPROC  ? ? ? .           ? 2 
? 'data scaling'   ? ? ? ? ? ? ? ? ? ? ? STARANISO ? ? ? .           ? 3 
? phasing          ? ? ? ? ? ? ? ? ? ? ? PHASER    ? ? ? .           ? 4 
# 
_cell.angle_alpha                  90.000 
_cell.angle_alpha_esd              ? 
_cell.angle_beta                   90.000 
_cell.angle_beta_esd               ? 
_cell.angle_gamma                  120.000 
_cell.angle_gamma_esd              ? 
_cell.entry_id                     9Q3D 
_cell.details                      ? 
_cell.formula_units_Z              ? 
_cell.length_a                     125.390 
_cell.length_a_esd                 ? 
_cell.length_b                     125.390 
_cell.length_b_esd                 ? 
_cell.length_c                     55.340 
_cell.length_c_esd                 ? 
_cell.volume                       753521.401 
_cell.volume_esd                   ? 
_cell.Z_PDB                        6 
_cell.reciprocal_angle_alpha       ? 
_cell.reciprocal_angle_beta        ? 
_cell.reciprocal_angle_gamma       ? 
_cell.reciprocal_angle_alpha_esd   ? 
_cell.reciprocal_angle_beta_esd    ? 
_cell.reciprocal_angle_gamma_esd   ? 
_cell.reciprocal_length_a          ? 
_cell.reciprocal_length_b          ? 
_cell.reciprocal_length_c          ? 
_cell.reciprocal_length_a_esd      ? 
_cell.reciprocal_length_b_esd      ? 
_cell.reciprocal_length_c_esd      ? 
_cell.pdbx_unique_axis             ? 
_cell.pdbx_esd_method              ? 
# 
_symmetry.entry_id                         9Q3D 
_symmetry.cell_setting                     ? 
_symmetry.Int_Tables_number                173 
_symmetry.space_group_name_Hall            'P 6c' 
_symmetry.space_group_name_H-M             'P 63' 
_symmetry.pdbx_full_space_group_name_H-M   ? 
# 
_exptl.absorpt_coefficient_mu     ? 
_exptl.absorpt_correction_T_max   ? 
_exptl.absorpt_correction_T_min   ? 
_exptl.absorpt_correction_type    ? 
_exptl.absorpt_process_details    ? 
_exptl.entry_id                   9Q3D 
_exptl.crystals_number            1 
_exptl.details                    ? 
_exptl.method                     'X-RAY DIFFRACTION' 
_exptl.method_details             ? 
# 
_exptl_crystal.colour                       ? 
_exptl_crystal.density_diffrn               ? 
_exptl_crystal.density_Matthews             ? 
_exptl_crystal.density_method               ? 
_exptl_crystal.density_percent_sol          ? 
_exptl_crystal.description                  ? 
_exptl_crystal.F_000                        ? 
_exptl_crystal.id                           1 
_exptl_crystal.preparation                  ? 
_exptl_crystal.size_max                     ? 
_exptl_crystal.size_mid                     ? 
_exptl_crystal.size_min                     ? 
_exptl_crystal.size_rad                     ? 
_exptl_crystal.colour_lustre                ? 
_exptl_crystal.colour_modifier              ? 
_exptl_crystal.colour_primary               ? 
_exptl_crystal.density_meas                 ? 
_exptl_crystal.density_meas_esd             ? 
_exptl_crystal.density_meas_gt              ? 
_exptl_crystal.density_meas_lt              ? 
_exptl_crystal.density_meas_temp            ? 
_exptl_crystal.density_meas_temp_esd        ? 
_exptl_crystal.density_meas_temp_gt         ? 
_exptl_crystal.density_meas_temp_lt         ? 
_exptl_crystal.pdbx_crystal_image_url       ? 
_exptl_crystal.pdbx_crystal_image_format    ? 
_exptl_crystal.pdbx_mosaicity               ? 
_exptl_crystal.pdbx_mosaicity_esd           ? 
_exptl_crystal.pdbx_mosaic_method           ? 
_exptl_crystal.pdbx_mosaic_block_size       ? 
_exptl_crystal.pdbx_mosaic_block_size_esd   ? 
# 
_exptl_crystal_grow.apparatus       ? 
_exptl_crystal_grow.atmosphere      ? 
_exptl_crystal_grow.crystal_id      1 
_exptl_crystal_grow.details         ? 
_exptl_crystal_grow.method          'VAPOR DIFFUSION, HANGING DROP' 
_exptl_crystal_grow.method_ref      ? 
_exptl_crystal_grow.pH              ? 
_exptl_crystal_grow.pressure        ? 
_exptl_crystal_grow.pressure_esd    ? 
_exptl_crystal_grow.seeding         ? 
_exptl_crystal_grow.seeding_ref     ? 
_exptl_crystal_grow.temp_details    '338-293 at 0.4/hr' 
_exptl_crystal_grow.temp_esd        ? 
_exptl_crystal_grow.time            ? 
_exptl_crystal_grow.pdbx_details    '100 mM MOPS, 1.25 M magnesium sulfate' 
_exptl_crystal_grow.pdbx_pH_range   ? 
_exptl_crystal_grow.temp            293 
# 
_diffrn.ambient_environment              ? 
_diffrn.ambient_temp                     100 
_diffrn.ambient_temp_details             ? 
_diffrn.ambient_temp_esd                 ? 
_diffrn.crystal_id                       1 
_diffrn.crystal_support                  ? 
_diffrn.crystal_treatment                ? 
_diffrn.details                          ? 
_diffrn.id                               1 
_diffrn.ambient_pressure                 ? 
_diffrn.ambient_pressure_esd             ? 
_diffrn.ambient_pressure_gt              ? 
_diffrn.ambient_pressure_lt              ? 
_diffrn.ambient_temp_gt                  ? 
_diffrn.ambient_temp_lt                  ? 
_diffrn.pdbx_serial_crystal_experiment   N 
# 
_diffrn_detector.details                      ? 
_diffrn_detector.detector                     PIXEL 
_diffrn_detector.diffrn_id                    1 
_diffrn_detector.type                         'DECTRIS EIGER X 9M' 
_diffrn_detector.area_resol_mean              ? 
_diffrn_detector.dtime                        ? 
_diffrn_detector.pdbx_frames_total            ? 
_diffrn_detector.pdbx_collection_time_total   ? 
_diffrn_detector.pdbx_collection_date         2022-12-11 
_diffrn_detector.pdbx_frequency               ? 
_diffrn_detector.id                           ? 
_diffrn_detector.number_of_axes               ? 
# 
_diffrn_radiation.collimation                      ? 
_diffrn_radiation.diffrn_id                        1 
_diffrn_radiation.filter_edge                      ? 
_diffrn_radiation.inhomogeneity                    ? 
_diffrn_radiation.monochromator                    ? 
_diffrn_radiation.polarisn_norm                    ? 
_diffrn_radiation.polarisn_ratio                   ? 
_diffrn_radiation.probe                            ? 
_diffrn_radiation.type                             ? 
_diffrn_radiation.xray_symbol                      ? 
_diffrn_radiation.wavelength_id                    1 
_diffrn_radiation.pdbx_monochromatic_or_laue_m_l   M 
_diffrn_radiation.pdbx_wavelength_list             ? 
_diffrn_radiation.pdbx_wavelength                  ? 
_diffrn_radiation.pdbx_diffrn_protocol             'SINGLE WAVELENGTH' 
_diffrn_radiation.pdbx_analyzer                    ? 
_diffrn_radiation.pdbx_scattering_type             x-ray 
# 
_diffrn_radiation_wavelength.id           1 
_diffrn_radiation_wavelength.wavelength   1.007430 
_diffrn_radiation_wavelength.wt           1.0 
# 
_diffrn_source.current                     ? 
_diffrn_source.details                     ? 
_diffrn_source.diffrn_id                   1 
_diffrn_source.power                       ? 
_diffrn_source.size                        ? 
_diffrn_source.source                      SYNCHROTRON 
_diffrn_source.target                      ? 
_diffrn_source.type                        'APS BEAMLINE 17-ID' 
_diffrn_source.voltage                     ? 
_diffrn_source.take-off_angle              ? 
_diffrn_source.pdbx_wavelength_list        1.007430 
_diffrn_source.pdbx_wavelength             ? 
_diffrn_source.pdbx_synchrotron_beamline   17-ID 
_diffrn_source.pdbx_synchrotron_site       APS 
# 
_reflns.B_iso_Wilson_estimate                          147.19 
_reflns.entry_id                                       9Q3D 
_reflns.data_reduction_details                         ? 
_reflns.data_reduction_method                          ? 
_reflns.d_resolution_high                              5.03 
_reflns.d_resolution_low                               62.695 
_reflns.details                                        ? 
_reflns.limit_h_max                                    ? 
_reflns.limit_h_min                                    ? 
_reflns.limit_k_max                                    ? 
_reflns.limit_k_min                                    ? 
_reflns.limit_l_max                                    ? 
_reflns.limit_l_min                                    ? 
_reflns.number_all                                     ? 
_reflns.number_obs                                     2202 
_reflns.observed_criterion                             ? 
_reflns.observed_criterion_F_max                       ? 
_reflns.observed_criterion_F_min                       ? 
_reflns.observed_criterion_I_max                       ? 
_reflns.observed_criterion_I_min                       ? 
_reflns.observed_criterion_sigma_F                     ? 
_reflns.observed_criterion_sigma_I                     ? 
_reflns.percent_possible_obs                           99.8 
_reflns.R_free_details                                 ? 
_reflns.Rmerge_F_all                                   ? 
_reflns.Rmerge_F_obs                                   ? 
_reflns.Friedel_coverage                               ? 
_reflns.number_gt                                      ? 
_reflns.threshold_expression                           ? 
_reflns.pdbx_redundancy                                19.2 
_reflns.pdbx_netI_over_av_sigmaI                       ? 
_reflns.pdbx_netI_over_sigmaI                          10.9 
_reflns.pdbx_res_netI_over_av_sigmaI_2                 ? 
_reflns.pdbx_res_netI_over_sigmaI_2                    ? 
_reflns.pdbx_chi_squared                               ? 
_reflns.pdbx_scaling_rejects                           ? 
_reflns.pdbx_d_res_high_opt                            ? 
_reflns.pdbx_d_res_low_opt                             ? 
_reflns.pdbx_d_res_opt_method                          ? 
_reflns.phase_calculation_details                      ? 
_reflns.pdbx_Rrim_I_all                                ? 
_reflns.pdbx_Rpim_I_all                                ? 
_reflns.pdbx_d_opt                                     ? 
_reflns.pdbx_number_measured_all                       ? 
_reflns.pdbx_diffrn_id                                 1 
_reflns.pdbx_ordinal                                   1 
_reflns.pdbx_CC_half                                   1.000 
_reflns.pdbx_CC_star                                   ? 
_reflns.pdbx_R_split                                   ? 
_reflns.pdbx_Rmerge_I_obs                              ? 
_reflns.pdbx_Rmerge_I_all                              ? 
_reflns.pdbx_Rsym_value                                ? 
_reflns.pdbx_CC_split_method                           ? 
_reflns.pdbx_aniso_diffraction_limit_axis_1_ortho[1]   ? 
_reflns.pdbx_aniso_diffraction_limit_axis_1_ortho[2]   ? 
_reflns.pdbx_aniso_diffraction_limit_axis_1_ortho[3]   ? 
_reflns.pdbx_aniso_diffraction_limit_axis_2_ortho[1]   ? 
_reflns.pdbx_aniso_diffraction_limit_axis_2_ortho[2]   ? 
_reflns.pdbx_aniso_diffraction_limit_axis_2_ortho[3]   ? 
_reflns.pdbx_aniso_diffraction_limit_axis_3_ortho[1]   ? 
_reflns.pdbx_aniso_diffraction_limit_axis_3_ortho[2]   ? 
_reflns.pdbx_aniso_diffraction_limit_axis_3_ortho[3]   ? 
_reflns.pdbx_aniso_diffraction_limit_1                 ? 
_reflns.pdbx_aniso_diffraction_limit_2                 ? 
_reflns.pdbx_aniso_diffraction_limit_3                 ? 
_reflns.pdbx_aniso_B_tensor_eigenvector_1_ortho[1]     ? 
_reflns.pdbx_aniso_B_tensor_eigenvector_1_ortho[2]     ? 
_reflns.pdbx_aniso_B_tensor_eigenvector_1_ortho[3]     ? 
_reflns.pdbx_aniso_B_tensor_eigenvector_2_ortho[1]     ? 
_reflns.pdbx_aniso_B_tensor_eigenvector_2_ortho[2]     ? 
_reflns.pdbx_aniso_B_tensor_eigenvector_2_ortho[3]     ? 
_reflns.pdbx_aniso_B_tensor_eigenvector_3_ortho[1]     ? 
_reflns.pdbx_aniso_B_tensor_eigenvector_3_ortho[2]     ? 
_reflns.pdbx_aniso_B_tensor_eigenvector_3_ortho[3]     ? 
_reflns.pdbx_aniso_B_tensor_eigenvalue_1               ? 
_reflns.pdbx_aniso_B_tensor_eigenvalue_2               ? 
_reflns.pdbx_aniso_B_tensor_eigenvalue_3               ? 
_reflns.pdbx_orthogonalization_convention              ? 
_reflns.pdbx_percent_possible_ellipsoidal              ? 
_reflns.pdbx_percent_possible_spherical                ? 
_reflns.pdbx_percent_possible_ellipsoidal_anomalous    ? 
_reflns.pdbx_percent_possible_spherical_anomalous      ? 
_reflns.pdbx_redundancy_anomalous                      ? 
_reflns.pdbx_CC_half_anomalous                         ? 
_reflns.pdbx_absDiff_over_sigma_anomalous              ? 
_reflns.pdbx_percent_possible_anomalous                ? 
_reflns.pdbx_observed_signal_threshold                 ? 
_reflns.pdbx_signal_type                               ? 
_reflns.pdbx_signal_details                            ? 
_reflns.pdbx_signal_software_id                        ? 
# 
loop_
_reflns_shell.d_res_high 
_reflns_shell.d_res_low 
_reflns_shell.meanI_over_sigI_all 
_reflns_shell.meanI_over_sigI_obs 
_reflns_shell.number_measured_all 
_reflns_shell.number_measured_obs 
_reflns_shell.number_possible 
_reflns_shell.number_unique_all 
_reflns_shell.number_unique_obs 
_reflns_shell.percent_possible_obs 
_reflns_shell.Rmerge_F_all 
_reflns_shell.Rmerge_F_obs 
_reflns_shell.meanI_over_sigI_gt 
_reflns_shell.meanI_over_uI_all 
_reflns_shell.meanI_over_uI_gt 
_reflns_shell.number_measured_gt 
_reflns_shell.number_unique_gt 
_reflns_shell.percent_possible_gt 
_reflns_shell.Rmerge_F_gt 
_reflns_shell.Rmerge_I_gt 
_reflns_shell.pdbx_redundancy 
_reflns_shell.pdbx_chi_squared 
_reflns_shell.pdbx_netI_over_sigmaI_all 
_reflns_shell.pdbx_netI_over_sigmaI_obs 
_reflns_shell.pdbx_Rrim_I_all 
_reflns_shell.pdbx_Rpim_I_all 
_reflns_shell.pdbx_rejects 
_reflns_shell.pdbx_ordinal 
_reflns_shell.pdbx_diffrn_id 
_reflns_shell.pdbx_CC_half 
_reflns_shell.pdbx_CC_star 
_reflns_shell.pdbx_R_split 
_reflns_shell.percent_possible_all 
_reflns_shell.Rmerge_I_all 
_reflns_shell.Rmerge_I_obs 
_reflns_shell.pdbx_Rsym_value 
_reflns_shell.pdbx_percent_possible_ellipsoidal 
_reflns_shell.pdbx_percent_possible_spherical 
_reflns_shell.pdbx_percent_possible_ellipsoidal_anomalous 
_reflns_shell.pdbx_percent_possible_spherical_anomalous 
_reflns_shell.pdbx_redundancy_anomalous 
_reflns_shell.pdbx_CC_half_anomalous 
_reflns_shell.pdbx_absDiff_over_sigma_anomalous 
_reflns_shell.pdbx_percent_possible_anomalous 
5.030  5.047  ? ? ? ? ? ? 23 ? ? ? ? ? ? ? ? ? ? ? ? ? ? ? ? ? ? 1 1 0.046 ? ? ? ? ? ? ? ? ? ? ? ? ? ? 
22.963 62.695 ? ? ? ? ? ? 24 ? ? ? ? ? ? ? ? ? ? ? ? ? ? ? ? ? ? 2 1 1.000 ? ? ? ? ? ? ? ? ? ? ? ? ? ? 
# 
_refine.aniso_B[1][1]                            ? 
_refine.aniso_B[1][2]                            ? 
_refine.aniso_B[1][3]                            ? 
_refine.aniso_B[2][2]                            ? 
_refine.aniso_B[2][3]                            ? 
_refine.aniso_B[3][3]                            ? 
_refine.B_iso_max                                ? 
_refine.B_iso_mean                               178.44 
_refine.B_iso_min                                ? 
_refine.correlation_coeff_Fo_to_Fc               ? 
_refine.correlation_coeff_Fo_to_Fc_free          ? 
_refine.details                                  ? 
_refine.diff_density_max                         ? 
_refine.diff_density_max_esd                     ? 
_refine.diff_density_min                         ? 
_refine.diff_density_min_esd                     ? 
_refine.diff_density_rms                         ? 
_refine.diff_density_rms_esd                     ? 
_refine.entry_id                                 9Q3D 
_refine.pdbx_refine_id                           'X-RAY DIFFRACTION' 
_refine.ls_abs_structure_details                 ? 
_refine.ls_abs_structure_Flack                   ? 
_refine.ls_abs_structure_Flack_esd               ? 
_refine.ls_abs_structure_Rogers                  ? 
_refine.ls_abs_structure_Rogers_esd              ? 
_refine.ls_d_res_high                            5.03 
_refine.ls_d_res_low                             54.30 
_refine.ls_extinction_coef                       ? 
_refine.ls_extinction_coef_esd                   ? 
_refine.ls_extinction_expression                 ? 
_refine.ls_extinction_method                     ? 
_refine.ls_goodness_of_fit_all                   ? 
_refine.ls_goodness_of_fit_all_esd               ? 
_refine.ls_goodness_of_fit_obs                   ? 
_refine.ls_goodness_of_fit_obs_esd               ? 
_refine.ls_hydrogen_treatment                    ? 
_refine.ls_matrix_type                           ? 
_refine.ls_number_constraints                    ? 
_refine.ls_number_parameters                     ? 
_refine.ls_number_reflns_all                     ? 
_refine.ls_number_reflns_obs                     2198 
_refine.ls_number_reflns_R_free                  111 
_refine.ls_number_reflns_R_work                  2087 
_refine.ls_number_restraints                     ? 
_refine.ls_percent_reflns_obs                    99.64 
_refine.ls_percent_reflns_R_free                 5.05 
_refine.ls_R_factor_all                          ? 
_refine.ls_R_factor_obs                          0.2810 
_refine.ls_R_factor_R_free                       0.2837 
_refine.ls_R_factor_R_free_error                 ? 
_refine.ls_R_factor_R_free_error_details         ? 
_refine.ls_R_factor_R_work                       0.2805 
_refine.ls_R_Fsqd_factor_obs                     ? 
_refine.ls_R_I_factor_obs                        ? 
_refine.ls_redundancy_reflns_all                 ? 
_refine.ls_redundancy_reflns_obs                 ? 
_refine.ls_restrained_S_all                      ? 
_refine.ls_restrained_S_obs                      ? 
_refine.ls_shift_over_esd_max                    ? 
_refine.ls_shift_over_esd_mean                   ? 
_refine.ls_structure_factor_coef                 ? 
_refine.ls_weighting_details                     ? 
_refine.ls_weighting_scheme                      ? 
_refine.ls_wR_factor_all                         ? 
_refine.ls_wR_factor_obs                         ? 
_refine.ls_wR_factor_R_free                      ? 
_refine.ls_wR_factor_R_work                      ? 
_refine.occupancy_max                            ? 
_refine.occupancy_min                            ? 
_refine.solvent_model_details                    'FLAT BULK SOLVENT MODEL' 
_refine.solvent_model_param_bsol                 ? 
_refine.solvent_model_param_ksol                 ? 
_refine.correlation_coeff_I_to_Fcsqd_work        ? 
_refine.correlation_coeff_I_to_Fcsqd_free        ? 
_refine.pdbx_R_complete                          ? 
_refine.ls_R_factor_gt                           ? 
_refine.ls_goodness_of_fit_gt                    ? 
_refine.ls_goodness_of_fit_ref                   ? 
_refine.ls_shift_over_su_max                     ? 
_refine.ls_shift_over_su_max_lt                  ? 
_refine.ls_shift_over_su_mean                    ? 
_refine.ls_shift_over_su_mean_lt                 ? 
_refine.pdbx_ls_sigma_I                          ? 
_refine.pdbx_ls_sigma_F                          1.38 
_refine.pdbx_ls_sigma_Fsqd                       ? 
_refine.pdbx_data_cutoff_high_absF               ? 
_refine.pdbx_data_cutoff_high_rms_absF           ? 
_refine.pdbx_data_cutoff_low_absF                ? 
_refine.pdbx_isotropic_thermal_model             ? 
_refine.pdbx_ls_cross_valid_method               'FREE R-VALUE' 
_refine.pdbx_method_to_determine_struct          'MOLECULAR REPLACEMENT' 
_refine.pdbx_starting_model                      ? 
_refine.pdbx_stereochemistry_target_values       'GeoStd + Monomer Library + CDL v1.2' 
_refine.pdbx_R_Free_selection_details            ? 
_refine.pdbx_stereochem_target_val_spec_case     ? 
_refine.pdbx_overall_ESU_R                       ? 
_refine.pdbx_overall_ESU_R_Free                  ? 
_refine.pdbx_solvent_vdw_probe_radii             1.1000 
_refine.pdbx_solvent_ion_probe_radii             ? 
_refine.pdbx_solvent_shrinkage_radii             0.9000 
_refine.pdbx_real_space_R                        ? 
_refine.pdbx_density_correlation                 ? 
_refine.pdbx_pd_number_of_powder_patterns        ? 
_refine.pdbx_pd_number_of_points                 ? 
_refine.pdbx_pd_meas_number_of_points            ? 
_refine.pdbx_pd_proc_ls_prof_R_factor            ? 
_refine.pdbx_pd_proc_ls_prof_wR_factor           ? 
_refine.pdbx_pd_Marquardt_correlation_coeff      ? 
_refine.pdbx_pd_Fsqrd_R_factor                   ? 
_refine.pdbx_pd_ls_matrix_band_width             ? 
_refine.pdbx_overall_phase_error                 37.4379 
_refine.pdbx_overall_SU_R_free_Cruickshank_DPI   ? 
_refine.pdbx_overall_SU_R_free_Blow_DPI          ? 
_refine.pdbx_overall_SU_R_Blow_DPI               ? 
_refine.pdbx_TLS_residual_ADP_flag               ? 
_refine.pdbx_diffrn_id                           1 
_refine.overall_SU_B                             ? 
_refine.overall_SU_ML                            0.0000 
_refine.overall_SU_R_Cruickshank_DPI             ? 
_refine.overall_SU_R_free                        ? 
_refine.overall_FOM_free_R_set                   ? 
_refine.overall_FOM_work_R_set                   ? 
_refine.pdbx_average_fsc_overall                 ? 
_refine.pdbx_average_fsc_work                    ? 
_refine.pdbx_average_fsc_free                    ? 
# 
_refine_hist.pdbx_refine_id                   'X-RAY DIFFRACTION' 
_refine_hist.cycle_id                         LAST 
_refine_hist.details                          ? 
_refine_hist.d_res_high                       5.03 
_refine_hist.d_res_low                        54.30 
_refine_hist.number_atoms_solvent             0 
_refine_hist.number_atoms_total               808 
_refine_hist.number_reflns_all                ? 
_refine_hist.number_reflns_obs                ? 
_refine_hist.number_reflns_R_free             ? 
_refine_hist.number_reflns_R_work             ? 
_refine_hist.R_factor_all                     ? 
_refine_hist.R_factor_obs                     ? 
_refine_hist.R_factor_R_free                  ? 
_refine_hist.R_factor_R_work                  ? 
_refine_hist.pdbx_number_residues_total       ? 
_refine_hist.pdbx_B_iso_mean_ligand           ? 
_refine_hist.pdbx_B_iso_mean_solvent          ? 
_refine_hist.pdbx_number_atoms_protein        0 
_refine_hist.pdbx_number_atoms_nucleic_acid   808 
_refine_hist.pdbx_number_atoms_ligand         0 
_refine_hist.pdbx_number_atoms_lipid          ? 
_refine_hist.pdbx_number_atoms_carb           ? 
_refine_hist.pdbx_pseudo_atom_details         ? 
# 
loop_
_refine_ls_restr.pdbx_refine_id 
_refine_ls_restr.criterion 
_refine_ls_restr.dev_ideal 
_refine_ls_restr.dev_ideal_target 
_refine_ls_restr.number 
_refine_ls_restr.rejects 
_refine_ls_restr.type 
_refine_ls_restr.weight 
_refine_ls_restr.pdbx_Zscore 
_refine_ls_restr.pdbx_restraint_function 
'X-RAY DIFFRACTION' ? 0.0070  ? 904  ? f_bond_d           ? ? ? 
'X-RAY DIFFRACTION' ? 1.0071  ? 1388 ? f_angle_d          ? ? ? 
'X-RAY DIFFRACTION' ? 0.0557  ? 156  ? f_chiral_restr     ? ? ? 
'X-RAY DIFFRACTION' ? 0.0059  ? 40   ? f_plane_restr      ? ? ? 
'X-RAY DIFFRACTION' ? 39.3387 ? 416  ? f_dihedral_angle_d ? ? ? 
# 
_refine_ls_shell.pdbx_refine_id                      'X-RAY DIFFRACTION' 
_refine_ls_shell.d_res_high                          5.03 
_refine_ls_shell.d_res_low                           54.30 
_refine_ls_shell.number_reflns_all                   ? 
_refine_ls_shell.number_reflns_obs                   ? 
_refine_ls_shell.number_reflns_R_free                111 
_refine_ls_shell.number_reflns_R_work                2087 
_refine_ls_shell.percent_reflns_obs                  99.64 
_refine_ls_shell.percent_reflns_R_free               ? 
_refine_ls_shell.R_factor_all                        ? 
_refine_ls_shell.R_factor_obs                        ? 
_refine_ls_shell.R_factor_R_free_error               ? 
_refine_ls_shell.R_factor_R_work                     0.2805 
_refine_ls_shell.redundancy_reflns_all               ? 
_refine_ls_shell.redundancy_reflns_obs               ? 
_refine_ls_shell.wR_factor_all                       ? 
_refine_ls_shell.wR_factor_obs                       ? 
_refine_ls_shell.wR_factor_R_free                    ? 
_refine_ls_shell.wR_factor_R_work                    ? 
_refine_ls_shell.pdbx_R_complete                     ? 
_refine_ls_shell.correlation_coeff_Fo_to_Fc          ? 
_refine_ls_shell.correlation_coeff_Fo_to_Fc_free     ? 
_refine_ls_shell.correlation_coeff_I_to_Fcsqd_work   ? 
_refine_ls_shell.correlation_coeff_I_to_Fcsqd_free   ? 
_refine_ls_shell.pdbx_total_number_of_bins_used      ? 
_refine_ls_shell.pdbx_phase_error                    ? 
_refine_ls_shell.pdbx_fsc_work                       ? 
_refine_ls_shell.pdbx_fsc_free                       ? 
_refine_ls_shell.R_factor_R_free                     0.2837 
# 
_struct.entry_id                     9Q3D 
_struct.title                        
'[20-7B C|A] 20 bp tensegrity triangle that propagates via blunt-end stacking with C stacking on A at the interface' 
_struct.pdbx_model_details           ? 
_struct.pdbx_formula_weight          ? 
_struct.pdbx_formula_weight_method   ? 
_struct.pdbx_model_type_details      ? 
_struct.pdbx_CASP_flag               N 
# 
_struct_keywords.entry_id        9Q3D 
_struct_keywords.text            'tensegrity triangle, blunt, DNA' 
_struct_keywords.pdbx_keywords   DNA 
# 
loop_
_struct_asym.id 
_struct_asym.pdbx_blank_PDB_chainid_flag 
_struct_asym.pdbx_modified 
_struct_asym.entity_id 
_struct_asym.details 
A N N 1 ? 
B N N 2 ? 
C N N 3 ? 
D N N 4 ? 
# 
loop_
_struct_ref.id 
_struct_ref.db_name 
_struct_ref.db_code 
_struct_ref.pdbx_db_accession 
_struct_ref.pdbx_db_isoform 
_struct_ref.entity_id 
_struct_ref.pdbx_seq_one_letter_code 
_struct_ref.pdbx_align_begin 
1 PDB 9Q3D 9Q3D ? 1 ? 1 
2 PDB 9Q3D 9Q3D ? 2 ? 1 
3 PDB 9Q3D 9Q3D ? 3 ? 1 
4 PDB 9Q3D 9Q3D ? 4 ? 1 
# 
loop_
_struct_ref_seq.align_id 
_struct_ref_seq.ref_id 
_struct_ref_seq.pdbx_PDB_id_code 
_struct_ref_seq.pdbx_strand_id 
_struct_ref_seq.seq_align_beg 
_struct_ref_seq.pdbx_seq_align_beg_ins_code 
_struct_ref_seq.seq_align_end 
_struct_ref_seq.pdbx_seq_align_end_ins_code 
_struct_ref_seq.pdbx_db_accession 
_struct_ref_seq.db_align_beg 
_struct_ref_seq.pdbx_db_align_beg_ins_code 
_struct_ref_seq.db_align_end 
_struct_ref_seq.pdbx_db_align_end_ins_code 
_struct_ref_seq.pdbx_auth_seq_align_beg 
_struct_ref_seq.pdbx_auth_seq_align_end 
1 1 9Q3D A 1 ? 20 ? 9Q3D 103 ? 122 ? 103 122 
2 2 9Q3D B 1 ? 7  ? 9Q3D 119 ? 125 ? 119 125 
3 3 9Q3D C 1 ? 6  ? 9Q3D 209 ? 214 ? 209 214 
4 4 9Q3D D 1 ? 7  ? 9Q3D 202 ? 208 ? 202 208 
# 
_pdbx_struct_assembly.id                   1 
_pdbx_struct_assembly.details              author_defined_assembly 
_pdbx_struct_assembly.method_details       ? 
_pdbx_struct_assembly.oligomeric_details   dodecameric 
_pdbx_struct_assembly.oligomeric_count     12 
# 
loop_
_pdbx_struct_assembly_gen.assembly_id 
_pdbx_struct_assembly_gen.oper_expression 
_pdbx_struct_assembly_gen.asym_id_list 
1 1 A,B,C,D 
1 2 A,B,C,D 
1 3 A,B,C,D 
# 
_pdbx_struct_assembly_auth_evidence.id                     1 
_pdbx_struct_assembly_auth_evidence.assembly_id            1 
_pdbx_struct_assembly_auth_evidence.experimental_support   'native gel electrophoresis' 
_pdbx_struct_assembly_auth_evidence.details                ? 
# 
loop_
_pdbx_struct_oper_list.id 
_pdbx_struct_oper_list.type 
_pdbx_struct_oper_list.name 
_pdbx_struct_oper_list.symmetry_operation 
_pdbx_struct_oper_list.matrix[1][1] 
_pdbx_struct_oper_list.matrix[1][2] 
_pdbx_struct_oper_list.matrix[1][3] 
_pdbx_struct_oper_list.vector[1] 
_pdbx_struct_oper_list.matrix[2][1] 
_pdbx_struct_oper_list.matrix[2][2] 
_pdbx_struct_oper_list.matrix[2][3] 
_pdbx_struct_oper_list.vector[2] 
_pdbx_struct_oper_list.matrix[3][1] 
_pdbx_struct_oper_list.matrix[3][2] 
_pdbx_struct_oper_list.matrix[3][3] 
_pdbx_struct_oper_list.vector[3] 
1 'identity operation'         1_555 x,y,z       1.0000000000  0.0000000000  0.0000000000  0.0000000000  0.0000000000  1.0000000000 0.0000000000 0.0000000000  0.0000000000  0.0000000000 1.0000000000  0.0000000000   
2 'crystal symmetry operation' 2_565 -y,x-y+1,z  -0.1361370438 -0.8967607880 0.4210543842  15.2474894143 -0.2744716382 0.4425151509 0.8537245815 16.4649756518 -0.9519096728 0.0006560542 -0.3063781070 -15.4247690670 
3 'crystal symmetry operation' 3_455 -x+y-1,-x,z -0.1361370438 -0.2744716382 -0.9519096728 -8.0880698994 -0.8967607880 0.4425151509 0.0006560542 6.3974689225  0.4210543842  0.8537245815 -0.3063781070 -25.2023882618 
# 
loop_
_struct_conn.id 
_struct_conn.conn_type_id 
_struct_conn.pdbx_leaving_atom_flag 
_struct_conn.pdbx_PDB_id 
_struct_conn.ptnr1_label_asym_id 
_struct_conn.ptnr1_label_comp_id 
_struct_conn.ptnr1_label_seq_id 
_struct_conn.ptnr1_label_atom_id 
_struct_conn.pdbx_ptnr1_label_alt_id 
_struct_conn.pdbx_ptnr1_PDB_ins_code 
_struct_conn.pdbx_ptnr1_standard_comp_id 
_struct_conn.ptnr1_symmetry 
_struct_conn.ptnr2_label_asym_id 
_struct_conn.ptnr2_label_comp_id 
_struct_conn.ptnr2_label_seq_id 
_struct_conn.ptnr2_label_atom_id 
_struct_conn.pdbx_ptnr2_label_alt_id 
_struct_conn.pdbx_ptnr2_PDB_ins_code 
_struct_conn.ptnr1_auth_asym_id 
_struct_conn.ptnr1_auth_comp_id 
_struct_conn.ptnr1_auth_seq_id 
_struct_conn.ptnr2_auth_asym_id 
_struct_conn.ptnr2_auth_comp_id 
_struct_conn.ptnr2_auth_seq_id 
_struct_conn.ptnr2_symmetry 
_struct_conn.pdbx_ptnr3_label_atom_id 
_struct_conn.pdbx_ptnr3_label_seq_id 
_struct_conn.pdbx_ptnr3_label_comp_id 
_struct_conn.pdbx_ptnr3_label_asym_id 
_struct_conn.pdbx_ptnr3_label_alt_id 
_struct_conn.pdbx_ptnr3_PDB_ins_code 
_struct_conn.details 
_struct_conn.pdbx_dist_value 
_struct_conn.pdbx_value_order 
_struct_conn.pdbx_role 
hydrog1  hydrog ? ? A DC 1  N3 ? ? ? 1_555 C DG 6 N1 ? ? A DC 103 C DG 214 1_555 ? ? ? ? ? ? WATSON-CRICK ? ? ? 
hydrog2  hydrog ? ? A DC 1  N4 ? ? ? 1_555 C DG 6 O6 ? ? A DC 103 C DG 214 1_555 ? ? ? ? ? ? WATSON-CRICK ? ? ? 
hydrog3  hydrog ? ? A DC 1  O2 ? ? ? 1_555 C DG 6 N2 ? ? A DC 103 C DG 214 1_555 ? ? ? ? ? ? WATSON-CRICK ? ? ? 
hydrog4  hydrog ? ? A DG 2  N1 ? ? ? 1_555 C DC 5 N3 ? ? A DG 104 C DC 213 1_555 ? ? ? ? ? ? WATSON-CRICK ? ? ? 
hydrog5  hydrog ? ? A DG 2  N2 ? ? ? 1_555 C DC 5 O2 ? ? A DG 104 C DC 213 1_555 ? ? ? ? ? ? WATSON-CRICK ? ? ? 
hydrog6  hydrog ? ? A DG 2  O6 ? ? ? 1_555 C DC 5 N4 ? ? A DG 104 C DC 213 1_555 ? ? ? ? ? ? WATSON-CRICK ? ? ? 
hydrog7  hydrog ? ? A DA 3  N1 ? ? ? 1_555 C DT 4 N3 ? ? A DA 105 C DT 212 1_555 ? ? ? ? ? ? WATSON-CRICK ? ? ? 
hydrog8  hydrog ? ? A DA 3  N6 ? ? ? 1_555 C DT 4 O4 ? ? A DA 105 C DT 212 1_555 ? ? ? ? ? ? WATSON-CRICK ? ? ? 
hydrog9  hydrog ? ? A DG 4  N1 ? ? ? 1_555 C DC 3 N3 ? ? A DG 106 C DC 211 1_555 ? ? ? ? ? ? WATSON-CRICK ? ? ? 
hydrog10 hydrog ? ? A DG 4  N2 ? ? ? 1_555 C DC 3 O2 ? ? A DG 106 C DC 211 1_555 ? ? ? ? ? ? WATSON-CRICK ? ? ? 
hydrog11 hydrog ? ? A DG 4  O6 ? ? ? 1_555 C DC 3 N4 ? ? A DG 106 C DC 211 1_555 ? ? ? ? ? ? WATSON-CRICK ? ? ? 
hydrog12 hydrog ? ? A DC 5  N3 ? ? ? 1_555 C DG 2 N1 ? ? A DC 107 C DG 210 1_555 ? ? ? ? ? ? WATSON-CRICK ? ? ? 
hydrog13 hydrog ? ? A DC 5  N4 ? ? ? 1_555 C DG 2 O6 ? ? A DC 107 C DG 210 1_555 ? ? ? ? ? ? WATSON-CRICK ? ? ? 
hydrog14 hydrog ? ? A DC 5  O2 ? ? ? 1_555 C DG 2 N2 ? ? A DC 107 C DG 210 1_555 ? ? ? ? ? ? WATSON-CRICK ? ? ? 
hydrog15 hydrog ? ? A DC 6  N3 ? ? ? 1_555 C DG 1 N1 ? ? A DC 108 C DG 209 1_555 ? ? ? ? ? ? WATSON-CRICK ? ? ? 
hydrog16 hydrog ? ? A DC 6  N4 ? ? ? 1_555 C DG 1 O6 ? ? A DC 108 C DG 209 1_555 ? ? ? ? ? ? WATSON-CRICK ? ? ? 
hydrog17 hydrog ? ? A DC 6  O2 ? ? ? 1_555 C DG 1 N2 ? ? A DC 108 C DG 209 1_555 ? ? ? ? ? ? WATSON-CRICK ? ? ? 
hydrog18 hydrog ? ? A DT 7  N3 ? ? ? 1_555 B DA 7 N1 ? ? A DT 109 B DA 125 1_555 ? ? ? ? ? ? WATSON-CRICK ? ? ? 
hydrog19 hydrog ? ? A DT 7  O4 ? ? ? 1_555 B DA 7 N6 ? ? A DT 109 B DA 125 1_555 ? ? ? ? ? ? WATSON-CRICK ? ? ? 
hydrog20 hydrog ? ? A DG 8  N1 ? ? ? 1_555 B DC 6 N3 ? ? A DG 110 B DC 124 1_555 ? ? ? ? ? ? WATSON-CRICK ? ? ? 
hydrog21 hydrog ? ? A DG 8  N2 ? ? ? 1_555 B DC 6 O2 ? ? A DG 110 B DC 124 1_555 ? ? ? ? ? ? WATSON-CRICK ? ? ? 
hydrog22 hydrog ? ? A DG 8  O6 ? ? ? 1_555 B DC 6 N4 ? ? A DG 110 B DC 124 1_555 ? ? ? ? ? ? WATSON-CRICK ? ? ? 
hydrog23 hydrog ? ? A DT 9  N3 ? ? ? 1_555 B DA 5 N1 ? ? A DT 111 B DA 123 1_555 ? ? ? ? ? ? WATSON-CRICK ? ? ? 
hydrog24 hydrog ? ? A DT 9  O4 ? ? ? 1_555 B DA 5 N6 ? ? A DT 111 B DA 123 1_555 ? ? ? ? ? ? WATSON-CRICK ? ? ? 
hydrog25 hydrog ? ? A DA 10 N1 ? ? ? 1_555 B DT 4 N3 ? ? A DA 112 B DT 122 1_555 ? ? ? ? ? ? WATSON-CRICK ? ? ? 
hydrog26 hydrog ? ? A DA 10 N6 ? ? ? 1_555 B DT 4 O4 ? ? A DA 112 B DT 122 1_555 ? ? ? ? ? ? WATSON-CRICK ? ? ? 
hydrog27 hydrog ? ? A DC 11 N3 ? ? ? 1_555 B DG 3 N1 ? ? A DC 113 B DG 121 1_555 ? ? ? ? ? ? WATSON-CRICK ? ? ? 
hydrog28 hydrog ? ? A DC 11 N4 ? ? ? 1_555 B DG 3 O6 ? ? A DC 113 B DG 121 1_555 ? ? ? ? ? ? WATSON-CRICK ? ? ? 
hydrog29 hydrog ? ? A DC 11 O2 ? ? ? 1_555 B DG 3 N2 ? ? A DC 113 B DG 121 1_555 ? ? ? ? ? ? WATSON-CRICK ? ? ? 
hydrog30 hydrog ? ? A DG 12 N1 ? ? ? 1_555 B DC 2 N3 ? ? A DG 114 B DC 120 1_555 ? ? ? ? ? ? WATSON-CRICK ? ? ? 
hydrog31 hydrog ? ? A DG 12 N2 ? ? ? 1_555 B DC 2 O2 ? ? A DG 114 B DC 120 1_555 ? ? ? ? ? ? WATSON-CRICK ? ? ? 
hydrog32 hydrog ? ? A DG 12 O6 ? ? ? 1_555 B DC 2 N4 ? ? A DG 114 B DC 120 1_555 ? ? ? ? ? ? WATSON-CRICK ? ? ? 
hydrog33 hydrog ? ? A DG 13 N1 ? ? ? 1_555 B DC 1 N3 ? ? A DG 115 B DC 119 1_555 ? ? ? ? ? ? WATSON-CRICK ? ? ? 
hydrog34 hydrog ? ? A DG 13 N2 ? ? ? 1_555 B DC 1 O2 ? ? A DG 115 B DC 119 1_555 ? ? ? ? ? ? WATSON-CRICK ? ? ? 
hydrog35 hydrog ? ? A DG 13 O6 ? ? ? 1_555 B DC 1 N4 ? ? A DG 115 B DC 119 1_555 ? ? ? ? ? ? WATSON-CRICK ? ? ? 
hydrog36 hydrog ? ? A DA 14 N1 ? ? ? 1_555 D DT 7 N3 ? ? A DA 116 D DT 208 1_555 ? ? ? ? ? ? WATSON-CRICK ? ? ? 
hydrog37 hydrog ? ? A DA 14 N6 ? ? ? 1_555 D DT 7 O4 ? ? A DA 116 D DT 208 1_555 ? ? ? ? ? ? WATSON-CRICK ? ? ? 
hydrog38 hydrog ? ? A DC 15 N3 ? ? ? 1_555 D DG 6 N1 ? ? A DC 117 D DG 207 1_555 ? ? ? ? ? ? WATSON-CRICK ? ? ? 
hydrog39 hydrog ? ? A DC 15 N4 ? ? ? 1_555 D DG 6 O6 ? ? A DC 117 D DG 207 1_555 ? ? ? ? ? ? WATSON-CRICK ? ? ? 
hydrog40 hydrog ? ? A DC 15 O2 ? ? ? 1_555 D DG 6 N2 ? ? A DC 117 D DG 207 1_555 ? ? ? ? ? ? WATSON-CRICK ? ? ? 
hydrog41 hydrog ? ? A DG 17 N1 ? ? ? 1_555 D DC 4 N3 ? ? A DG 119 D DC 205 1_555 ? ? ? ? ? ? WATSON-CRICK ? ? ? 
hydrog42 hydrog ? ? A DG 17 N2 ? ? ? 1_555 D DC 4 O2 ? ? A DG 119 D DC 205 1_555 ? ? ? ? ? ? WATSON-CRICK ? ? ? 
hydrog43 hydrog ? ? A DG 17 O6 ? ? ? 1_555 D DC 4 N4 ? ? A DG 119 D DC 205 1_555 ? ? ? ? ? ? WATSON-CRICK ? ? ? 
hydrog44 hydrog ? ? A DT 18 N3 ? ? ? 1_555 D DA 3 N1 ? ? A DT 120 D DA 204 1_555 ? ? ? ? ? ? WATSON-CRICK ? ? ? 
hydrog45 hydrog ? ? A DT 18 O4 ? ? ? 1_555 D DA 3 N6 ? ? A DT 120 D DA 204 1_555 ? ? ? ? ? ? WATSON-CRICK ? ? ? 
hydrog46 hydrog ? ? A DC 19 N3 ? ? ? 1_555 D DG 2 N1 ? ? A DC 121 D DG 203 1_555 ? ? ? ? ? ? WATSON-CRICK ? ? ? 
hydrog47 hydrog ? ? A DC 19 N4 ? ? ? 1_555 D DG 2 O6 ? ? A DC 121 D DG 203 1_555 ? ? ? ? ? ? WATSON-CRICK ? ? ? 
hydrog48 hydrog ? ? A DC 19 O2 ? ? ? 1_555 D DG 2 N2 ? ? A DC 121 D DG 203 1_555 ? ? ? ? ? ? WATSON-CRICK ? ? ? 
hydrog49 hydrog ? ? A DA 20 N1 ? ? ? 1_555 D DT 1 N3 ? ? A DA 122 D DT 202 1_555 ? ? ? ? ? ? WATSON-CRICK ? ? ? 
hydrog50 hydrog ? ? A DA 20 N6 ? ? ? 1_555 D DT 1 O4 ? ? A DA 122 D DT 202 1_555 ? ? ? ? ? ? WATSON-CRICK ? ? ? 
# 
_struct_conn_type.id          hydrog 
_struct_conn_type.criteria    ? 
_struct_conn_type.reference   ? 
# 
_pdbx_entry_details.entry_id                   9Q3D 
_pdbx_entry_details.compound_details           ? 
_pdbx_entry_details.source_details             ? 
_pdbx_entry_details.nonpolymer_details         ? 
_pdbx_entry_details.sequence_details           ? 
_pdbx_entry_details.has_ligand_of_interest     ? 
_pdbx_entry_details.has_protein_modification   N 
# 
loop_
_pdbx_validate_rmsd_angle.id 
_pdbx_validate_rmsd_angle.PDB_model_num 
_pdbx_validate_rmsd_angle.auth_atom_id_1 
_pdbx_validate_rmsd_angle.auth_asym_id_1 
_pdbx_validate_rmsd_angle.auth_comp_id_1 
_pdbx_validate_rmsd_angle.auth_seq_id_1 
_pdbx_validate_rmsd_angle.PDB_ins_code_1 
_pdbx_validate_rmsd_angle.label_alt_id_1 
_pdbx_validate_rmsd_angle.auth_atom_id_2 
_pdbx_validate_rmsd_angle.auth_asym_id_2 
_pdbx_validate_rmsd_angle.auth_comp_id_2 
_pdbx_validate_rmsd_angle.auth_seq_id_2 
_pdbx_validate_rmsd_angle.PDB_ins_code_2 
_pdbx_validate_rmsd_angle.label_alt_id_2 
_pdbx_validate_rmsd_angle.auth_atom_id_3 
_pdbx_validate_rmsd_angle.auth_asym_id_3 
_pdbx_validate_rmsd_angle.auth_comp_id_3 
_pdbx_validate_rmsd_angle.auth_seq_id_3 
_pdbx_validate_rmsd_angle.PDB_ins_code_3 
_pdbx_validate_rmsd_angle.label_alt_id_3 
_pdbx_validate_rmsd_angle.angle_value 
_pdbx_validate_rmsd_angle.angle_target_value 
_pdbx_validate_rmsd_angle.angle_deviation 
_pdbx_validate_rmsd_angle.angle_standard_deviation 
_pdbx_validate_rmsd_angle.linker_flag 
1 1 "O4'" A DT 111 ? ? "C1'" A DT 111 ? ? N1 A DT 111 ? ? 110.24 108.30 1.94 0.30 N 
2 1 "O4'" A DC 121 ? ? "C1'" A DC 121 ? ? N1 A DC 121 ? ? 111.02 108.30 2.72 0.30 N 
3 1 "O4'" B DT 122 ? ? "C1'" B DT 122 ? ? N1 B DT 122 ? ? 110.42 108.30 2.12 0.30 N 
4 1 "O4'" B DC 124 ? ? "C1'" B DC 124 ? ? N1 B DC 124 ? ? 110.95 108.30 2.65 0.30 N 
5 1 "O4'" C DT 212 ? ? "C1'" C DT 212 ? ? N1 C DT 212 ? ? 110.18 108.30 1.88 0.30 N 
6 1 "O4'" D DT 202 ? ? "C1'" D DT 202 ? ? N1 D DT 202 ? ? 110.54 108.30 2.24 0.30 N 
# 
loop_
_space_group_symop.id 
_space_group_symop.operation_xyz 
1 x,y,z        
2 x-y,x,z+1/2  
3 y,-x+y,z+1/2 
4 -y,x-y,z     
5 -x+y,-x,z    
6 -x,-y,z+1/2  
# 
loop_
_pdbx_refine_tls.id 
_pdbx_refine_tls.pdbx_refine_id 
_pdbx_refine_tls.details 
_pdbx_refine_tls.method 
_pdbx_refine_tls.origin_x 
_pdbx_refine_tls.origin_y 
_pdbx_refine_tls.origin_z 
_pdbx_refine_tls.T[1][1] 
_pdbx_refine_tls.T[1][1]_esd 
_pdbx_refine_tls.T[1][2] 
_pdbx_refine_tls.T[1][2]_esd 
_pdbx_refine_tls.T[1][3] 
_pdbx_refine_tls.T[1][3]_esd 
_pdbx_refine_tls.T[2][2] 
_pdbx_refine_tls.T[2][2]_esd 
_pdbx_refine_tls.T[2][3] 
_pdbx_refine_tls.T[2][3]_esd 
_pdbx_refine_tls.T[3][3] 
_pdbx_refine_tls.T[3][3]_esd 
_pdbx_refine_tls.L[1][1] 
_pdbx_refine_tls.L[1][1]_esd 
_pdbx_refine_tls.L[1][2] 
_pdbx_refine_tls.L[1][2]_esd 
_pdbx_refine_tls.L[1][3] 
_pdbx_refine_tls.L[1][3]_esd 
_pdbx_refine_tls.L[2][2] 
_pdbx_refine_tls.L[2][2]_esd 
_pdbx_refine_tls.L[2][3] 
_pdbx_refine_tls.L[2][3]_esd 
_pdbx_refine_tls.L[3][3] 
_pdbx_refine_tls.L[3][3]_esd 
_pdbx_refine_tls.S[1][1] 
_pdbx_refine_tls.S[1][1]_esd 
_pdbx_refine_tls.S[1][2] 
_pdbx_refine_tls.S[1][2]_esd 
_pdbx_refine_tls.S[1][3] 
_pdbx_refine_tls.S[1][3]_esd 
_pdbx_refine_tls.S[2][1] 
_pdbx_refine_tls.S[2][1]_esd 
_pdbx_refine_tls.S[2][2] 
_pdbx_refine_tls.S[2][2]_esd 
_pdbx_refine_tls.S[2][3] 
_pdbx_refine_tls.S[2][3]_esd 
_pdbx_refine_tls.S[3][1] 
_pdbx_refine_tls.S[3][1]_esd 
_pdbx_refine_tls.S[3][2] 
_pdbx_refine_tls.S[3][2]_esd 
_pdbx_refine_tls.S[3][3] 
_pdbx_refine_tls.S[3][3]_esd 
1 'X-RAY DIFFRACTION' ? refined 0.2666012164   -0.0243168601  0.61286965995  0.43270259118  ? -1.623998558659 ? 0.83160439752  ? 4.272298535345 ? -0.94068153760  ? 2.02462472293   ? 2.623247069866 ? -0.135519011743 ? -1.200884483132 ? 0.2507297842   ? -0.42473288679  ? 1.13616933379  ? -0.107670853478 ? 0.064847177308  ? -1.408504645280 ? 0.007929088726  ? 0.347017230049  ? 0.974543518383  ? 0.83731490861   ? -0.606414697270 ? 0.876365900120  ? 
2 'X-RAY DIFFRACTION' ? refined -1.2979093485  0.4942097143   -1.9246597925  2.672398725141 ? -0.670279245750 ? 0.56832620898  ? 0.05054595343  ? -0.22305343516  ? -0.912949575461 ? 0.256087495664 ? -0.059200284566 ? 0.155333376848  ? 0.458473008120 ? -0.195187728628 ? 0.138634546901 ? 0.463858480162  ? -0.322050011298 ? -0.498040029697 ? -0.606036443840 ? 0.127873972293  ? 0.372414193865  ? -0.013380483564 ? 0.166830426711  ? 0.473963111878  ? 
3 'X-RAY DIFFRACTION' ? refined -10.9959339010 -17.7143220159 -12.249120353  1.87448773764  ? -0.817299188966 ? -1.39458439538 ? 0.743360864493 ? 1.00740678464   ? 3.13979428591   ? 1.7828347176   ? -0.211708132446 ? 0.955596876807  ? 1.23828834834  ? 0.128318186291  ? 0.97560968668  ? 0.163717720632  ? 0.063520598700  ? -0.340181934800 ? -0.031871762417 ? -0.237391413456 ? -0.064093159500 ? 0.213658798945  ? -0.210898847076 ? -0.368262580215 ? 
4 'X-RAY DIFFRACTION' ? refined 10.1662791022  14.8689627334  10.56052479707 2.30799760897  ? -1.167789987150 ? -0.15685212343 ? 2.57391659306  ? -1.275824076553 ? 1.31118893194   ? 0.509067771286 ? -0.255993931842 ? 0.082797125452  ? 0.639550062095 ? 0.605760409104  ? 0.83976267049  ? -0.204795427313 ? -0.458314901346 ? 0.427787533100  ? 0.622906220238  ? -0.484596918591 ? -0.027084896623 ? -0.270530158374 ? -0.444640922825 ? 0.03296975425   ? 
# 
loop_
_pdbx_refine_tls_group.id 
_pdbx_refine_tls_group.pdbx_refine_id 
_pdbx_refine_tls_group.refine_tls_id 
_pdbx_refine_tls_group.beg_label_asym_id 
_pdbx_refine_tls_group.beg_label_seq_id 
_pdbx_refine_tls_group.beg_auth_asym_id 
_pdbx_refine_tls_group.beg_auth_seq_id 
_pdbx_refine_tls_group.beg_PDB_ins_code 
_pdbx_refine_tls_group.end_label_asym_id 
_pdbx_refine_tls_group.end_label_seq_id 
_pdbx_refine_tls_group.end_auth_asym_id 
_pdbx_refine_tls_group.end_auth_seq_id 
_pdbx_refine_tls_group.end_PDB_ins_code 
_pdbx_refine_tls_group.selection 
_pdbx_refine_tls_group.selection_details 
1 'X-RAY DIFFRACTION' 1 A ? A 103 ? A ? A 122 ? ? 
;(chain 'A' and resid 103 through 122)
;
2 'X-RAY DIFFRACTION' 2 B ? B 119 ? B ? B 125 ? ? 
;(chain 'B' and resid 119 through 125)
;
3 'X-RAY DIFFRACTION' 3 C ? C 209 ? C ? C 214 ? ? 
;(chain 'C' and resid 209 through 214)
;
4 'X-RAY DIFFRACTION' 4 D ? D 202 ? D ? D 208 ? ? 
;(chain 'D' and resid 202 through 208)
;
# 
loop_
_chem_comp_atom.comp_id 
_chem_comp_atom.atom_id 
_chem_comp_atom.type_symbol 
_chem_comp_atom.pdbx_aromatic_flag 
_chem_comp_atom.pdbx_stereo_config 
_chem_comp_atom.pdbx_ordinal 
DA OP3    O N N 1   
DA P      P N N 2   
DA OP1    O N N 3   
DA OP2    O N N 4   
DA "O5'"  O N N 5   
DA "C5'"  C N N 6   
DA "C4'"  C N R 7   
DA "O4'"  O N N 8   
DA "C3'"  C N S 9   
DA "O3'"  O N N 10  
DA "C2'"  C N N 11  
DA "C1'"  C N R 12  
DA N9     N Y N 13  
DA C8     C Y N 14  
DA N7     N Y N 15  
DA C5     C Y N 16  
DA C6     C Y N 17  
DA N6     N N N 18  
DA N1     N Y N 19  
DA C2     C Y N 20  
DA N3     N Y N 21  
DA C4     C Y N 22  
DA HOP3   H N N 23  
DA HOP2   H N N 24  
DA "H5'"  H N N 25  
DA "H5''" H N N 26  
DA "H4'"  H N N 27  
DA "H3'"  H N N 28  
DA "HO3'" H N N 29  
DA "H2'"  H N N 30  
DA "H2''" H N N 31  
DA "H1'"  H N N 32  
DA H8     H N N 33  
DA H61    H N N 34  
DA H62    H N N 35  
DA H2     H N N 36  
DC OP3    O N N 37  
DC P      P N N 38  
DC OP1    O N N 39  
DC OP2    O N N 40  
DC "O5'"  O N N 41  
DC "C5'"  C N N 42  
DC "C4'"  C N R 43  
DC "O4'"  O N N 44  
DC "C3'"  C N S 45  
DC "O3'"  O N N 46  
DC "C2'"  C N N 47  
DC "C1'"  C N R 48  
DC N1     N N N 49  
DC C2     C N N 50  
DC O2     O N N 51  
DC N3     N N N 52  
DC C4     C N N 53  
DC N4     N N N 54  
DC C5     C N N 55  
DC C6     C N N 56  
DC HOP3   H N N 57  
DC HOP2   H N N 58  
DC "H5'"  H N N 59  
DC "H5''" H N N 60  
DC "H4'"  H N N 61  
DC "H3'"  H N N 62  
DC "HO3'" H N N 63  
DC "H2'"  H N N 64  
DC "H2''" H N N 65  
DC "H1'"  H N N 66  
DC H41    H N N 67  
DC H42    H N N 68  
DC H5     H N N 69  
DC H6     H N N 70  
DG OP3    O N N 71  
DG P      P N N 72  
DG OP1    O N N 73  
DG OP2    O N N 74  
DG "O5'"  O N N 75  
DG "C5'"  C N N 76  
DG "C4'"  C N R 77  
DG "O4'"  O N N 78  
DG "C3'"  C N S 79  
DG "O3'"  O N N 80  
DG "C2'"  C N N 81  
DG "C1'"  C N R 82  
DG N9     N Y N 83  
DG C8     C Y N 84  
DG N7     N Y N 85  
DG C5     C Y N 86  
DG C6     C N N 87  
DG O6     O N N 88  
DG N1     N N N 89  
DG C2     C N N 90  
DG N2     N N N 91  
DG N3     N N N 92  
DG C4     C Y N 93  
DG HOP3   H N N 94  
DG HOP2   H N N 95  
DG "H5'"  H N N 96  
DG "H5''" H N N 97  
DG "H4'"  H N N 98  
DG "H3'"  H N N 99  
DG "HO3'" H N N 100 
DG "H2'"  H N N 101 
DG "H2''" H N N 102 
DG "H1'"  H N N 103 
DG H8     H N N 104 
DG H1     H N N 105 
DG H21    H N N 106 
DG H22    H N N 107 
DT OP3    O N N 108 
DT P      P N N 109 
DT OP1    O N N 110 
DT OP2    O N N 111 
DT "O5'"  O N N 112 
DT "C5'"  C N N 113 
DT "C4'"  C N R 114 
DT "O4'"  O N N 115 
DT "C3'"  C N S 116 
DT "O3'"  O N N 117 
DT "C2'"  C N N 118 
DT "C1'"  C N R 119 
DT N1     N N N 120 
DT C2     C N N 121 
DT O2     O N N 122 
DT N3     N N N 123 
DT C4     C N N 124 
DT O4     O N N 125 
DT C5     C N N 126 
DT C7     C N N 127 
DT C6     C N N 128 
DT HOP3   H N N 129 
DT HOP2   H N N 130 
DT "H5'"  H N N 131 
DT "H5''" H N N 132 
DT "H4'"  H N N 133 
DT "H3'"  H N N 134 
DT "HO3'" H N N 135 
DT "H2'"  H N N 136 
DT "H2''" H N N 137 
DT "H1'"  H N N 138 
DT H3     H N N 139 
DT H71    H N N 140 
DT H72    H N N 141 
DT H73    H N N 142 
DT H6     H N N 143 
# 
loop_
_chem_comp_bond.comp_id 
_chem_comp_bond.atom_id_1 
_chem_comp_bond.atom_id_2 
_chem_comp_bond.value_order 
_chem_comp_bond.pdbx_aromatic_flag 
_chem_comp_bond.pdbx_stereo_config 
_chem_comp_bond.pdbx_ordinal 
DA OP3   P      sing N N 1   
DA OP3   HOP3   sing N N 2   
DA P     OP1    doub N N 3   
DA P     OP2    sing N N 4   
DA P     "O5'"  sing N N 5   
DA OP2   HOP2   sing N N 6   
DA "O5'" "C5'"  sing N N 7   
DA "C5'" "C4'"  sing N N 8   
DA "C5'" "H5'"  sing N N 9   
DA "C5'" "H5''" sing N N 10  
DA "C4'" "O4'"  sing N N 11  
DA "C4'" "C3'"  sing N N 12  
DA "C4'" "H4'"  sing N N 13  
DA "O4'" "C1'"  sing N N 14  
DA "C3'" "O3'"  sing N N 15  
DA "C3'" "C2'"  sing N N 16  
DA "C3'" "H3'"  sing N N 17  
DA "O3'" "HO3'" sing N N 18  
DA "C2'" "C1'"  sing N N 19  
DA "C2'" "H2'"  sing N N 20  
DA "C2'" "H2''" sing N N 21  
DA "C1'" N9     sing N N 22  
DA "C1'" "H1'"  sing N N 23  
DA N9    C8     sing Y N 24  
DA N9    C4     sing Y N 25  
DA C8    N7     doub Y N 26  
DA C8    H8     sing N N 27  
DA N7    C5     sing Y N 28  
DA C5    C6     sing Y N 29  
DA C5    C4     doub Y N 30  
DA C6    N6     sing N N 31  
DA C6    N1     doub Y N 32  
DA N6    H61    sing N N 33  
DA N6    H62    sing N N 34  
DA N1    C2     sing Y N 35  
DA C2    N3     doub Y N 36  
DA C2    H2     sing N N 37  
DA N3    C4     sing Y N 38  
DC OP3   P      sing N N 39  
DC OP3   HOP3   sing N N 40  
DC P     OP1    doub N N 41  
DC P     OP2    sing N N 42  
DC P     "O5'"  sing N N 43  
DC OP2   HOP2   sing N N 44  
DC "O5'" "C5'"  sing N N 45  
DC "C5'" "C4'"  sing N N 46  
DC "C5'" "H5'"  sing N N 47  
DC "C5'" "H5''" sing N N 48  
DC "C4'" "O4'"  sing N N 49  
DC "C4'" "C3'"  sing N N 50  
DC "C4'" "H4'"  sing N N 51  
DC "O4'" "C1'"  sing N N 52  
DC "C3'" "O3'"  sing N N 53  
DC "C3'" "C2'"  sing N N 54  
DC "C3'" "H3'"  sing N N 55  
DC "O3'" "HO3'" sing N N 56  
DC "C2'" "C1'"  sing N N 57  
DC "C2'" "H2'"  sing N N 58  
DC "C2'" "H2''" sing N N 59  
DC "C1'" N1     sing N N 60  
DC "C1'" "H1'"  sing N N 61  
DC N1    C2     sing N N 62  
DC N1    C6     sing N N 63  
DC C2    O2     doub N N 64  
DC C2    N3     sing N N 65  
DC N3    C4     doub N N 66  
DC C4    N4     sing N N 67  
DC C4    C5     sing N N 68  
DC N4    H41    sing N N 69  
DC N4    H42    sing N N 70  
DC C5    C6     doub N N 71  
DC C5    H5     sing N N 72  
DC C6    H6     sing N N 73  
DG OP3   P      sing N N 74  
DG OP3   HOP3   sing N N 75  
DG P     OP1    doub N N 76  
DG P     OP2    sing N N 77  
DG P     "O5'"  sing N N 78  
DG OP2   HOP2   sing N N 79  
DG "O5'" "C5'"  sing N N 80  
DG "C5'" "C4'"  sing N N 81  
DG "C5'" "H5'"  sing N N 82  
DG "C5'" "H5''" sing N N 83  
DG "C4'" "O4'"  sing N N 84  
DG "C4'" "C3'"  sing N N 85  
DG "C4'" "H4'"  sing N N 86  
DG "O4'" "C1'"  sing N N 87  
DG "C3'" "O3'"  sing N N 88  
DG "C3'" "C2'"  sing N N 89  
DG "C3'" "H3'"  sing N N 90  
DG "O3'" "HO3'" sing N N 91  
DG "C2'" "C1'"  sing N N 92  
DG "C2'" "H2'"  sing N N 93  
DG "C2'" "H2''" sing N N 94  
DG "C1'" N9     sing N N 95  
DG "C1'" "H1'"  sing N N 96  
DG N9    C8     sing Y N 97  
DG N9    C4     sing Y N 98  
DG C8    N7     doub Y N 99  
DG C8    H8     sing N N 100 
DG N7    C5     sing Y N 101 
DG C5    C6     sing N N 102 
DG C5    C4     doub Y N 103 
DG C6    O6     doub N N 104 
DG C6    N1     sing N N 105 
DG N1    C2     sing N N 106 
DG N1    H1     sing N N 107 
DG C2    N2     sing N N 108 
DG C2    N3     doub N N 109 
DG N2    H21    sing N N 110 
DG N2    H22    sing N N 111 
DG N3    C4     sing N N 112 
DT OP3   P      sing N N 113 
DT OP3   HOP3   sing N N 114 
DT P     OP1    doub N N 115 
DT P     OP2    sing N N 116 
DT P     "O5'"  sing N N 117 
DT OP2   HOP2   sing N N 118 
DT "O5'" "C5'"  sing N N 119 
DT "C5'" "C4'"  sing N N 120 
DT "C5'" "H5'"  sing N N 121 
DT "C5'" "H5''" sing N N 122 
DT "C4'" "O4'"  sing N N 123 
DT "C4'" "C3'"  sing N N 124 
DT "C4'" "H4'"  sing N N 125 
DT "O4'" "C1'"  sing N N 126 
DT "C3'" "O3'"  sing N N 127 
DT "C3'" "C2'"  sing N N 128 
DT "C3'" "H3'"  sing N N 129 
DT "O3'" "HO3'" sing N N 130 
DT "C2'" "C1'"  sing N N 131 
DT "C2'" "H2'"  sing N N 132 
DT "C2'" "H2''" sing N N 133 
DT "C1'" N1     sing N N 134 
DT "C1'" "H1'"  sing N N 135 
DT N1    C2     sing N N 136 
DT N1    C6     sing N N 137 
DT C2    O2     doub N N 138 
DT C2    N3     sing N N 139 
DT N3    C4     sing N N 140 
DT N3    H3     sing N N 141 
DT C4    O4     doub N N 142 
DT C4    C5     sing N N 143 
DT C5    C7     sing N N 144 
DT C5    C6     doub N N 145 
DT C7    H71    sing N N 146 
DT C7    H72    sing N N 147 
DT C7    H73    sing N N 148 
DT C6    H6     sing N N 149 
# 
loop_
_ndb_struct_conf_na.entry_id 
_ndb_struct_conf_na.feature 
9Q3D 'double helix'        
9Q3D 'b-form double helix' 
# 
loop_
_ndb_struct_na_base_pair.model_number 
_ndb_struct_na_base_pair.i_label_asym_id 
_ndb_struct_na_base_pair.i_label_comp_id 
_ndb_struct_na_base_pair.i_label_seq_id 
_ndb_struct_na_base_pair.i_symmetry 
_ndb_struct_na_base_pair.j_label_asym_id 
_ndb_struct_na_base_pair.j_label_comp_id 
_ndb_struct_na_base_pair.j_label_seq_id 
_ndb_struct_na_base_pair.j_symmetry 
_ndb_struct_na_base_pair.shear 
_ndb_struct_na_base_pair.stretch 
_ndb_struct_na_base_pair.stagger 
_ndb_struct_na_base_pair.buckle 
_ndb_struct_na_base_pair.propeller 
_ndb_struct_na_base_pair.opening 
_ndb_struct_na_base_pair.pair_number 
_ndb_struct_na_base_pair.pair_name 
_ndb_struct_na_base_pair.i_auth_asym_id 
_ndb_struct_na_base_pair.i_auth_seq_id 
_ndb_struct_na_base_pair.i_PDB_ins_code 
_ndb_struct_na_base_pair.j_auth_asym_id 
_ndb_struct_na_base_pair.j_auth_seq_id 
_ndb_struct_na_base_pair.j_PDB_ins_code 
_ndb_struct_na_base_pair.hbond_type_28 
_ndb_struct_na_base_pair.hbond_type_12 
1 A DC 1  1_555 C DG 6 1_555 0.210  -0.172 0.126  0.977   -4.169  -0.390 1  A_DC103:DG214_C A 103 ? C 214 ? 19 1 
1 A DG 2  1_555 C DC 5 1_555 -0.253 -0.124 -0.162 -5.206  -7.433  0.194  2  A_DG104:DC213_C A 104 ? C 213 ? 19 1 
1 A DA 3  1_555 C DT 4 1_555 0.066  -0.091 -0.726 -11.268 -7.310  -8.038 3  A_DA105:DT212_C A 105 ? C 212 ? 20 1 
1 A DG 4  1_555 C DC 3 1_555 -0.213 -0.098 -0.407 -4.003  -4.970  -0.220 4  A_DG106:DC211_C A 106 ? C 211 ? 19 1 
1 A DC 5  1_555 C DG 2 1_555 0.204  -0.125 0.235  1.522   -7.297  1.262  5  A_DC107:DG210_C A 107 ? C 210 ? 19 1 
1 A DC 6  1_555 C DG 1 1_555 0.112  -0.132 0.199  -7.229  -1.376  -4.551 6  A_DC108:DG209_C A 108 ? C 209 ? 19 1 
1 A DT 7  1_555 B DA 7 1_555 -0.031 -0.234 0.187  1.517   1.042   6.840  7  A_DT109:DA125_B A 109 ? B 125 ? 20 1 
1 A DG 8  1_555 B DC 6 1_555 -0.287 -0.152 -0.258 -6.002  -4.605  6.165  8  A_DG110:DC124_B A 110 ? B 124 ? 19 1 
1 A DT 9  1_555 B DA 5 1_555 -0.096 -0.091 0.227  2.515   -2.169  2.638  9  A_DT111:DA123_B A 111 ? B 123 ? 20 1 
1 A DA 10 1_555 B DT 4 1_555 -0.155 0.033  0.056  0.903   -2.156  6.764  10 A_DA112:DT122_B A 112 ? B 122 ? 20 1 
1 A DC 11 1_555 B DG 3 1_555 0.154  -0.127 0.221  0.607   -5.675  -1.405 11 A_DC113:DG121_B A 113 ? B 121 ? 19 1 
1 A DG 12 1_555 B DC 2 1_555 -0.172 -0.167 -0.278 -1.520  -8.888  -5.977 12 A_DG114:DC120_B A 114 ? B 120 ? 19 1 
1 A DG 13 1_555 B DC 1 1_555 -0.203 -0.191 -0.269 -1.495  -7.658  -1.000 13 A_DG115:DC119_B A 115 ? B 119 ? 19 1 
1 A DA 14 1_555 D DT 7 1_555 0.020  -0.034 0.017  1.764   -12.396 -8.804 14 A_DA116:DT208_D A 116 ? D 208 ? 20 1 
1 A DC 15 1_555 D DG 6 1_555 0.243  -0.132 0.114  -4.226  -8.964  3.318  15 A_DC117:DG207_D A 117 ? D 207 ? 19 1 
1 A DG 17 1_555 D DC 4 1_555 -0.253 -0.078 -0.029 -8.179  -0.835  4.548  16 A_DG119:DC205_D A 119 ? D 205 ? 19 1 
1 A DT 18 1_555 D DA 3 1_555 -0.158 -0.040 0.088  -0.204  3.491   4.170  17 A_DT120:DA204_D A 120 ? D 204 ? 20 1 
1 A DC 19 1_555 D DG 2 1_555 0.271  -0.180 0.134  0.922   7.335   1.635  18 A_DC121:DG203_D A 121 ? D 203 ? 19 1 
1 A DA 20 1_555 D DT 1 1_555 -0.263 0.072  0.284  0.616   -3.916  16.151 19 A_DA122:DT202_D A 122 ? D 202 ? 20 1 
# 
loop_
_ndb_struct_na_base_pair_step.model_number 
_ndb_struct_na_base_pair_step.i_label_asym_id_1 
_ndb_struct_na_base_pair_step.i_label_comp_id_1 
_ndb_struct_na_base_pair_step.i_label_seq_id_1 
_ndb_struct_na_base_pair_step.i_symmetry_1 
_ndb_struct_na_base_pair_step.j_label_asym_id_1 
_ndb_struct_na_base_pair_step.j_label_comp_id_1 
_ndb_struct_na_base_pair_step.j_label_seq_id_1 
_ndb_struct_na_base_pair_step.j_symmetry_1 
_ndb_struct_na_base_pair_step.i_label_asym_id_2 
_ndb_struct_na_base_pair_step.i_label_comp_id_2 
_ndb_struct_na_base_pair_step.i_label_seq_id_2 
_ndb_struct_na_base_pair_step.i_symmetry_2 
_ndb_struct_na_base_pair_step.j_label_asym_id_2 
_ndb_struct_na_base_pair_step.j_label_comp_id_2 
_ndb_struct_na_base_pair_step.j_label_seq_id_2 
_ndb_struct_na_base_pair_step.j_symmetry_2 
_ndb_struct_na_base_pair_step.shift 
_ndb_struct_na_base_pair_step.slide 
_ndb_struct_na_base_pair_step.rise 
_ndb_struct_na_base_pair_step.tilt 
_ndb_struct_na_base_pair_step.roll 
_ndb_struct_na_base_pair_step.twist 
_ndb_struct_na_base_pair_step.x_displacement 
_ndb_struct_na_base_pair_step.y_displacement 
_ndb_struct_na_base_pair_step.helical_rise 
_ndb_struct_na_base_pair_step.inclination 
_ndb_struct_na_base_pair_step.tip 
_ndb_struct_na_base_pair_step.helical_twist 
_ndb_struct_na_base_pair_step.step_number 
_ndb_struct_na_base_pair_step.step_name 
_ndb_struct_na_base_pair_step.i_auth_asym_id_1 
_ndb_struct_na_base_pair_step.i_auth_seq_id_1 
_ndb_struct_na_base_pair_step.i_PDB_ins_code_1 
_ndb_struct_na_base_pair_step.j_auth_asym_id_1 
_ndb_struct_na_base_pair_step.j_auth_seq_id_1 
_ndb_struct_na_base_pair_step.j_PDB_ins_code_1 
_ndb_struct_na_base_pair_step.i_auth_asym_id_2 
_ndb_struct_na_base_pair_step.i_auth_seq_id_2 
_ndb_struct_na_base_pair_step.i_PDB_ins_code_2 
_ndb_struct_na_base_pair_step.j_auth_asym_id_2 
_ndb_struct_na_base_pair_step.j_auth_seq_id_2 
_ndb_struct_na_base_pair_step.j_PDB_ins_code_2 
1 A DC 1  1_555 C DG 6 1_555 A DG 2  1_555 C DC 5 1_555 0.444  -0.502 3.350 7.758   18.888 40.194 -2.391 0.130  2.886 25.587 
-10.509 44.892 1  AA_DC103DG104:DC213DG214_CC A 103 ? C 214 ? A 104 ? C 213 ? 
1 A DG 2  1_555 C DC 5 1_555 A DA 3  1_555 C DT 4 1_555 -2.430 1.395  3.253 -7.351  0.954  36.832 2.034  2.746  3.687 1.492  
11.491  37.545 2  AA_DG104DA105:DT212DC213_CC A 104 ? C 213 ? A 105 ? C 212 ? 
1 A DA 3  1_555 C DT 4 1_555 A DG 4  1_555 C DC 3 1_555 0.868  0.445  3.437 -3.916  2.955  34.449 0.274  -2.074 3.346 4.959  6.570 
34.787 3  AA_DA105DG106:DC211DT212_CC A 105 ? C 212 ? A 106 ? C 211 ? 
1 A DG 4  1_555 C DC 3 1_555 A DC 5  1_555 C DG 2 1_555 0.215  -0.214 3.302 -3.034  0.568  31.215 -0.503 -0.972 3.263 1.052  5.622 
31.363 4  AA_DG106DC107:DG210DC211_CC A 106 ? C 211 ? A 107 ? C 210 ? 
1 A DC 5  1_555 C DG 2 1_555 A DC 6  1_555 C DG 1 1_555 -0.868 -1.154 3.411 -4.581  -2.630 42.751 -1.295 0.700  3.543 -3.591 6.255 
43.061 5  AA_DC107DC108:DG209DG210_CC A 107 ? C 210 ? A 108 ? C 209 ? 
1 A DC 6  1_555 C DG 1 1_555 A DT 7  1_555 B DA 7 1_555 1.045  -1.446 3.447 -5.907  5.002  12.274 -9.740 -8.879 1.999 20.888 
24.671  14.503 6  AA_DC108DT109:DA125DG209_BC A 108 ? C 209 ? A 109 ? B 125 ? 
1 A DT 7  1_555 B DA 7 1_555 A DG 8  1_555 B DC 6 1_555 1.876  -0.458 3.378 2.946   15.319 32.115 -3.048 -2.626 3.015 25.872 
-4.975  35.613 7  AA_DT109DG110:DC124DA125_BB A 109 ? B 125 ? A 110 ? B 124 ? 
1 A DG 8  1_555 B DC 6 1_555 A DT 9  1_555 B DA 5 1_555 -1.079 0.010  3.161 -2.599  6.914  35.299 -0.944 1.383  3.176 11.250 4.229 
36.039 8  AA_DG110DT111:DA123DC124_BB A 110 ? B 124 ? A 111 ? B 123 ? 
1 A DT 9  1_555 B DA 5 1_555 A DA 10 1_555 B DT 4 1_555 -0.443 0.950  3.461 2.138   1.815  45.824 1.051  0.764  3.471 2.329  
-2.742  45.905 9  AA_DT111DA112:DT122DA123_BB A 111 ? B 123 ? A 112 ? B 122 ? 
1 A DA 10 1_555 B DT 4 1_555 A DC 11 1_555 B DG 3 1_555 -0.416 -0.014 3.314 -1.156  1.270  30.529 -0.282 0.557  3.324 2.409  2.193 
30.576 10 AA_DA112DC113:DG121DT122_BB A 112 ? B 122 ? A 113 ? B 121 ? 
1 A DC 11 1_555 B DG 3 1_555 A DG 12 1_555 B DC 2 1_555 -1.391 2.813  3.102 -1.318  -6.580 39.794 4.738  1.886  2.665 -9.583 1.920 
40.334 11 AA_DC113DG114:DC120DG121_BB A 113 ? B 121 ? A 114 ? B 120 ? 
1 A DG 12 1_555 B DC 2 1_555 A DG 13 1_555 B DC 1 1_555 0.549  -0.129 3.138 -4.615  -1.391 39.528 -0.036 -1.315 3.060 -2.047 6.794 
39.809 12 AA_DG114DG115:DC119DC120_BB A 114 ? B 120 ? A 115 ? B 119 ? 
1 A DG 13 1_555 B DC 1 1_555 A DA 14 1_555 D DT 7 1_555 -2.347 -1.225 2.850 -13.436 9.839  20.506 -5.327 1.540  2.956 23.296 
31.811  26.360 13 AA_DG115DA116:DT208DC119_DB A 115 ? B 119 ? A 116 ? D 208 ? 
1 A DA 14 1_555 D DT 7 1_555 A DC 15 1_555 D DG 6 1_555 1.140  -0.537 3.154 0.474   -1.357 34.658 -0.699 -1.842 3.187 -2.276 
-0.795  34.687 14 AA_DA116DC117:DG207DT208_DD A 116 ? D 208 ? A 117 ? D 207 ? 
1 A DC 15 1_555 D DG 6 1_555 A DG 17 1_555 D DC 4 1_555 0.071  3.243  6.544 -2.202  0.003  76.057 2.631  -0.188 6.540 0.002  1.787 
76.084 15 AA_DC117DG119:DC205DG207_DD A 117 ? D 207 ? A 119 ? D 205 ? 
1 A DG 17 1_555 D DC 4 1_555 A DT 18 1_555 D DA 3 1_555 -0.004 0.747  3.306 -6.642  10.794 26.788 -0.954 -1.480 3.268 21.814 
13.422  29.585 16 AA_DG119DT120:DA204DC205_DD A 119 ? D 205 ? A 120 ? D 204 ? 
1 A DT 18 1_555 D DA 3 1_555 A DC 19 1_555 D DG 2 1_555 0.544  -0.046 3.300 2.761   13.186 31.574 -2.188 -0.482 3.074 22.968 
-4.809  34.261 17 AA_DT120DC121:DG203DA204_DD A 120 ? D 204 ? A 121 ? D 203 ? 
1 A DC 19 1_555 D DG 2 1_555 A DA 20 1_555 D DT 1 1_555 1.412  0.973  4.446 0.327   10.963 43.290 -0.127 -1.818 4.560 14.583 
-0.435  44.593 18 AA_DC121DA122:DT202DG203_DD A 121 ? D 203 ? A 122 ? D 202 ? 
# 
loop_
_pdbx_audit_support.funding_organization 
_pdbx_audit_support.country 
_pdbx_audit_support.grant_number 
_pdbx_audit_support.ordinal 
'Office of Naval Research (ONR)'                   'United States' N000141912596 1 
'Department of Energy (DOE, United States)'        'United States' DE-SC0007991  2 
'National Science Foundation (NSF, United States)' 'United States' CCF-2106790   3 
'National Science Foundation (NSF, United States)' 'United States' GCR-2317843   4 
# 
_pdbx_initial_refinement_model.id               1 
_pdbx_initial_refinement_model.entity_id_list   ? 
_pdbx_initial_refinement_model.type             'experimental model' 
_pdbx_initial_refinement_model.source_name      PDB 
_pdbx_initial_refinement_model.accession_code   8D93 
_pdbx_initial_refinement_model.details          ? 
# 
_space_group.name_H-M_alt     'P 63' 
_space_group.name_Hall        'P 6c' 
_space_group.IT_number        173 
_space_group.crystal_system   hexagonal 
_space_group.id               1 
# 
_atom_sites.entry_id                    9Q3D 
_atom_sites.Cartn_transf_matrix[1][1]   ? 
_atom_sites.Cartn_transf_matrix[1][2]   ? 
_atom_sites.Cartn_transf_matrix[1][3]   ? 
_atom_sites.Cartn_transf_matrix[2][1]   ? 
_atom_sites.Cartn_transf_matrix[2][2]   ? 
_atom_sites.Cartn_transf_matrix[2][3]   ? 
_atom_sites.Cartn_transf_matrix[3][1]   ? 
_atom_sites.Cartn_transf_matrix[3][2]   ? 
_atom_sites.Cartn_transf_matrix[3][3]   ? 
_atom_sites.Cartn_transf_vector[1]      ? 
_atom_sites.Cartn_transf_vector[2]      ? 
_atom_sites.Cartn_transf_vector[3]      ? 
_atom_sites.Cartn_transform_axes        ? 
_atom_sites.fract_transf_matrix[1][1]   0.00556114 
_atom_sites.fract_transf_matrix[1][2]   0.00012915 
_atom_sites.fract_transf_matrix[1][3]   0.00733856 
_atom_sites.fract_transf_matrix[2][1]   0.00777849 
_atom_sites.fract_transf_matrix[2][2]   0.00492538 
_atom_sites.fract_transf_matrix[2][3]   -0.00020373 
_atom_sites.fract_transf_matrix[3][1]   -0.00889982 
_atom_sites.fract_transf_matrix[3][2]   0.01432375 
_atom_sites.fract_transf_matrix[3][3]   0.00649217 
_atom_sites.fract_transf_vector[1]      -0.248216 
_atom_sites.fract_transf_vector[2]      0.274480 
_atom_sites.fract_transf_vector[3]      -0.084235 
_atom_sites.solution_primary            ? 
_atom_sites.solution_secondary          ? 
_atom_sites.solution_hydrogens          ? 
_atom_sites.special_details             ? 
# 
loop_
_atom_type.symbol 
_atom_type.scat_dispersion_real 
_atom_type.scat_dispersion_imag 
_atom_type.scat_Cromer_Mann_a1 
_atom_type.scat_Cromer_Mann_a2 
_atom_type.scat_Cromer_Mann_a3 
_atom_type.scat_Cromer_Mann_a4 
_atom_type.scat_Cromer_Mann_b1 
_atom_type.scat_Cromer_Mann_b2 
_atom_type.scat_Cromer_Mann_b3 
_atom_type.scat_Cromer_Mann_b4 
_atom_type.scat_Cromer_Mann_c 
_atom_type.scat_source 
_atom_type.scat_dispersion_source 
C ? ? 5.96793  ? ? ? 14.89577 ? ? ? 0.0 
;1-Gaussian fit: Grosse-Kunstleve RW, Sauter NK, Adams PD: Newsletter of the IUCr Commission on Crystallographic Computing 2004, 3, 22-31.
;
? 
N ? ? 6.96715  ? ? ? 11.43723 ? ? ? 0.0 
;1-Gaussian fit: Grosse-Kunstleve RW, Sauter NK, Adams PD: Newsletter of the IUCr Commission on Crystallographic Computing 2004, 3, 22-31.
;
? 
O ? ? 7.96527  ? ? ? 9.05267  ? ? ? 0.0 
;1-Gaussian fit: Grosse-Kunstleve RW, Sauter NK, Adams PD: Newsletter of the IUCr Commission on Crystallographic Computing 2004, 3, 22-31.
;
? 
P ? ? 14.90797 ? ? ? 11.91318 ? ? ? 0.0 
;1-Gaussian fit: Grosse-Kunstleve RW, Sauter NK, Adams PD: Newsletter of the IUCr Commission on Crystallographic Computing 2004, 3, 22-31.
;
? 
# 
loop_
_atom_site.group_PDB 
_atom_site.id 
_atom_site.type_symbol 
_atom_site.label_atom_id 
_atom_site.label_alt_id 
_atom_site.label_comp_id 
_atom_site.label_asym_id 
_atom_site.label_entity_id 
_atom_site.label_seq_id 
_atom_site.pdbx_PDB_ins_code 
_atom_site.Cartn_x 
_atom_site.Cartn_y 
_atom_site.Cartn_z 
_atom_site.occupancy 
_atom_site.B_iso_or_equiv 
_atom_site.pdbx_formal_charge 
_atom_site.auth_seq_id 
_atom_site.auth_comp_id 
_atom_site.auth_asym_id 
_atom_site.auth_atom_id 
_atom_site.pdbx_PDB_model_num 
ATOM 1   O "O5'" . DC A 1 1  ? -22.24588 -15.82067 -16.51186 1.000 277.45734 ? 103 DC A "O5'" 1 
ATOM 2   C "C5'" . DC A 1 1  ? -23.11696 -15.01294 -15.73056 1.000 276.50752 ? 103 DC A "C5'" 1 
ATOM 3   C "C4'" . DC A 1 1  ? -23.33687 -15.62778 -14.36165 1.000 276.77153 ? 103 DC A "C4'" 1 
ATOM 4   O "O4'" . DC A 1 1  ? -23.34887 -17.07082 -14.48093 1.000 280.74502 ? 103 DC A "O4'" 1 
ATOM 5   C "C3'" . DC A 1 1  ? -22.24469 -15.34763 -13.34552 1.000 271.99315 ? 103 DC A "C3'" 1 
ATOM 6   O "O3'" . DC A 1 1  ? -22.42481 -14.03242 -12.74255 1.000 268.36748 ? 103 DC A "O3'" 1 
ATOM 7   C "C2'" . DC A 1 1  ? -22.43517 -16.49765 -12.36584 1.000 274.21828 ? 103 DC A "C2'" 1 
ATOM 8   C "C1'" . DC A 1 1  ? -22.81176 -17.64826 -13.30021 1.000 279.38505 ? 103 DC A "C1'" 1 
ATOM 9   N N1    . DC A 1 1  ? -21.65818 -18.51604 -13.66845 1.000 279.32392 ? 103 DC A N1    1 
ATOM 10  C C2    . DC A 1 1  ? -21.11347 -19.37994 -12.71405 1.000 279.16127 ? 103 DC A C2    1 
ATOM 11  O O2    . DC A 1 1  ? -21.60405 -19.40226 -11.57760 1.000 279.06728 ? 103 DC A O2    1 
ATOM 12  N N3    . DC A 1 1  ? -20.06454 -20.16580 -13.06343 1.000 279.19998 ? 103 DC A N3    1 
ATOM 13  C C4    . DC A 1 1  ? -19.57001 -20.10725 -14.30140 1.000 279.34723 ? 103 DC A C4    1 
ATOM 14  N N4    . DC A 1 1  ? -18.53678 -20.89850 -14.60494 1.000 279.41605 ? 103 DC A N4    1 
ATOM 15  C C5    . DC A 1 1  ? -20.11055 -19.23141 -15.28340 1.000 279.51525 ? 103 DC A C5    1 
ATOM 16  C C6    . DC A 1 1  ? -21.14448 -18.46256 -14.92804 1.000 279.52648 ? 103 DC A C6    1 
ATOM 17  P P     . DG A 1 2  ? -23.06660 -13.81838 -11.27672 1.000 267.62819 ? 104 DG A P     1 
ATOM 18  O OP1   . DG A 1 2  ? -24.37276 -14.50775 -11.19127 1.000 272.45997 ? 104 DG A OP1   1 
ATOM 19  O OP2   . DG A 1 2  ? -23.02485 -12.36006 -11.03313 1.000 263.69231 ? 104 DG A OP2   1 
ATOM 20  O "O5'" . DG A 1 2  ? -22.01823 -14.47544 -10.25626 1.000 265.53801 ? 104 DG A "O5'" 1 
ATOM 21  C "C5'" . DG A 1 2  ? -22.49060 -15.06560 -9.04409  1.000 266.82365 ? 104 DG A "C5'" 1 
ATOM 22  C "C4'" . DG A 1 2  ? -21.34462 -15.44677 -8.11925  1.000 264.10453 ? 104 DG A "C4'" 1 
ATOM 23  O "O4'" . DG A 1 2  ? -20.54496 -16.49574 -8.72080  1.000 265.54066 ? 104 DG A "O4'" 1 
ATOM 24  C "C3'" . DG A 1 2  ? -20.37442 -14.32122 -7.77994  1.000 258.66724 ? 104 DG A "C3'" 1 
ATOM 25  O "O3'" . DG A 1 2  ? -19.90846 -14.48389 -6.44530  1.000 256.74120 ? 104 DG A "O3'" 1 
ATOM 26  C "C2'" . DG A 1 2  ? -19.25256 -14.54255 -8.79329  1.000 257.61825 ? 104 DG A "C2'" 1 
ATOM 27  C "C1'" . DG A 1 2  ? -19.20718 -16.06404 -8.84473  1.000 261.41607 ? 104 DG A "C1'" 1 
ATOM 28  N N9    . DG A 1 2  ? -18.68082 -16.61224 -10.08808 1.000 262.88021 ? 104 DG A N9    1 
ATOM 29  C C8    . DG A 1 2  ? -18.94943 -16.17837 -11.36214 1.000 263.76477 ? 104 DG A C8    1 
ATOM 30  N N7    . DG A 1 2  ? -18.35839 -16.88383 -12.28517 1.000 265.23052 ? 104 DG A N7    1 
ATOM 31  C C5    . DG A 1 2  ? -17.66161 -17.85564 -11.57863 1.000 265.35512 ? 104 DG A C5    1 
ATOM 32  C C6    . DG A 1 2  ? -16.83638 -18.90561 -12.04673 1.000 266.74997 ? 104 DG A C6    1 
ATOM 33  O O6    . DG A 1 2  ? -16.55076 -19.18869 -13.21879 1.000 268.16073 ? 104 DG A O6    1 
ATOM 34  N N1    . DG A 1 2  ? -16.32081 -19.66509 -10.99862 1.000 266.50321 ? 104 DG A N1    1 
ATOM 35  C C2    . DG A 1 2  ? -16.57543 -19.43772 -9.66597  1.000 265.11790 ? 104 DG A C2    1 
ATOM 36  N N2    . DG A 1 2  ? -15.98923 -20.27289 -8.79604  1.000 265.29043 ? 104 DG A N2    1 
ATOM 37  N N3    . DG A 1 2  ? -17.35024 -18.45720 -9.21518  1.000 263.79050 ? 104 DG A N3    1 
ATOM 38  C C4    . DG A 1 2  ? -17.85561 -17.70758 -10.22502 1.000 263.97394 ? 104 DG A C4    1 
ATOM 39  P P     . DA A 1 3  ? -20.78264 -13.96521 -5.19758  1.000 256.33937 ? 105 DA A P     1 
ATOM 40  O OP1   . DA A 1 3  ? -22.17142 -14.46009 -5.31749  1.000 260.85248 ? 105 DA A OP1   1 
ATOM 41  O OP2   . DA A 1 3  ? -20.53283 -12.51397 -5.06640  1.000 252.14742 ? 105 DA A OP2   1 
ATOM 42  O "O5'" . DA A 1 3  ? -20.10477 -14.69097 -3.94639  1.000 255.56844 ? 105 DA A "O5'" 1 
ATOM 43  C "C5'" . DA A 1 3  ? -18.76109 -14.39346 -3.61148  1.000 251.59032 ? 105 DA A "C5'" 1 
ATOM 44  C "C4'" . DA A 1 3  ? -18.12374 -15.52466 -2.82501  1.000 252.45690 ? 105 DA A "C4'" 1 
ATOM 45  O "O4'" . DA A 1 3  ? -17.67229 -16.55914 -3.73346  1.000 254.78132 ? 105 DA A "O4'" 1 
ATOM 46  C "C3'" . DA A 1 3  ? -16.87573 -15.12859 -2.07468  1.000 248.26768 ? 105 DA A "C3'" 1 
ATOM 47  O "O3'" . DA A 1 3  ? -16.61597 -16.06681 -1.04212  1.000 249.45498 ? 105 DA A "O3'" 1 
ATOM 48  C "C2'" . DA A 1 3  ? -15.82149 -15.19628 -3.17533  1.000 246.91976 ? 105 DA A "C2'" 1 
ATOM 49  C "C1'" . DA A 1 3  ? -16.27917 -16.40725 -3.98535  1.000 251.54276 ? 105 DA A "C1'" 1 
ATOM 50  N N9    . DA A 1 3  ? -16.11404 -16.26236 -5.42930  1.000 251.89474 ? 105 DA A N9    1 
ATOM 51  C C8    . DA A 1 3  ? -16.80828 -15.41151 -6.23615  1.000 251.90950 ? 105 DA A C8    1 
ATOM 52  N N7    . DA A 1 3  ? -16.48914 -15.49914 -7.49851  1.000 252.50348 ? 105 DA A N7    1 
ATOM 53  C C5    . DA A 1 3  ? -15.53582 -16.49398 -7.53813  1.000 252.95141 ? 105 DA A C5    1 
ATOM 54  C C6    . DA A 1 3  ? -14.80773 -17.04683 -8.60128  1.000 253.69905 ? 105 DA A C6    1 
ATOM 55  N N6    . DA A 1 3  ? -14.96613 -16.65688 -9.86653  1.000 254.21730 ? 105 DA A N6    1 
ATOM 56  N N1    . DA A 1 3  ? -13.92636 -18.02556 -8.31932  1.000 254.06610 ? 105 DA A N1    1 
ATOM 57  C C2    . DA A 1 3  ? -13.77819 -18.41241 -7.04138  1.000 253.70528 ? 105 DA A C2    1 
ATOM 58  N N3    . DA A 1 3  ? -14.40986 -17.95782 -5.94873  1.000 253.00968 ? 105 DA A N3    1 
ATOM 59  C C4    . DA A 1 3  ? -15.28639 -16.98711 -6.27329  1.000 252.62426 ? 105 DA A C4    1 
ATOM 60  P P     . DG A 1 4  ? -15.61246 -15.68977 0.15468   1.000 245.74398 ? 106 DG A P     1 
ATOM 61  O OP1   . DG A 1 4  ? -15.67987 -16.77654 1.15636   1.000 248.17300 ? 106 DG A OP1   1 
ATOM 62  O OP2   . DG A 1 4  ? -15.89387 -14.29458 0.55961   1.000 242.63378 ? 106 DG A OP2   1 
ATOM 63  O "O5'" . DG A 1 4  ? -14.17084 -15.70410 -0.53768  1.000 243.18911 ? 106 DG A "O5'" 1 
ATOM 64  C "C5'" . DG A 1 4  ? -13.18923 -16.63701 -0.11689  1.000 243.37389 ? 106 DG A "C5'" 1 
ATOM 65  C "C4'" . DG A 1 4  ? -12.04609 -16.70689 -1.11473  1.000 241.74327 ? 106 DG A "C4'" 1 
ATOM 66  O "O4'" . DG A 1 4  ? -12.54478 -16.46363 -2.44631  1.000 242.83837 ? 106 DG A "O4'" 1 
ATOM 67  C "C3'" . DG A 1 4  ? -10.93954 -15.67773 -0.89640  1.000 236.81931 ? 106 DG A "C3'" 1 
ATOM 68  O "O3'" . DG A 1 4  ? -9.79396  -16.30901 -0.34102  1.000 235.93201 ? 106 DG A "O3'" 1 
ATOM 69  C "C2'" . DG A 1 4  ? -10.64879 -15.10997 -2.29765  1.000 235.51634 ? 106 DG A "C2'" 1 
ATOM 70  C "C1'" . DG A 1 4  ? -11.48834 -15.97550 -3.23251  1.000 239.89069 ? 106 DG A "C1'" 1 
ATOM 71  N N9    . DG A 1 4  ? -12.05622 -15.23956 -4.37051  1.000 239.90935 ? 106 DG A N9    1 
ATOM 72  C C8    . DG A 1 4  ? -13.01801 -14.26400 -4.31591  1.000 239.46941 ? 106 DG A C8    1 
ATOM 73  N N7    . DG A 1 4  ? -13.35152 -13.78703 -5.48173  1.000 239.82346 ? 106 DG A N7    1 
ATOM 74  C C5    . DG A 1 4  ? -12.55203 -14.48028 -6.37692  1.000 240.47356 ? 106 DG A C5    1 
ATOM 75  C C6    . DG A 1 4  ? -12.47011 -14.38050 -7.78906  1.000 241.15545 ? 106 DG A C6    1 
ATOM 76  O O6    . DG A 1 4  ? -13.11298 -13.63355 -8.54108  1.000 241.36465 ? 106 DG A O6    1 
ATOM 77  N N1    . DG A 1 4  ? -11.52986 -15.26313 -8.31833  1.000 241.74068 ? 106 DG A N1    1 
ATOM 78  C C2    . DG A 1 4  ? -10.76496 -16.13306 -7.57329  1.000 241.70545 ? 106 DG A C2    1 
ATOM 79  N N2    . DG A 1 4  ? -9.90814  -16.91034 -8.26071  1.000 242.40366 ? 106 DG A N2    1 
ATOM 80  N N3    . DG A 1 4  ? -10.83331 -16.23653 -6.24356  1.000 241.13592 ? 106 DG A N3    1 
ATOM 81  C C4    . DG A 1 4  ? -11.74548 -15.38208 -5.71409  1.000 240.52185 ? 106 DG A C4    1 
ATOM 82  P P     . DC A 1 5  ? -8.60734  -15.42578 0.28579   1.000 231.19577 ? 107 DC A P     1 
ATOM 83  O OP1   . DC A 1 5  ? -8.09268  -16.15748 1.46575   1.000 231.68297 ? 107 DC A OP1   1 
ATOM 84  O OP2   . DC A 1 5  ? -9.10432  -14.04063 0.43634   1.000 228.68828 ? 107 DC A OP2   1 
ATOM 85  O "O5'" . DC A 1 5  ? -7.49688  -15.41407 -0.86515  1.000 229.49341 ? 107 DC A "O5'" 1 
ATOM 86  C "C5'" . DC A 1 5  ? -7.06757  -16.64020 -1.43684  1.000 231.98964 ? 107 DC A "C5'" 1 
ATOM 87  C "C4'" . DC A 1 5  ? -6.66541  -16.46181 -2.89259  1.000 231.39353 ? 107 DC A "C4'" 1 
ATOM 88  O "O4'" . DC A 1 5  ? -7.71011  -15.77033 -3.62140  1.000 232.03603 ? 107 DC A "O4'" 1 
ATOM 89  C "C3'" . DC A 1 5  ? -5.37915  -15.65766 -3.12973  1.000 227.02594 ? 107 DC A "C3'" 1 
ATOM 90  O "O3'" . DC A 1 5  ? -4.43540  -16.46982 -3.81311  1.000 228.02175 ? 107 DC A "O3'" 1 
ATOM 91  C "C2'" . DC A 1 5  ? -5.83484  -14.46854 -3.99586  1.000 225.38608 ? 107 DC A "C2'" 1 
ATOM 92  C "C1'" . DC A 1 5  ? -7.10082  -15.01867 -4.63502  1.000 229.51901 ? 107 DC A "C1'" 1 
ATOM 93  N N1    . DC A 1 5  ? -8.06448  -13.96223 -5.13385  1.000 229.14966 ? 107 DC A N1    1 
ATOM 94  C C2    . DC A 1 5  ? -8.17315  -13.72584 -6.50740  1.000 229.66518 ? 107 DC A C2    1 
ATOM 95  O O2    . DC A 1 5  ? -7.46690  -14.38345 -7.27930  1.000 230.32921 ? 107 DC A O2    1 
ATOM 96  N N3    . DC A 1 5  ? -9.03384  -12.77158 -6.95060  1.000 229.46896 ? 107 DC A N3    1 
ATOM 97  C C4    . DC A 1 5  ? -9.77566  -12.08696 -6.07819  1.000 228.80018 ? 107 DC A C4    1 
ATOM 98  N N4    . DC A 1 5  ? -10.61725 -11.16173 -6.55786  1.000 228.75863 ? 107 DC A N4    1 
ATOM 99  C C5    . DC A 1 5  ? -9.68735  -12.32194 -4.67461  1.000 228.25939 ? 107 DC A C5    1 
ATOM 100 C C6    . DC A 1 5  ? -8.82378  -13.25453 -4.25241  1.000 228.46240 ? 107 DC A C6    1 
ATOM 101 P P     . DC A 1 6  ? -2.86161  -16.17623 -3.68825  1.000 224.45060 ? 108 DC A P     1 
ATOM 102 O OP1   . DC A 1 6  ? -2.25085  -17.39551 -3.11291  1.000 227.01071 ? 108 DC A OP1   1 
ATOM 103 O OP2   . DC A 1 6  ? -2.69228  -14.87686 -2.99808  1.000 220.05209 ? 108 DC A OP2   1 
ATOM 104 O "O5'" . DC A 1 6  ? -2.38264  -16.01784 -5.21280  1.000 223.86118 ? 108 DC A "O5'" 1 
ATOM 105 C "C5'" . DC A 1 6  ? -3.35092  -15.79978 -6.23434  1.000 225.34084 ? 108 DC A "C5'" 1 
ATOM 106 C "C4'" . DC A 1 6  ? -2.71154  -15.60162 -7.60546  1.000 224.42414 ? 108 DC A "C4'" 1 
ATOM 107 O "O4'" . DC A 1 6  ? -3.77620  -15.36970 -8.57945  1.000 226.20489 ? 108 DC A "O4'" 1 
ATOM 108 C "C3'" . DC A 1 6  ? -1.76546  -14.39987 -7.72646  1.000 219.42369 ? 108 DC A "C3'" 1 
ATOM 109 O "O3'" . DC A 1 6  ? -0.39263  -14.81888 -7.60228  1.000 218.13867 ? 108 DC A "O3'" 1 
ATOM 110 C "C2'" . DC A 1 6  ? -2.05967  -13.87943 -9.13303  1.000 219.61352 ? 108 DC A "C2'" 1 
ATOM 111 C "C1'" . DC A 1 6  ? -3.53832  -14.17297 -9.29952  1.000 223.32382 ? 108 DC A "C1'" 1 
ATOM 112 N N1    . DC A 1 6  ? -4.47916  -13.08270 -8.78336  1.000 222.27132 ? 108 DC A N1    1 
ATOM 113 C C2    . DC A 1 6  ? -5.05442  -12.14730 -9.67000  1.000 221.90202 ? 108 DC A C2    1 
ATOM 114 O O2    . DC A 1 6  ? -4.78295  -12.19610 -10.87688 1.000 222.38446 ? 108 DC A O2    1 
ATOM 115 N N3    . DC A 1 6  ? -5.90378  -11.20705 -9.16472  1.000 221.12627 ? 108 DC A N3    1 
ATOM 116 C C4    . DC A 1 6  ? -6.17921  -11.18726 -7.85926  1.000 220.71032 ? 108 DC A C4    1 
ATOM 117 N N4    . DC A 1 6  ? -7.00974  -10.25036 -7.39613  1.000 219.98939 ? 108 DC A N4    1 
ATOM 118 C C5    . DC A 1 6  ? -5.60464  -12.11981 -6.96073  1.000 221.08492 ? 108 DC A C5    1 
ATOM 119 C C6    . DC A 1 6  ? -4.78566  -13.03754 -7.45676  1.000 221.89946 ? 108 DC A C6    1 
ATOM 120 P P     . DT A 1 7  ? 0.76607   -13.78228 -7.16186  1.000 212.92314 ? 109 DT A P     1 
ATOM 121 O OP1   . DT A 1 7  ? 2.04433   -14.27478 -7.72351  1.000 212.59853 ? 109 DT A OP1   1 
ATOM 122 O OP2   . DT A 1 7  ? 0.65895   -13.56059 -5.70264  1.000 211.92246 ? 109 DT A OP2   1 
ATOM 123 O "O5'" . DT A 1 7  ? 0.38721   -12.40801 -7.89283  1.000 210.82781 ? 109 DT A "O5'" 1 
ATOM 124 C "C5'" . DT A 1 7  ? 1.11436   -11.97212 -9.04373  1.000 209.13750 ? 109 DT A "C5'" 1 
ATOM 125 C "C4'" . DT A 1 7  ? 0.16605   -11.36697 -10.06156 1.000 210.19990 ? 109 DT A "C4'" 1 
ATOM 126 O "O4'" . DT A 1 7  ? -1.11351  -11.18156 -9.44416  1.000 211.83648 ? 109 DT A "O4'" 1 
ATOM 127 C "C3'" . DT A 1 7  ? 0.52655   -9.98135  -10.54455 1.000 206.83232 ? 109 DT A "C3'" 1 
ATOM 128 O "O3'" . DT A 1 7  ? 1.42010   -10.05826 -11.63591 1.000 206.03781 ? 109 DT A "O3'" 1 
ATOM 129 C "C2'" . DT A 1 7  ? -0.83125  -9.40729  -10.97626 1.000 208.51957 ? 109 DT A "C2'" 1 
ATOM 130 C "C1'" . DT A 1 7  ? -1.84831  -10.25440 -10.19551 1.000 211.74197 ? 109 DT A "C1'" 1 
ATOM 131 N N1    . DT A 1 7  ? -2.75834  -9.48634  -9.25313  1.000 211.22636 ? 109 DT A N1    1 
ATOM 132 C C2    . DT A 1 7  ? -3.49117  -8.41853  -9.72336  1.000 210.75598 ? 109 DT A C2    1 
ATOM 133 O O2    . DT A 1 7  ? -3.43908  -8.01427  -10.87159 1.000 210.67476 ? 109 DT A O2    1 
ATOM 134 N N3    . DT A 1 7  ? -4.29401  -7.82130  -8.79228  1.000 210.45677 ? 109 DT A N3    1 
ATOM 135 C C4    . DT A 1 7  ? -4.45748  -8.17398  -7.46912  1.000 210.62159 ? 109 DT A C4    1 
ATOM 136 O O4    . DT A 1 7  ? -5.21110  -7.56022  -6.71754  1.000 210.36123 ? 109 DT A O4    1 
ATOM 137 C C5    . DT A 1 7  ? -3.67450  -9.30365  -7.03331  1.000 211.19935 ? 109 DT A C5    1 
ATOM 138 C C7    . DT A 1 7  ? -3.75990  -9.77405  -5.61094  1.000 211.56322 ? 109 DT A C7    1 
ATOM 139 C C6    . DT A 1 7  ? -2.87713  -9.90484  -7.93718  1.000 211.49634 ? 109 DT A C6    1 
ATOM 140 P P     . DG A 1 8  ? 2.98208   -9.75716  -11.42107 1.000 202.32107 ? 110 DG A P     1 
ATOM 141 O OP1   . DG A 1 8  ? 3.48362   -9.15783  -12.67634 1.000 200.98639 ? 110 DG A OP1   1 
ATOM 142 O OP2   . DG A 1 8  ? 3.59475   -10.98866 -10.87483 1.000 203.46901 ? 110 DG A OP2   1 
ATOM 143 O "O5'" . DG A 1 8  ? 3.02270   -8.63771  -10.27564 1.000 199.21614 ? 110 DG A "O5'" 1 
ATOM 144 C "C5'" . DG A 1 8  ? 3.12946   -7.25433  -10.62319 1.000 196.46914 ? 110 DG A "C5'" 1 
ATOM 145 C "C4'" . DG A 1 8  ? 1.75453   -6.65963  -10.82917 1.000 197.97932 ? 110 DG A "C4'" 1 
ATOM 146 O "O4'" . DG A 1 8  ? 0.90899   -7.05025  -9.74879  1.000 199.61950 ? 110 DG A "O4'" 1 
ATOM 147 C "C3'" . DG A 1 8  ? 1.67287   -5.14070  -10.81146 1.000 195.25044 ? 110 DG A "C3'" 1 
ATOM 148 O "O3'" . DG A 1 8  ? 1.85394   -4.62715  -12.11888 1.000 194.87300 ? 110 DG A "O3'" 1 
ATOM 149 C "C2'" . DG A 1 8  ? 0.24600   -4.87218  -10.28763 1.000 197.06726 ? 110 DG A "C2'" 1 
ATOM 150 C "C1'" . DG A 1 8  ? -0.23098  -6.25924  -9.84029  1.000 200.27549 ? 110 DG A "C1'" 1 
ATOM 151 N N9    . DG A 1 8  ? -0.95909  -6.31262  -8.57478  1.000 200.94457 ? 110 DG A N9    1 
ATOM 152 C C8    . DG A 1 8  ? -0.84172  -7.25969  -7.58588  1.000 201.99846 ? 110 DG A C8    1 
ATOM 153 N N7    . DG A 1 8  ? -1.65441  -7.06602  -6.58267  1.000 202.56962 ? 110 DG A N7    1 
ATOM 154 C C5    . DG A 1 8  ? -2.35987  -5.92385  -6.93791  1.000 201.85166 ? 110 DG A C5    1 
ATOM 155 C C6    . DG A 1 8  ? -3.38633  -5.22336  -6.25134  1.000 202.05338 ? 110 DG A C6    1 
ATOM 156 O O6    . DG A 1 8  ? -3.89690  -5.47659  -5.15012  1.000 202.89354 ? 110 DG A O6    1 
ATOM 157 N N1    . DG A 1 8  ? -3.82281  -4.11715  -6.97910  1.000 201.24549 ? 110 DG A N1    1 
ATOM 158 C C2    . DG A 1 8  ? -3.32854  -3.74530  -8.20344  1.000 200.39798 ? 110 DG A C2    1 
ATOM 159 N N2    . DG A 1 8  ? -3.86089  -2.65703  -8.76619  1.000 199.86360 ? 110 DG A N2    1 
ATOM 160 N N3    . DG A 1 8  ? -2.38316  -4.39059  -8.84659  1.000 200.19032 ? 110 DG A N3    1 
ATOM 161 C C4    . DG A 1 8  ? -1.94655  -5.46117  -8.16152  1.000 200.91946 ? 110 DG A C4    1 
ATOM 162 P P     . DT A 1 9  ? 3.29108   -4.06539  -12.55759 1.000 191.50210 ? 111 DT A P     1 
ATOM 163 O OP1   . DT A 1 9  ? 3.81272   -4.92798  -13.64025 1.000 192.87080 ? 111 DT A OP1   1 
ATOM 164 O OP2   . DT A 1 9  ? 4.06324   -3.88420  -11.31347 1.000 188.93413 ? 111 DT A OP2   1 
ATOM 165 O "O5'" . DT A 1 9  ? 2.98799   -2.60286  -13.12166 1.000 189.93548 ? 111 DT A "O5'" 1 
ATOM 166 C "C5'" . DT A 1 9  ? 3.43810   -1.46339  -12.40257 1.000 186.68964 ? 111 DT A "C5'" 1 
ATOM 167 C "C4'" . DT A 1 9  ? 2.26667   -0.62563  -11.92043 1.000 187.14704 ? 111 DT A "C4'" 1 
ATOM 168 O "O4'" . DT A 1 9  ? 1.45826   -1.39022  -10.97682 1.000 189.21826 ? 111 DT A "O4'" 1 
ATOM 169 C "C3'" . DT A 1 9  ? 2.65524   0.65768   -11.17637 1.000 183.92719 ? 111 DT A "C3'" 1 
ATOM 170 O "O3'" . DT A 1 9  ? 1.76335   1.70552   -11.53354 1.000 184.22686 ? 111 DT A "O3'" 1 
ATOM 171 C "C2'" . DT A 1 9  ? 2.46505   0.25329   -9.71988  1.000 183.96377 ? 111 DT A "C2'" 1 
ATOM 172 C "C1'" . DT A 1 9  ? 1.20791   -0.56863  -9.86042  1.000 187.61247 ? 111 DT A "C1'" 1 
ATOM 173 N N1    . DT A 1 9  ? 0.84781   -1.40799  -8.66796  1.000 188.90140 ? 111 DT A N1    1 
ATOM 174 C C2    . DT A 1 9  ? -0.17221  -0.98561  -7.85051  1.000 189.58313 ? 111 DT A C2    1 
ATOM 175 O O2    . DT A 1 9  ? -0.78871  0.04755   -8.03809  1.000 189.15506 ? 111 DT A O2    1 
ATOM 176 N N3    . DT A 1 9  ? -0.44803  -1.81417  -6.79641  1.000 190.87565 ? 111 DT A N3    1 
ATOM 177 C C4    . DT A 1 9  ? 0.17807   -3.00387  -6.48202  1.000 191.62772 ? 111 DT A C4    1 
ATOM 178 O O4    . DT A 1 9  ? -0.14575  -3.67849  -5.50735  1.000 192.92839 ? 111 DT A O4    1 
ATOM 179 C C5    . DT A 1 9  ? 1.23954   -3.39605  -7.37860  1.000 190.87367 ? 111 DT A C5    1 
ATOM 180 C C7    . DT A 1 9  ? 1.99243   -4.67112  -7.13703  1.000 191.70078 ? 111 DT A C7    1 
ATOM 181 C C6    . DT A 1 9  ? 1.52554   -2.58343  -8.41490  1.000 189.50936 ? 111 DT A C6    1 
ATOM 182 P P     . DA A 1 10 ? 2.31785   3.03317   -12.24561 1.000 181.82022 ? 112 DA A P     1 
ATOM 183 O OP1   . DA A 1 10 ? 1.54987   3.22062   -13.49612 1.000 183.92904 ? 112 DA A OP1   1 
ATOM 184 O OP2   . DA A 1 10 ? 3.79355   2.92047   -12.29261 1.000 179.34047 ? 112 DA A OP2   1 
ATOM 185 O "O5'" . DA A 1 10 ? 1.94018   4.21160   -11.22896 1.000 180.17782 ? 112 DA A "O5'" 1 
ATOM 186 C "C5'" . DA A 1 10 ? 0.60498   4.71516   -11.17230 1.000 181.89929 ? 112 DA A "C5'" 1 
ATOM 187 C "C4'" . DA A 1 10 ? 0.43411   5.63105   -9.97386  1.000 180.20175 ? 112 DA A "C4'" 1 
ATOM 188 O "O4'" . DA A 1 10 ? 0.01436   4.84195   -8.83685  1.000 181.24920 ? 112 DA A "O4'" 1 
ATOM 189 C "C3'" . DA A 1 10 ? 1.70318   6.38070   -9.57287  1.000 176.74170 ? 112 DA A "C3'" 1 
ATOM 190 O "O3'" . DA A 1 10 ? 1.57177   7.83633   -9.73513  1.000 175.35127 ? 112 DA A "O3'" 1 
ATOM 191 C "C2'" . DA A 1 10 ? 2.00785   5.96253   -8.13374  1.000 175.88106 ? 112 DA A "C2'" 1 
ATOM 192 C "C1'" . DA A 1 10 ? 0.84898   5.05052   -7.71933  1.000 178.83781 ? 112 DA A "C1'" 1 
ATOM 193 N N9    . DA A 1 10 ? 1.30154   3.74747   -7.23557  1.000 179.52471 ? 112 DA A N9    1 
ATOM 194 C C8    . DA A 1 10 ? 2.30878   2.99464   -7.75897  1.000 179.08751 ? 112 DA A C8    1 
ATOM 195 N N7    . DA A 1 10 ? 2.51260   1.86765   -7.12505  1.000 180.02993 ? 112 DA A N7    1 
ATOM 196 C C5    . DA A 1 10 ? 1.57059   1.87206   -6.11828  1.000 181.17121 ? 112 DA A C5    1 
ATOM 197 C C6    . DA A 1 10 ? 1.27231   0.94608   -5.10026  1.000 182.62241 ? 112 DA A C6    1 
ATOM 198 N N6    . DA A 1 10 ? 1.92923   -0.20807  -4.94531  1.000 183.22883 ? 112 DA A N6    1 
ATOM 199 N N1    . DA A 1 10 ? 0.27388   1.25078   -4.24749  1.000 183.52530 ? 112 DA A N1    1 
ATOM 200 C C2    . DA A 1 10 ? -0.37774  2.41273   -4.41243  1.000 182.99510 ? 112 DA A C2    1 
ATOM 201 N N3    . DA A 1 10 ? -0.18679  3.36274   -5.33252  1.000 181.71658 ? 112 DA A N3    1 
ATOM 202 C C4    . DA A 1 10 ? 0.81190   3.02705   -6.16265  1.000 180.84216 ? 112 DA A C4    1 
ATOM 203 P P     . DC A 1 11 ? 0.35584   8.69606   -9.10886  1.000 176.14047 ? 113 DC A P     1 
ATOM 204 O OP1   . DC A 1 11 ? -0.92273  8.31601   -9.74650  1.000 179.28091 ? 113 DC A OP1   1 
ATOM 205 O OP2   . DC A 1 11 ? 0.78546   10.11237  -9.16278  1.000 173.89998 ? 113 DC A OP2   1 
ATOM 206 O "O5'" . DC A 1 11 ? 0.31483   8.29710   -7.56540  1.000 175.74288 ? 113 DC A "O5'" 1 
ATOM 207 C "C5'" . DC A 1 11 ? -0.92484  8.25246   -6.87726  1.000 177.58854 ? 113 DC A "C5'" 1 
ATOM 208 C "C4'" . DC A 1 11 ? -0.70662  8.42564   -5.38950  1.000 176.24281 ? 113 DC A "C4'" 1 
ATOM 209 O "O4'" . DC A 1 11 ? -0.23500  7.17686   -4.81016  1.000 176.61507 ? 113 DC A "O4'" 1 
ATOM 210 C "C3'" . DC A 1 11 ? 0.32517   9.49028   -5.02913  1.000 173.13819 ? 113 DC A "C3'" 1 
ATOM 211 O "O3'" . DC A 1 11 ? -0.18571  10.32592  -3.99452  1.000 172.68188 ? 113 DC A "O3'" 1 
ATOM 212 C "C2'" . DC A 1 11 ? 1.54459   8.67047   -4.57928  1.000 171.79172 ? 113 DC A "C2'" 1 
ATOM 213 C "C1'" . DC A 1 11 ? 0.88876   7.42439   -3.99695  1.000 174.08010 ? 113 DC A "C1'" 1 
ATOM 214 N N1    . DC A 1 11 ? 1.77104   6.19713   -4.00553  1.000 174.09564 ? 113 DC A N1    1 
ATOM 215 C C2    . DC A 1 11 ? 1.59109   5.19227   -3.04009  1.000 175.33085 ? 113 DC A C2    1 
ATOM 216 O O2    . DC A 1 11 ? 0.70660   5.32567   -2.18671  1.000 176.34826 ? 113 DC A O2    1 
ATOM 217 N N3    . DC A 1 11 ? 2.39794   4.09647   -3.07409  1.000 175.46491 ? 113 DC A N3    1 
ATOM 218 C C4    . DC A 1 11 ? 3.33872   3.98912   -4.01406  1.000 174.37330 ? 113 DC A C4    1 
ATOM 219 N N4    . DC A 1 11 ? 4.11095   2.89723   -4.01402  1.000 174.61939 ? 113 DC A N4    1 
ATOM 220 C C5    . DC A 1 11 ? 3.53282   4.99885   -4.99816  1.000 173.07021 ? 113 DC A C5    1 
ATOM 221 C C6    . DC A 1 11 ? 2.74160   6.07457   -4.95027  1.000 172.99671 ? 113 DC A C6    1 
ATOM 222 P P     . DG A 1 12 ? -0.97426  11.68188  -4.35324  1.000 172.81956 ? 114 DG A P     1 
ATOM 223 O OP1   . DG A 1 12 ? -1.57517  11.51786  -5.69552  1.000 174.65132 ? 114 DG A OP1   1 
ATOM 224 O OP2   . DG A 1 12 ? -0.05257  12.80879  -4.09855  1.000 170.11166 ? 114 DG A OP2   1 
ATOM 225 O "O5'" . DG A 1 12 ? -2.14384  11.75748  -3.25590  1.000 174.26789 ? 114 DG A "O5'" 1 
ATOM 226 C "C5'" . DG A 1 12 ? -1.93405  12.44897  -2.01461  1.000 172.78385 ? 114 DG A "C5'" 1 
ATOM 227 C "C4'" . DG A 1 12 ? -2.78574  11.84379  -0.90601  1.000 174.40549 ? 114 DG A "C4'" 1 
ATOM 228 O "O4'" . DG A 1 12 ? -2.46950  10.43721  -0.77070  1.000 175.23872 ? 114 DG A "O4'" 1 
ATOM 229 C "C3'" . DG A 1 12 ? -2.54752  12.41396  0.47942   1.000 173.07299 ? 114 DG A "C3'" 1 
ATOM 230 O "O3'" . DG A 1 12 ? -3.70034  12.16297  1.31641   1.000 174.99879 ? 114 DG A "O3'" 1 
ATOM 231 C "C2'" . DG A 1 12 ? -1.31774  11.63066  0.92454   1.000 171.71628 ? 114 DG A "C2'" 1 
ATOM 232 C "C1'" . DG A 1 12 ? -1.52928  10.25446  0.27837   1.000 173.58773 ? 114 DG A "C1'" 1 
ATOM 233 N N9    . DG A 1 12 ? -0.30589  9.70945   -0.30559  1.000 172.31712 ? 114 DG A N9    1 
ATOM 234 C C8    . DG A 1 12 ? 0.44140   10.30306  -1.28464  1.000 170.74207 ? 114 DG A C8    1 
ATOM 235 N N7    . DG A 1 12 ? 1.48048   9.62049   -1.63922  1.000 169.87767 ? 114 DG A N7    1 
ATOM 236 C C5    . DG A 1 12 ? 1.43781   8.48997   -0.84374  1.000 170.97748 ? 114 DG A C5    1 
ATOM 237 C C6    . DG A 1 12 ? 2.32287   7.40088   -0.80335  1.000 170.81359 ? 114 DG A C6    1 
ATOM 238 O O6    . DG A 1 12 ? 3.33959   7.23510   -1.48600  1.000 169.55627 ? 114 DG A O6    1 
ATOM 239 N N1    . DG A 1 12 ? 1.94197   6.45449   0.14220   1.000 172.36704 ? 114 DG A N1    1 
ATOM 240 C C2    . DG A 1 12 ? 0.82591   6.54486   0.94459   1.000 173.88061 ? 114 DG A C2    1 
ATOM 241 N N2    . DG A 1 12 ? 0.63476   5.52632   1.80250   1.000 175.34009 ? 114 DG A N2    1 
ATOM 242 N N3    . DG A 1 12 ? -0.02681  7.57838   0.91940   1.000 173.99591 ? 114 DG A N3    1 
ATOM 243 C C4    . DG A 1 12 ? 0.34151   8.51187   -0.00907  1.000 172.51716 ? 114 DG A C4    1 
ATOM 244 P P     . DG A 1 13 ? -3.56937  11.88302  2.90010   1.000 174.73350 ? 115 DG A P     1 
ATOM 245 O OP1   . DG A 1 13 ? -4.92097  12.05940  3.47949   1.000 176.66741 ? 115 DG A OP1   1 
ATOM 246 O OP2   . DG A 1 13 ? -2.46786  12.69934  3.46238   1.000 172.12400 ? 115 DG A OP2   1 
ATOM 247 O "O5'" . DG A 1 13 ? -3.18170  10.32722  2.97676   1.000 175.65884 ? 115 DG A "O5'" 1 
ATOM 248 C "C5'" . DG A 1 13 ? -3.60373  9.52626   4.07611   1.000 177.04920 ? 115 DG A "C5'" 1 
ATOM 249 C "C4'" . DG A 1 13 ? -2.40931  8.96583   4.82996   1.000 175.71002 ? 115 DG A "C4'" 1 
ATOM 250 O "O4'" . DG A 1 13 ? -1.41402  8.51508   3.88860   1.000 174.71994 ? 115 DG A "O4'" 1 
ATOM 251 C "C3'" . DG A 1 13 ? -1.69507  9.97269   5.71456   1.000 173.48144 ? 115 DG A "C3'" 1 
ATOM 252 O "O3'" . DG A 1 13 ? -2.24765  9.98056   7.06700   1.000 174.34764 ? 115 DG A "O3'" 1 
ATOM 253 C "C2'" . DG A 1 13 ? -0.22509  9.53530   5.68078   1.000 171.71913 ? 115 DG A "C2'" 1 
ATOM 254 C "C1'" . DG A 1 13 ? -0.13637  8.57186   4.48780   1.000 172.64872 ? 115 DG A "C1'" 1 
ATOM 255 N N9    . DG A 1 13 ? 0.83473   9.00210   3.48190   1.000 170.72665 ? 115 DG A N9    1 
ATOM 256 C C8    . DG A 1 13 ? 0.78965   10.15580  2.74935   1.000 169.61237 ? 115 DG A C8    1 
ATOM 257 N N7    . DG A 1 13 ? 1.78792   10.29515  1.92759   1.000 168.01978 ? 115 DG A N7    1 
ATOM 258 C C5    . DG A 1 13 ? 2.56297   9.16729   2.13895   1.000 168.01247 ? 115 DG A C5    1 
ATOM 259 C C6    . DG A 1 13 ? 3.77547   8.77560   1.53399   1.000 166.66482 ? 115 DG A C6    1 
ATOM 260 O O6    . DG A 1 13 ? 4.41578   9.37153   0.65785   1.000 165.14644 ? 115 DG A O6    1 
ATOM 261 N N1    . DG A 1 13 ? 4.23266   7.55870   2.02800   1.000 167.32680 ? 115 DG A N1    1 
ATOM 262 C C2    . DG A 1 13 ? 3.59189   6.81004   2.98643   1.000 169.13218 ? 115 DG A C2    1 
ATOM 263 N N2    . DG A 1 13 ? 4.19696   5.66842   3.34978   1.000 169.65365 ? 115 DG A N2    1 
ATOM 264 N N3    . DG A 1 13 ? 2.44703   7.16509   3.56307   1.000 170.39965 ? 115 DG A N3    1 
ATOM 265 C C4    . DG A 1 13 ? 1.99028   8.35504   3.09243   1.000 169.71631 ? 115 DG A C4    1 
ATOM 266 P P     . DA A 1 14 ? -2.46776  8.63388   7.93224   1.000 176.22205 ? 116 DA A P     1 
ATOM 267 O OP1   . DA A 1 14 ? -3.48823  7.76265   7.31572   1.000 178.75879 ? 116 DA A OP1   1 
ATOM 268 O OP2   . DA A 1 14 ? -2.68762  9.09553   9.31649   1.000 176.18868 ? 116 DA A OP2   1 
ATOM 269 O "O5'" . DA A 1 14 ? -1.05407  7.88164   7.91580   1.000 174.97431 ? 116 DA A "O5'" 1 
ATOM 270 C "C5'" . DA A 1 14 ? -1.00190  6.46135   8.03139   1.000 176.63362 ? 116 DA A "C5'" 1 
ATOM 271 C "C4'" . DA A 1 14 ? 0.38307   5.98355   8.45574   1.000 175.26817 ? 116 DA A "C4'" 1 
ATOM 272 O "O4'" . DA A 1 14 ? 1.33816   6.16976   7.37286   1.000 173.48469 ? 116 DA A "O4'" 1 
ATOM 273 C "C3'" . DA A 1 14 ? 0.97797   6.68060   9.68841   1.000 173.79197 ? 116 DA A "C3'" 1 
ATOM 274 O "O3'" . DA A 1 14 ? 1.38883   5.69174   10.65771  1.000 174.72215 ? 116 DA A "O3'" 1 
ATOM 275 C "C2'" . DA A 1 14 ? 2.16906   7.45839   9.11848   1.000 171.04966 ? 116 DA A "C2'" 1 
ATOM 276 C "C1'" . DA A 1 14 ? 2.56290   6.61606   7.91131   1.000 171.26707 ? 116 DA A "C1'" 1 
ATOM 277 N N9    . DA A 1 14 ? 3.27513   7.36568   6.86969   1.000 169.18190 ? 116 DA A N9    1 
ATOM 278 C C8    . DA A 1 14 ? 2.78211   8.41684   6.16249   1.000 168.57439 ? 116 DA A C8    1 
ATOM 279 N N7    . DA A 1 14 ? 3.61818   8.91570   5.29036   1.000 166.74014 ? 116 DA A N7    1 
ATOM 280 C C5    . DA A 1 14 ? 4.74482   8.13190   5.41471   1.000 166.03205 ? 116 DA A C5    1 
ATOM 281 C C6    . DA A 1 14 ? 5.97899   8.16139   4.74505   1.000 164.20102 ? 116 DA A C6    1 
ATOM 282 N N6    . DA A 1 14 ? 6.26465   9.04245   3.78657   1.000 162.74757 ? 116 DA A N6    1 
ATOM 283 N N1    . DA A 1 14 ? 6.90926   7.25889   5.10284   1.000 164.00349 ? 116 DA A N1    1 
ATOM 284 C C2    . DA A 1 14 ? 6.61164   6.37249   6.06647   1.000 165.63067 ? 116 DA A C2    1 
ATOM 285 N N3    . DA A 1 14 ? 5.47340   6.24674   6.76951   1.000 167.46804 ? 116 DA A N3    1 
ATOM 286 C C4    . DA A 1 14 ? 4.56669   7.16690   6.38427   1.000 167.53389 ? 116 DA A C4    1 
ATOM 287 P P     . DC A 1 15 ? 1.99135   6.10926   12.09334  1.000 173.83704 ? 117 DC A P     1 
ATOM 288 O OP1   . DC A 1 15 ? 1.48172   5.15681   13.10092  1.000 176.14111 ? 117 DC A OP1   1 
ATOM 289 O OP2   . DC A 1 15 ? 1.80476   7.55909   12.29932  1.000 172.37862 ? 117 DC A OP2   1 
ATOM 290 O "O5'" . DC A 1 15 ? 3.55115   5.83025   11.93114  1.000 172.06658 ? 117 DC A "O5'" 1 
ATOM 291 C "C5'" . DC A 1 15 ? 4.00503   4.96818   10.88626  1.000 172.20485 ? 117 DC A "C5'" 1 
ATOM 292 C "C4'" . DC A 1 15 ? 5.49009   5.15679   10.61477  1.000 169.91607 ? 117 DC A "C4'" 1 
ATOM 293 O "O4'" . DC A 1 15 ? 5.69975   6.03125   9.46667   1.000 168.12388 ? 117 DC A "O4'" 1 
ATOM 294 C "C3'" . DC A 1 15 ? 6.28496   5.80391   11.73808  1.000 168.52059 ? 117 DC A "C3'" 1 
ATOM 295 O "O3'" . DC A 1 15 ? 7.65690   5.40280   11.64288  1.000 167.29503 ? 117 DC A "O3'" 1 
ATOM 296 C "C2'" . DC A 1 15 ? 6.15741   7.26908   11.33932  1.000 166.70322 ? 117 DC A "C2'" 1 
ATOM 297 C "C1'" . DC A 1 15 ? 6.51077   7.11543   9.88125   1.000 165.88145 ? 117 DC A "C1'" 1 
ATOM 298 N N1    . DC A 1 15 ? 6.25178   8.30924   8.97872   1.000 164.53138 ? 117 DC A N1    1 
ATOM 299 C C2    . DC A 1 15 ? 7.24620   8.70488   8.07793   1.000 162.53567 ? 117 DC A C2    1 
ATOM 300 O O2    . DC A 1 15 ? 8.31279   8.08180   8.06587   1.000 161.85827 ? 117 DC A O2    1 
ATOM 301 N N3    . DC A 1 15 ? 7.00881   9.74708   7.23897   1.000 161.51005 ? 117 DC A N3    1 
ATOM 302 C C4    . DC A 1 15 ? 5.83851   10.38436  7.28408   1.000 162.41530 ? 117 DC A C4    1 
ATOM 303 N N4    . DC A 1 15 ? 5.65021   11.40679  6.43852   1.000 161.49868 ? 117 DC A N4    1 
ATOM 304 C C5    . DC A 1 15 ? 4.80843   9.99378   8.19304   1.000 164.40058 ? 117 DC A C5    1 
ATOM 305 C C6    . DC A 1 15 ? 5.05887   8.96236   9.01553   1.000 165.38092 ? 117 DC A C6    1 
ATOM 306 P P     . DA A 1 16 ? 8.13134   3.86059   11.65541  1.000 169.20064 ? 118 DA A P     1 
ATOM 307 O OP1   . DA A 1 16 ? 7.25755   2.92135   10.91465  1.000 171.26619 ? 118 DA A OP1   1 
ATOM 308 O OP2   . DA A 1 16 ? 8.44873   3.56848   13.06725  1.000 169.94932 ? 118 DA A OP2   1 
ATOM 309 O "O5'" . DA A 1 16 ? 9.50303   3.92650   10.83849  1.000 167.06705 ? 118 DA A "O5'" 1 
ATOM 310 C "C5'" . DA A 1 16 ? 9.80756   5.08852   10.04769  1.000 164.79078 ? 118 DA A "C5'" 1 
ATOM 311 C "C4'" . DA A 1 16 ? 10.92629  5.87838   10.69728  1.000 162.74586 ? 118 DA A "C4'" 1 
ATOM 312 O "O4'" . DA A 1 16 ? 10.57734  7.28401   10.75509  1.000 161.46786 ? 118 DA A "O4'" 1 
ATOM 313 C "C3'" . DA A 1 16 ? 11.23081  5.44379   12.12076  1.000 163.68682 ? 118 DA A "C3'" 1 
ATOM 314 O "O3'" . DA A 1 16 ? 12.34020  4.52031   12.12088  1.000 163.65449 ? 118 DA A "O3'" 1 
ATOM 315 C "C2'" . DA A 1 16 ? 11.53463  6.73935   12.87003  1.000 162.15355 ? 118 DA A "C2'" 1 
ATOM 316 C "C1'" . DA A 1 16 ? 10.83742  7.82035   12.04265  1.000 161.19037 ? 118 DA A "C1'" 1 
ATOM 317 N N9    . DA A 1 16 ? 9.56834   8.27131   12.60979  1.000 162.43518 ? 118 DA A N9    1 
ATOM 318 C C8    . DA A 1 16 ? 8.90983   7.74942   13.69085  1.000 164.39355 ? 118 DA A C8    1 
ATOM 319 N N7    . DA A 1 16 ? 7.76976   8.34660   13.95420  1.000 165.17680 ? 118 DA A N7    1 
ATOM 320 C C5    . DA A 1 16 ? 7.68090   9.33604   12.98639  1.000 163.66652 ? 118 DA A C5    1 
ATOM 321 C C6    . DA A 1 16 ? 6.69344   10.30192  12.70110  1.000 163.69361 ? 118 DA A C6    1 
ATOM 322 N N6    . DA A 1 16 ? 5.57746   10.44984  13.42305  1.000 165.24905 ? 118 DA A N6    1 
ATOM 323 N N1    . DA A 1 16 ? 6.90528   11.12020  11.64829  1.000 162.13646 ? 118 DA A N1    1 
ATOM 324 C C2    . DA A 1 16 ? 8.02216   10.96698  10.92634  1.000 160.61533 ? 118 DA A C2    1 
ATOM 325 N N3    . DA A 1 16 ? 9.01122   10.08958  11.08856  1.000 160.37625 ? 118 DA A N3    1 
ATOM 326 C C4    . DA A 1 16 ? 8.77292   9.29137   12.14158  1.000 161.99641 ? 118 DA A C4    1 
ATOM 327 P P     . DG A 1 17 ? 13.87118  5.02339   12.13367  1.000 163.86168 ? 119 DG A P     1 
ATOM 328 O OP1   . DG A 1 17 ? 14.68271  3.94674   11.52498  1.000 164.06064 ? 119 DG A OP1   1 
ATOM 329 O OP2   . DG A 1 17 ? 14.18142  5.44861   13.51789  1.000 163.87649 ? 119 DG A OP2   1 
ATOM 330 O "O5'" . DG A 1 17 ? 13.89916  6.28146   11.13567  1.000 161.64810 ? 119 DG A "O5'" 1 
ATOM 331 C "C5'" . DG A 1 17 ? 15.12062  6.71160   10.54631  1.000 159.46972 ? 119 DG A "C5'" 1 
ATOM 332 C "C4'" . DG A 1 17 ? 15.72012  7.87924   11.31555  1.000 157.91106 ? 119 DG A "C4'" 1 
ATOM 333 O "O4'" . DG A 1 17 ? 14.72716  8.90849   11.48247  1.000 157.91286 ? 119 DG A "O4'" 1 
ATOM 334 C "C3'" . DG A 1 17 ? 16.22374  7.53583   12.71301  1.000 158.68203 ? 119 DG A "C3'" 1 
ATOM 335 O "O3'" . DG A 1 17 ? 17.67470  7.48094   12.74165  1.000 157.32967 ? 119 DG A "O3'" 1 
ATOM 336 C "C2'" . DG A 1 17 ? 15.62254  8.60513   13.65148  1.000 158.71802 ? 119 DG A "C2'" 1 
ATOM 337 C "C1'" . DG A 1 17 ? 14.89965  9.57206   12.71370  1.000 157.77884 ? 119 DG A "C1'" 1 
ATOM 338 N N9    . DG A 1 17 ? 13.56259  9.96907   13.15592  1.000 159.04226 ? 119 DG A N9    1 
ATOM 339 C C8    . DG A 1 17 ? 12.77362  9.37255   14.10512  1.000 161.11609 ? 119 DG A C8    1 
ATOM 340 N N7    . DG A 1 17 ? 11.60024  9.93933   14.23941  1.000 161.85414 ? 119 DG A N7    1 
ATOM 341 C C5    . DG A 1 17 ? 11.61511  10.96680  13.30519  1.000 160.21857 ? 119 DG A C5    1 
ATOM 342 C C6    . DG A 1 17 ? 10.62753  11.93735  12.97906  1.000 160.19373 ? 119 DG A C6    1 
ATOM 343 O O6    . DG A 1 17 ? 9.49421   12.08467  13.46369  1.000 161.60398 ? 119 DG A O6    1 
ATOM 344 N N1    . DG A 1 17 ? 11.06776  12.79493  11.96943  1.000 158.37967 ? 119 DG A N1    1 
ATOM 345 C C2    . DG A 1 17 ? 12.30038  12.71986  11.36400  1.000 156.75365 ? 119 DG A C2    1 
ATOM 346 N N2    . DG A 1 17 ? 12.56266  13.62432  10.41493  1.000 155.22114 ? 119 DG A N2    1 
ATOM 347 N N3    . DG A 1 17 ? 13.21918  11.82334  11.66300  1.000 156.71150 ? 119 DG A N3    1 
ATOM 348 C C4    . DG A 1 17 ? 12.81436  10.98664  12.63217  1.000 158.49790 ? 119 DG A C4    1 
ATOM 349 P P     . DT A 1 18 ? 18.58715  8.80558   12.64505  1.000 174.64704 ? 120 DT A P     1 
ATOM 350 O OP1   . DT A 1 18 ? 18.02395  9.71676   11.62256  1.000 171.18378 ? 120 DT A OP1   1 
ATOM 351 O OP2   . DT A 1 18 ? 19.98602  8.35218   12.47963  1.000 171.62645 ? 120 DT A OP2   1 
ATOM 352 O "O5'" . DT A 1 18 ? 18.49019  9.44559   14.11009  1.000 175.56329 ? 120 DT A "O5'" 1 
ATOM 353 C "C5'" . DT A 1 18 ? 19.38547  10.47586  14.50432  1.000 171.87117 ? 120 DT A "C5'" 1 
ATOM 354 C "C4'" . DT A 1 18 ? 19.21500  11.69515  13.62229  1.000 169.27082 ? 120 DT A "C4'" 1 
ATOM 355 O "O4'" . DT A 1 18 ? 17.80449  11.89934  13.34012  1.000 170.75488 ? 120 DT A "O4'" 1 
ATOM 356 C "C3'" . DT A 1 18 ? 19.70940  12.99786  14.21938  1.000 167.73772 ? 120 DT A "C3'" 1 
ATOM 357 O "O3'" . DT A 1 18 ? 20.18135  13.84010  13.17861  1.000 166.66806 ? 120 DT A "O3'" 1 
ATOM 358 C "C2'" . DT A 1 18 ? 18.44990  13.55432  14.88331  1.000 169.87242 ? 120 DT A "C2'" 1 
ATOM 359 C "C1'" . DT A 1 18 ? 17.36286  13.11735  13.90876  1.000 169.88878 ? 120 DT A "C1'" 1 
ATOM 360 N N1    . DT A 1 18 ? 16.01497  12.87108  14.53278  1.000 171.83387 ? 120 DT A N1    1 
ATOM 361 C C2    . DT A 1 18 ? 14.99045  13.76893  14.31960  1.000 170.15311 ? 120 DT A C2    1 
ATOM 362 O O2    . DT A 1 18 ? 15.12087  14.78871  13.66723  1.000 168.30148 ? 120 DT A O2    1 
ATOM 363 N N3    . DT A 1 18 ? 13.79825  13.43115  14.91361  1.000 171.87780 ? 120 DT A N3    1 
ATOM 364 C C4    . DT A 1 18 ? 13.52960  12.30753  15.67204  1.000 173.40252 ? 120 DT A C4    1 
ATOM 365 O O4    . DT A 1 18 ? 12.42173  12.09734  16.16485  1.000 174.61953 ? 120 DT A O4    1 
ATOM 366 C C5    . DT A 1 18 ? 14.64507  11.40243  15.84957  1.000 173.45590 ? 120 DT A C5    1 
ATOM 367 C C7    . DT A 1 18 ? 14.48437  10.15038  16.66487  1.000 175.88815 ? 120 DT A C7    1 
ATOM 368 C C6    . DT A 1 18 ? 15.81594  11.72404  15.27343  1.000 173.53407 ? 120 DT A C6    1 
ATOM 369 P P     . DC A 1 19 ? 20.73873  15.30700  13.51196  1.000 174.90761 ? 121 DC A P     1 
ATOM 370 O OP1   . DC A 1 19 ? 21.57262  15.74500  12.37080  1.000 173.10550 ? 121 DC A OP1   1 
ATOM 371 O OP2   . DC A 1 19 ? 21.31548  15.26344  14.87398  1.000 175.20650 ? 121 DC A OP2   1 
ATOM 372 O "O5'" . DC A 1 19 ? 19.41933  16.20652  13.54717  1.000 174.82260 ? 121 DC A "O5'" 1 
ATOM 373 C "C5'" . DC A 1 19 ? 19.51468  17.59709  13.76121  1.000 174.23652 ? 121 DC A "C5'" 1 
ATOM 374 C "C4'" . DC A 1 19 ? 18.94362  17.97361  15.11568  1.000 175.45741 ? 121 DC A "C4'" 1 
ATOM 375 O "O4'" . DC A 1 19 ? 17.77061  17.17553  15.40660  1.000 177.18751 ? 121 DC A "O4'" 1 
ATOM 376 C "C3'" . DC A 1 19 ? 19.88717  17.76734  16.31265  1.000 175.99274 ? 121 DC A "C3'" 1 
ATOM 377 O "O3'" . DC A 1 19 ? 20.29235  19.05662  16.84175  1.000 175.78982 ? 121 DC A "O3'" 1 
ATOM 378 C "C2'" . DC A 1 19 ? 19.05827  16.92590  17.30478  1.000 177.89159 ? 121 DC A "C2'" 1 
ATOM 379 C "C1'" . DC A 1 19 ? 17.64728  17.14993  16.79847  1.000 178.18814 ? 121 DC A "C1'" 1 
ATOM 380 N N1    . DC A 1 19 ? 16.65863  16.10857  17.23193  1.000 179.97840 ? 121 DC A N1    1 
ATOM 381 C C2    . DC A 1 19 ? 15.31879  16.46453  17.35248  1.000 180.73612 ? 121 DC A C2    1 
ATOM 382 O O2    . DC A 1 19 ? 14.98542  17.61876  17.06061  1.000 180.06386 ? 121 DC A O2    1 
ATOM 383 N N3    . DC A 1 19 ? 14.42421  15.53770  17.77273  1.000 182.42383 ? 121 DC A N3    1 
ATOM 384 C C4    . DC A 1 19 ? 14.83382  14.30484  18.07954  1.000 183.58850 ? 121 DC A C4    1 
ATOM 385 N N4    . DC A 1 19 ? 13.91452  13.42517  18.49043  1.000 185.58739 ? 121 DC A N4    1 
ATOM 386 C C5    . DC A 1 19 ? 16.20477  13.92304  17.97908  1.000 183.38668 ? 121 DC A C5    1 
ATOM 387 C C6    . DC A 1 19 ? 17.07657  14.85334  17.56836  1.000 181.05577 ? 121 DC A C6    1 
ATOM 388 P P     . DA A 1 20 ? 20.08819  19.47280  18.38640  1.000 181.48161 ? 122 DA A P     1 
ATOM 389 O OP1   . DA A 1 20 ? 20.72809  20.79769  18.50944  1.000 181.40523 ? 122 DA A OP1   1 
ATOM 390 O OP2   . DA A 1 20 ? 20.55233  18.40781  19.30665  1.000 183.80764 ? 122 DA A OP2   1 
ATOM 391 O "O5'" . DA A 1 20 ? 18.50524  19.67673  18.53621  1.000 182.27123 ? 122 DA A "O5'" 1 
ATOM 392 C "C5'" . DA A 1 20 ? 17.85744  20.79247  17.92496  1.000 180.94753 ? 122 DA A "C5'" 1 
ATOM 393 C "C4'" . DA A 1 20 ? 17.34559  21.76735  18.97623  1.000 181.64343 ? 122 DA A "C4'" 1 
ATOM 394 O "O4'" . DA A 1 20 ? 16.13912  21.23897  19.58168  1.000 183.05445 ? 122 DA A "O4'" 1 
ATOM 395 C "C3'" . DA A 1 20 ? 18.32476  22.05714  20.11441  1.000 183.46692 ? 122 DA A "C3'" 1 
ATOM 396 O "O3'" . DA A 1 20 ? 18.88627  23.35383  19.95247  1.000 184.43106 ? 122 DA A "O3'" 1 
ATOM 397 C "C2'" . DA A 1 20 ? 17.47398  21.97210  21.38047  1.000 184.34161 ? 122 DA A "C2'" 1 
ATOM 398 C "C1'" . DA A 1 20 ? 16.32146  21.06276  20.96689  1.000 184.65394 ? 122 DA A "C1'" 1 
ATOM 399 N N9    . DA A 1 20 ? 16.54394  19.63676  21.22662  1.000 185.70700 ? 122 DA A N9    1 
ATOM 400 C C8    . DA A 1 20 ? 17.72165  18.94825  21.13778  1.000 185.46999 ? 122 DA A C8    1 
ATOM 401 N N7    . DA A 1 20 ? 17.61251  17.67023  21.40747  1.000 186.91381 ? 122 DA A N7    1 
ATOM 402 C C5    . DA A 1 20 ? 16.27070  17.50629  21.69824  1.000 188.37173 ? 122 DA A C5    1 
ATOM 403 C C6    . DA A 1 20 ? 15.51042  16.37810  22.06970  1.000 190.31697 ? 122 DA A C6    1 
ATOM 404 N N6    . DA A 1 20 ? 16.03248  15.15717  22.21221  1.000 190.85265 ? 122 DA A N6    1 
ATOM 405 N N1    . DA A 1 20 ? 14.19065  16.55440  22.28700  1.000 190.88351 ? 122 DA A N1    1 
ATOM 406 C C2    . DA A 1 20 ? 13.68023  17.78510  22.14281  1.000 190.35885 ? 122 DA A C2    1 
ATOM 407 N N3    . DA A 1 20 ? 14.29028  18.91703  21.79858  1.000 188.66343 ? 122 DA A N3    1 
ATOM 408 C C4    . DA A 1 20 ? 15.59555  18.70768  21.58822  1.000 187.34686 ? 122 DA A C4    1 
ATOM 409 O "O5'" . DC B 2 1  ? 12.51696  4.00997   -0.52390  1.000 155.24914 ? 119 DC B "O5'" 1 
ATOM 410 C "C5'" . DC B 2 1  ? 11.52856  2.99403   -0.39690  1.000 140.34041 ? 119 DC B "C5'" 1 
ATOM 411 C "C4'" . DC B 2 1  ? 11.12672  2.81563   1.05501   1.000 156.29811 ? 119 DC B "C4'" 1 
ATOM 412 O "O4'" . DC B 2 1  ? 10.54142  4.04706   1.54409   1.000 141.60666 ? 119 DC B "O4'" 1 
ATOM 413 C "C3'" . DC B 2 1  ? 10.05060  1.77976   1.30284   1.000 140.99234 ? 119 DC B "C3'" 1 
ATOM 414 O "O3'" . DC B 2 1  ? 10.04553  1.44733   2.68679   1.000 141.58718 ? 119 DC B "O3'" 1 
ATOM 415 C "C2'" . DC B 2 1  ? 8.81216   2.57886   0.93620   1.000 141.15930 ? 119 DC B "C2'" 1 
ATOM 416 C "C1'" . DC B 2 1  ? 9.13292   3.88894   1.64005   1.000 140.46214 ? 119 DC B "C1'" 1 
ATOM 417 N N1    . DC B 2 1  ? 8.50584   5.08796   1.04551   1.000 140.06483 ? 119 DC B N1    1 
ATOM 418 C C2    . DC B 2 1  ? 7.34638   5.62827   1.61689   1.000 140.02414 ? 119 DC B C2    1 
ATOM 419 O O2    . DC B 2 1  ? 6.83212   5.06768   2.59393   1.000 140.87409 ? 119 DC B O2    1 
ATOM 420 N N3    . DC B 2 1  ? 6.81194   6.74837   1.07087   1.000 139.82443 ? 119 DC B N3    1 
ATOM 421 C C4    . DC B 2 1  ? 7.39487   7.31871   0.01604   1.000 139.68362 ? 119 DC B C4    1 
ATOM 422 N N4    . DC B 2 1  ? 6.83933   8.42121   -0.49050  1.000 139.83189 ? 119 DC B N4    1 
ATOM 423 C C5    . DC B 2 1  ? 8.58095   6.79059   -0.56305  1.000 139.73056 ? 119 DC B C5    1 
ATOM 424 C C6    . DC B 2 1  ? 9.09982   5.68981   -0.02039  1.000 139.91766 ? 119 DC B C6    1 
ATOM 425 P P     . DC B 2 2  ? 9.69366   -0.04084  3.17440   1.000 143.57677 ? 120 DC B P     1 
ATOM 426 O OP1   . DC B 2 2  ? 10.82090  -0.49623  4.01698   1.000 143.64658 ? 120 DC B OP1   1 
ATOM 427 O OP2   . DC B 2 2  ? 9.32661   -0.83626  1.98204   1.000 143.50444 ? 120 DC B OP2   1 
ATOM 428 O "O5'" . DC B 2 2  ? 8.40725   0.15012   4.12002   1.000 145.26623 ? 120 DC B "O5'" 1 
ATOM 429 C "C5'" . DC B 2 2  ? 7.41281   1.13900   3.81540   1.000 144.53223 ? 120 DC B "C5'" 1 
ATOM 430 C "C4'" . DC B 2 2  ? 6.01370   0.60179   4.07271   1.000 144.20993 ? 120 DC B "C4'" 1 
ATOM 431 O "O4'" . DC B 2 2  ? 5.03099   1.57979   3.63466   1.000 143.51231 ? 120 DC B "O4'" 1 
ATOM 432 C "C3'" . DC B 2 2  ? 5.68082   -0.67402  3.31589   1.000 145.03963 ? 120 DC B "C3'" 1 
ATOM 433 O "O3'" . DC B 2 2  ? 4.72234   -1.44880  4.03038   1.000 144.30287 ? 120 DC B "O3'" 1 
ATOM 434 C "C2'" . DC B 2 2  ? 5.10869   -0.14368  2.01003   1.000 145.07477 ? 120 DC B "C2'" 1 
ATOM 435 C "C1'" . DC B 2 2  ? 4.40188   1.14468   2.43771   1.000 144.39828 ? 120 DC B "C1'" 1 
ATOM 436 N N1    . DC B 2 2  ? 4.54580   2.21160   1.40812   1.000 159.89651 ? 120 DC B N1    1 
ATOM 437 C C2    . DC B 2 2  ? 3.71131   3.35113   1.39813   1.000 144.02964 ? 120 DC B C2    1 
ATOM 438 O O2    . DC B 2 2  ? 2.82754   3.48734   2.25771   1.000 144.27625 ? 120 DC B O2    1 
ATOM 439 N N3    . DC B 2 2  ? 3.90127   4.28346   0.42265   1.000 144.30843 ? 120 DC B N3    1 
ATOM 440 C C4    . DC B 2 2  ? 4.85479   4.10655   -0.49609  1.000 159.47216 ? 120 DC B C4    1 
ATOM 441 N N4    . DC B 2 2  ? 5.01291   5.03953   -1.43872  1.000 144.06893 ? 120 DC B N4    1 
ATOM 442 C C5    . DC B 2 2  ? 5.69246   2.96192   -0.49488  1.000 144.03863 ? 120 DC B C5    1 
ATOM 443 C C6    . DC B 2 2  ? 5.50370   2.05509   0.45821   1.000 159.36607 ? 120 DC B C6    1 
ATOM 444 P P     . DG B 2 3  ? 4.49337   -3.00374  3.67078   1.000 146.95283 ? 121 DG B P     1 
ATOM 445 O OP1   . DG B 2 3  ? 5.11379   -3.79256  4.75517   1.000 131.59958 ? 121 DG B OP1   1 
ATOM 446 O OP2   . DG B 2 3  ? 4.92268   -3.26766  2.27777   1.000 131.45741 ? 121 DG B OP2   1 
ATOM 447 O "O5'" . DG B 2 3  ? 2.90242   -3.17815  3.74446   1.000 131.57168 ? 121 DG B "O5'" 1 
ATOM 448 C "C5'" . DG B 2 3  ? 2.22627   -3.02827  4.99245   1.000 132.72650 ? 121 DG B "C5'" 1 
ATOM 449 C "C4'" . DG B 2 3  ? 1.20338   -1.89925  4.94661   1.000 132.51967 ? 121 DG B "C4'" 1 
ATOM 450 O "O4'" . DG B 2 3  ? 1.58511   -0.91344  3.94699   1.000 132.37100 ? 121 DG B "O4'" 1 
ATOM 451 C "C3'" . DG B 2 3  ? -0.19630  -2.30584  4.53938   1.000 131.60251 ? 121 DG B "C3'" 1 
ATOM 452 O "O3'" . DG B 2 3  ? -1.08556  -1.28356  4.95056   1.000 131.47289 ? 121 DG B "O3'" 1 
ATOM 453 C "C2'" . DG B 2 3  ? -0.05036  -2.31205  3.02460   1.000 132.46964 ? 121 DG B "C2'" 1 
ATOM 454 C "C1'" . DG B 2 3  ? 0.68658   -0.98926  2.84462   1.000 132.63235 ? 121 DG B "C1'" 1 
ATOM 455 N N9    . DG B 2 3  ? 1.47435   -0.85568  1.61238   1.000 132.88087 ? 121 DG B N9    1 
ATOM 456 C C8    . DG B 2 3  ? 2.39344   -1.75000  1.11356   1.000 132.54780 ? 121 DG B C8    1 
ATOM 457 N N7    . DG B 2 3  ? 2.97218   -1.34521  0.01389   1.000 132.47803 ? 121 DG B N7    1 
ATOM 458 C C5    . DG B 2 3  ? 2.41818   -0.09097  -0.22454  1.000 133.04441 ? 121 DG B C5    1 
ATOM 459 C C6    . DG B 2 3  ? 2.66239   0.82894   -1.27468  1.000 131.56536 ? 121 DG B C6    1 
ATOM 460 O O6    . DG B 2 3  ? 3.44410   0.71107   -2.22835  1.000 146.12682 ? 121 DG B O6    1 
ATOM 461 N N1    . DG B 2 3  ? 1.88652   1.98235   -1.14427  1.000 131.05473 ? 121 DG B N1    1 
ATOM 462 C C2    . DG B 2 3  ? 0.98915   2.21610   -0.12784  1.000 131.22743 ? 121 DG B C2    1 
ATOM 463 N N2    . DG B 2 3  ? 0.33183   3.38364   -0.16933  1.000 130.35585 ? 121 DG B N2    1 
ATOM 464 N N3    . DG B 2 3  ? 0.75119   1.36261   0.86349   1.000 132.68544 ? 121 DG B N3    1 
ATOM 465 C C4    . DG B 2 3  ? 1.49815   0.23133   0.75229   1.000 148.47556 ? 121 DG B C4    1 
ATOM 466 P P     . DT B 2 4  ? -2.58181  -1.62586  5.40933   1.000 125.61162 ? 122 DT B P     1 
ATOM 467 O OP1   . DT B 2 4  ? -2.80261  -0.93278  6.69946   1.000 125.56312 ? 122 DT B OP1   1 
ATOM 468 O OP2   . DT B 2 4  ? -2.76442  -3.08800  5.29793   1.000 125.89768 ? 122 DT B OP2   1 
ATOM 469 O "O5'" . DT B 2 4  ? -3.48344  -0.93082  4.28831   1.000 125.47678 ? 122 DT B "O5'" 1 
ATOM 470 C "C5'" . DT B 2 4  ? -3.39335  0.47197   4.09068   1.000 125.19377 ? 122 DT B "C5'" 1 
ATOM 471 C "C4'" . DT B 2 4  ? -3.79449  0.86343   2.67543   1.000 125.08802 ? 122 DT B "C4'" 1 
ATOM 472 O "O4'" . DT B 2 4  ? -2.67991  0.67799   1.75463   1.000 125.06086 ? 122 DT B "O4'" 1 
ATOM 473 C "C3'" . DT B 2 4  ? -4.96534  0.07676   2.06400   1.000 125.29592 ? 122 DT B "C3'" 1 
ATOM 474 O "O3'" . DT B 2 4  ? -5.79587  0.98232   1.34227   1.000 140.58916 ? 122 DT B "O3'" 1 
ATOM 475 C "C2'" . DT B 2 4  ? -4.24701  -0.86648  1.10097   1.000 125.41559 ? 122 DT B "C2'" 1 
ATOM 476 C "C1'" . DT B 2 4  ? -3.20227  0.09792   0.58596   1.000 125.15905 ? 122 DT B "C1'" 1 
ATOM 477 N N1    . DT B 2 4  ? -2.10467  -0.50747  -0.23219  1.000 125.75360 ? 122 DT B N1    1 
ATOM 478 C C2    . DT B 2 4  ? -1.63144  0.19692   -1.31414  1.000 128.22688 ? 122 DT B C2    1 
ATOM 479 O O2    . DT B 2 4  ? -2.05583  1.29525   -1.62888  1.000 129.92109 ? 122 DT B O2    1 
ATOM 480 N N3    . DT B 2 4  ? -0.63372  -0.41939  -2.01828  1.000 128.71237 ? 122 DT B N3    1 
ATOM 481 C C4    . DT B 2 4  ? -0.07593  -1.66165  -1.75063  1.000 126.31001 ? 122 DT B C4    1 
ATOM 482 O O4    . DT B 2 4  ? 0.82106   -2.14189  -2.43695  1.000 125.93424 ? 122 DT B O4    1 
ATOM 483 C C5    . DT B 2 4  ? -0.62411  -2.35243  -0.60338  1.000 141.04625 ? 122 DT B C5    1 
ATOM 484 C C7    . DT B 2 4  ? -0.09904  -3.70457  -0.21897  1.000 125.97538 ? 122 DT B C7    1 
ATOM 485 C C6    . DT B 2 4  ? -1.60546  -1.75076  0.08932   1.000 125.44044 ? 122 DT B C6    1 
ATOM 486 P P     . DA B 2 5  ? -7.38729  1.00280   1.55944   1.000 119.34906 ? 123 DA B P     1 
ATOM 487 O OP1   . DA B 2 5  ? -7.68651  2.01961   2.59368   1.000 136.56839 ? 123 DA B OP1   1 
ATOM 488 O OP2   . DA B 2 5  ? -7.82626  -0.39413  1.75785   1.000 119.65264 ? 123 DA B OP2   1 
ATOM 489 O "O5'" . DA B 2 5  ? -7.96432  1.50028   0.14656   1.000 119.24447 ? 123 DA B "O5'" 1 
ATOM 490 C "C5'" . DA B 2 5  ? -8.05272  2.89371   -0.14059  1.000 118.96784 ? 123 DA B "C5'" 1 
ATOM 491 C "C4'" . DA B 2 5  ? -7.31660  3.24160   -1.42336  1.000 134.84688 ? 123 DA B "C4'" 1 
ATOM 492 O "O4'" . DA B 2 5  ? -6.18563  2.34959   -1.60505  1.000 136.63203 ? 123 DA B "O4'" 1 
ATOM 493 C "C3'" . DA B 2 5  ? -8.12512  3.11607   -2.71291  1.000 134.28677 ? 123 DA B "C3'" 1 
ATOM 494 O "O3'" . DA B 2 5  ? -7.62982  4.08066   -3.62939  1.000 118.68904 ? 123 DA B "O3'" 1 
ATOM 495 C "C2'" . DA B 2 5  ? -7.76337  1.70245   -3.16509  1.000 119.17666 ? 123 DA B "C2'" 1 
ATOM 496 C "C1'" . DA B 2 5  ? -6.28169  1.76094   -2.88642  1.000 119.08704 ? 123 DA B "C1'" 1 
ATOM 497 N N9    . DA B 2 5  ? -5.55509  0.49279   -2.87419  1.000 119.31229 ? 123 DA B N9    1 
ATOM 498 C C8    . DA B 2 5  ? -5.62168  -0.50238  -1.93790  1.000 119.51152 ? 123 DA B C8    1 
ATOM 499 N N7    . DA B 2 5  ? -4.79401  -1.50032  -2.16637  1.000 119.67623 ? 123 DA B N7    1 
ATOM 500 C C5    . DA B 2 5  ? -4.12530  -1.11730  -3.32034  1.000 119.58652 ? 123 DA B C5    1 
ATOM 501 C C6    . DA B 2 5  ? -3.11519  -1.73531  -4.09123  1.000 135.22852 ? 123 DA B C6    1 
ATOM 502 N N6    . DA B 2 5  ? -2.57954  -2.92543  -3.79554  1.000 119.90328 ? 123 DA B N6    1 
ATOM 503 N N1    . DA B 2 5  ? -2.67363  -1.07402  -5.18553  1.000 119.57138 ? 123 DA B N1    1 
ATOM 504 C C2    . DA B 2 5  ? -3.20949  0.11531   -5.48021  1.000 119.34867 ? 123 DA B C2    1 
ATOM 505 N N3    . DA B 2 5  ? -4.15577  0.78999   -4.83583  1.000 119.22671 ? 123 DA B N3    1 
ATOM 506 C C4    . DA B 2 5  ? -4.57542  0.11255   -3.75683  1.000 119.35538 ? 123 DA B C4    1 
ATOM 507 P P     . DC B 2 6  ? -8.53992  4.63500   -4.82673  1.000 104.13219 ? 124 DC B P     1 
ATOM 508 O OP1   . DC B 2 6  ? -7.60082  5.02773   -5.90597  1.000 104.02962 ? 124 DC B OP1   1 
ATOM 509 O OP2   . DC B 2 6  ? -9.43359  5.66875   -4.25695  1.000 103.95908 ? 124 DC B OP2   1 
ATOM 510 O "O5'" . DC B 2 6  ? -9.43804  3.36922   -5.23919  1.000 104.44450 ? 124 DC B "O5'" 1 
ATOM 511 C "C5'" . DC B 2 6  ? -9.75539  3.11913   -6.60130  1.000 105.00396 ? 124 DC B "C5'" 1 
ATOM 512 C "C4'" . DC B 2 6  ? -8.56382  2.53000   -7.32512  1.000 105.04026 ? 124 DC B "C4'" 1 
ATOM 513 O "O4'" . DC B 2 6  ? -7.85508  1.62230   -6.43733  1.000 104.77223 ? 124 DC B "O4'" 1 
ATOM 514 C "C3'" . DC B 2 6  ? -8.89612  1.71161   -8.58388  1.000 105.79031 ? 124 DC B "C3'" 1 
ATOM 515 O "O3'" . DC B 2 6  ? -7.90666  1.95902   -9.58207  1.000 105.83541 ? 124 DC B "O3'" 1 
ATOM 516 C "C2'" . DC B 2 6  ? -8.78446  0.28524   -8.06326  1.000 105.88440 ? 124 DC B "C2'" 1 
ATOM 517 C "C1'" . DC B 2 6  ? -7.57611  0.47343   -7.17635  1.000 105.15862 ? 124 DC B "C1'" 1 
ATOM 518 N N1    . DC B 2 6  ? -7.25578  -0.65247  -6.29403  1.000 120.77252 ? 124 DC B N1    1 
ATOM 519 C C2    . DC B 2 6  ? -6.17206  -1.42813  -6.63975  1.000 105.36277 ? 124 DC B C2    1 
ATOM 520 O O2    . DC B 2 6  ? -5.54654  -1.11915  -7.65711  1.000 105.32287 ? 124 DC B O2    1 
ATOM 521 N N3    . DC B 2 6  ? -5.83070  -2.47357  -5.86575  1.000 105.53921 ? 124 DC B N3    1 
ATOM 522 C C4    . DC B 2 6  ? -6.54159  -2.75076  -4.77606  1.000 105.58937 ? 124 DC B C4    1 
ATOM 523 N N4    . DC B 2 6  ? -6.15838  -3.80010  -4.04268  1.000 105.77369 ? 124 DC B N4    1 
ATOM 524 C C5    . DC B 2 6  ? -7.67392  -1.96164  -4.39236  1.000 105.46280 ? 124 DC B C5    1 
ATOM 525 C C6    . DC B 2 6  ? -7.99638  -0.92747  -5.18199  1.000 105.28015 ? 124 DC B C6    1 
ATOM 526 P P     . DA B 2 7  ? -8.22487  2.87376   -10.86637 1.000 104.07230 ? 125 DA B P     1 
ATOM 527 O OP1   . DA B 2 7  ? -7.14271  3.87303   -10.97967 1.000 103.58128 ? 125 DA B OP1   1 
ATOM 528 O OP2   . DA B 2 7  ? -9.62516  3.33560   -10.78369 1.000 104.33952 ? 125 DA B OP2   1 
ATOM 529 O "O5'" . DA B 2 7  ? -8.09657  1.85766   -12.09652 1.000 104.79021 ? 125 DA B "O5'" 1 
ATOM 530 C "C5'" . DA B 2 7  ? -7.31742  0.66975   -11.95610 1.000 104.80050 ? 125 DA B "C5'" 1 
ATOM 531 C "C4'" . DA B 2 7  ? -7.10890  -0.01365  -13.29589 1.000 105.50160 ? 125 DA B "C4'" 1 
ATOM 532 O "O4'" . DA B 2 7  ? -6.52218  -1.30903  -13.08188 1.000 105.57245 ? 125 DA B "O4'" 1 
ATOM 533 C "C3'" . DA B 2 7  ? -8.37352  -0.30742  -14.07165 1.000 106.29166 ? 125 DA B "C3'" 1 
ATOM 534 O "O3'" . DA B 2 7  ? -8.06367  -0.49390  -15.44945 1.000 106.89695 ? 125 DA B "O3'" 1 
ATOM 535 C "C2'" . DA B 2 7  ? -8.85509  -1.60396  -13.43304 1.000 106.47992 ? 125 DA B "C2'" 1 
ATOM 536 C "C1'" . DA B 2 7  ? -7.54667  -2.28246  -13.02178 1.000 106.08519 ? 125 DA B "C1'" 1 
ATOM 537 N N9    . DA B 2 7  ? -7.58195  -2.80586  -11.66904 1.000 105.62066 ? 125 DA B N9    1 
ATOM 538 C C8    . DA B 2 7  ? -8.29726  -2.31642  -10.61028 1.000 105.24425 ? 125 DA B C8    1 
ATOM 539 N N7    . DA B 2 7  ? -8.12814  -2.99552  -9.50127  1.000 104.89308 ? 125 DA B N7    1 
ATOM 540 C C5    . DA B 2 7  ? -7.24172  -3.99598  -9.86028  1.000 105.03459 ? 125 DA B C5    1 
ATOM 541 C C6    . DA B 2 7  ? -6.65823  -5.05111  -9.13705  1.000 104.82223 ? 125 DA B C6    1 
ATOM 542 N N6    . DA B 2 7  ? -6.89657  -5.27760  -7.84071  1.000 104.40582 ? 125 DA B N6    1 
ATOM 543 N N1    . DA B 2 7  ? -5.81555  -5.86697  -9.79855  1.000 105.07441 ? 125 DA B N1    1 
ATOM 544 C C2    . DA B 2 7  ? -5.57768  -5.63785  -11.09403 1.000 105.52478 ? 125 DA B C2    1 
ATOM 545 N N3    . DA B 2 7  ? -6.06347  -4.68290  -11.87853 1.000 105.76761 ? 125 DA B N3    1 
ATOM 546 C C4    . DA B 2 7  ? -6.89647  -3.88911  -11.19424 1.000 105.48988 ? 125 DA B C4    1 
ATOM 547 O "O5'" . DG C 3 1  ? -13.38427 -8.84072  -14.89739 1.000 149.46630 ? 209 DG C "O5'" 1 
ATOM 548 C "C5'" . DG C 3 1  ? -12.35401 -7.98629  -14.40875 1.000 149.14981 ? 209 DG C "C5'" 1 
ATOM 549 C "C4'" . DG C 3 1  ? -11.57874 -7.36094  -15.55725 1.000 149.29782 ? 209 DG C "C4'" 1 
ATOM 550 O "O4'" . DG C 3 1  ? -10.79761 -6.24665  -15.08077 1.000 149.10798 ? 209 DG C "O4'" 1 
ATOM 551 C "C3'" . DG C 3 1  ? -10.59317 -8.28848  -16.25206 1.000 149.50668 ? 209 DG C "C3'" 1 
ATOM 552 O "O3'" . DG C 3 1  ? -10.68864 -8.11573  -17.65735 1.000 149.97369 ? 209 DG C "O3'" 1 
ATOM 553 C "C2'" . DG C 3 1  ? -9.20791  -7.86625  -15.72102 1.000 149.30619 ? 209 DG C "C2'" 1 
ATOM 554 C "C1'" . DG C 3 1  ? -9.48980  -6.68292  -14.79485 1.000 149.00356 ? 209 DG C "C1'" 1 
ATOM 555 N N9    . DG C 3 1  ? -9.41129  -6.98645  -13.35808 1.000 148.68874 ? 209 DG C N9    1 
ATOM 556 C C8    . DG C 3 1  ? -10.16486 -6.39676  -12.37344 1.000 148.55711 ? 209 DG C C8    1 
ATOM 557 N N7    . DG C 3 1  ? -9.90782  -6.83841  -11.17936 1.000 148.42384 ? 209 DG C N7    1 
ATOM 558 C C5    . DG C 3 1  ? -8.91157  -7.78383  -11.36752 1.000 148.42489 ? 209 DG C C5    1 
ATOM 559 C C6    . DG C 3 1  ? -8.24413  -8.58526  -10.41672 1.000 148.39082 ? 209 DG C C6    1 
ATOM 560 O O6    . DG C 3 1  ? -8.41745  -8.60724  -9.19262  1.000 148.36587 ? 209 DG C O6    1 
ATOM 561 N N1    . DG C 3 1  ? -7.29804  -9.41954  -11.00906 1.000 148.52148 ? 209 DG C N1    1 
ATOM 562 C C2    . DG C 3 1  ? -7.03072  -9.47126  -12.35705 1.000 148.71700 ? 209 DG C C2    1 
ATOM 563 N N2    . DG C 3 1  ? -6.08061  -10.34256 -12.74150 1.000 148.96856 ? 209 DG C N2    1 
ATOM 564 N N3    . DG C 3 1  ? -7.65158  -8.71827  -13.26739 1.000 148.78255 ? 209 DG C N3    1 
ATOM 565 C C4    . DG C 3 1  ? -8.58288  -7.89726  -12.70233 1.000 148.60034 ? 209 DG C C4    1 
ATOM 566 P P     . DG C 3 2  ? -10.17217 -9.26172  -18.65792 1.000 153.39030 ? 210 DG C P     1 
ATOM 567 O OP1   . DG C 3 2  ? -9.17149  -8.64244  -19.55493 1.000 153.78466 ? 210 DG C OP1   1 
ATOM 568 O OP2   . DG C 3 2  ? -11.36505 -9.93912  -19.21543 1.000 153.71891 ? 210 DG C OP2   1 
ATOM 569 O "O5'" . DG C 3 2  ? -9.40573  -10.29949 -17.71330 1.000 153.16975 ? 210 DG C "O5'" 1 
ATOM 570 C "C5'" . DG C 3 2  ? -7.98352  -10.38774 -17.76118 1.000 153.28309 ? 210 DG C "C5'" 1 
ATOM 571 C "C4'" . DG C 3 2  ? -7.46942  -11.41898 -16.77387 1.000 153.12696 ? 210 DG C "C4'" 1 
ATOM 572 O "O4'" . DG C 3 2  ? -7.86512  -11.06122 -15.42072 1.000 152.57096 ? 210 DG C "O4'" 1 
ATOM 573 C "C3'" . DG C 3 2  ? -8.00004  -12.83769 -16.97808 1.000 153.50776 ? 210 DG C "C3'" 1 
ATOM 574 O "O3'" . DG C 3 2  ? -6.98787  -13.75562 -16.60125 1.000 153.71134 ? 210 DG C "O3'" 1 
ATOM 575 C "C2'" . DG C 3 2  ? -9.15747  -12.88462 -15.98029 1.000 153.14465 ? 210 DG C "C2'" 1 
ATOM 576 C "C1'" . DG C 3 2  ? -8.46870  -12.19253 -14.82906 1.000 152.63881 ? 210 DG C "C1'" 1 
ATOM 577 N N9    . DG C 3 2  ? -9.31007  -11.75354 -13.71552 1.000 152.28415 ? 210 DG C N9    1 
ATOM 578 C C8    . DG C 3 2  ? -10.35349 -10.85858 -13.74539 1.000 152.14563 ? 210 DG C C8    1 
ATOM 579 N N7    . DG C 3 2  ? -10.87473 -10.63222 -12.56610 1.000 151.96565 ? 210 DG C N7    1 
ATOM 580 C C5    . DG C 3 2  ? -10.11208 -11.41131 -11.70065 1.000 151.96745 ? 210 DG C C5    1 
ATOM 581 C C6    . DG C 3 2  ? -10.20132 -11.58113 -10.29277 1.000 151.94222 ? 210 DG C C6    1 
ATOM 582 O O6    . DG C 3 2  ? -10.99908 -11.05550 -9.50326  1.000 151.93499 ? 210 DG C O6    1 
ATOM 583 N N1    . DG C 3 2  ? -9.23158  -12.46524 -9.81536  1.000 152.06303 ? 210 DG C N1    1 
ATOM 584 C C2    . DG C 3 2  ? -8.30001  -13.10115 -10.60022 1.000 152.20627 ? 210 DG C C2    1 
ATOM 585 N N2    . DG C 3 2  ? -7.44669  -13.92082 -9.97145  1.000 152.40075 ? 210 DG C N2    1 
ATOM 586 N N3    . DG C 3 2  ? -8.20732  -12.94886 -11.91336 1.000 152.27786 ? 210 DG C N3    1 
ATOM 587 C C4    . DG C 3 2  ? -9.14085  -12.09499 -12.39321 1.000 152.14196 ? 210 DG C C4    1 
ATOM 588 P P     . DC C 3 3  ? -6.06153  -14.46021 -17.70457 1.000 165.95158 ? 211 DC C P     1 
ATOM 589 O OP1   . DC C 3 3  ? -4.65590  -14.23460 -17.29798 1.000 165.92303 ? 211 DC C OP1   1 
ATOM 590 O OP2   . DC C 3 3  ? -6.52401  -14.01261 -19.03548 1.000 166.35926 ? 211 DC C OP2   1 
ATOM 591 O "O5'" . DC C 3 3  ? -6.41495  -16.01277 -17.54884 1.000 166.42025 ? 211 DC C "O5'" 1 
ATOM 592 C "C5'" . DC C 3 3  ? -7.68773  -16.40319 -17.01977 1.000 166.26083 ? 211 DC C "C5'" 1 
ATOM 593 C "C4'" . DC C 3 3  ? -7.53647  -16.95915 -15.61406 1.000 166.03943 ? 211 DC C "C4'" 1 
ATOM 594 O "O4'" . DC C 3 3  ? -8.15185  -16.06793 -14.64150 1.000 165.36222 ? 211 DC C "O4'" 1 
ATOM 595 C "C3'" . DC C 3 3  ? -8.16868  -18.33113 -15.38122 1.000 167.32260 ? 211 DC C "C3'" 1 
ATOM 596 O "O3'" . DC C 3 3  ? -7.26140  -19.11745 -14.63848 1.000 167.79771 ? 211 DC C "O3'" 1 
ATOM 597 C "C2'" . DC C 3 3  ? -9.42285  -17.99390 -14.56629 1.000 166.88117 ? 211 DC C "C2'" 1 
ATOM 598 C "C1'" . DC C 3 3  ? -8.91276  -16.83854 -13.73620 1.000 165.51040 ? 211 DC C "C1'" 1 
ATOM 599 N N1    . DC C 3 3  ? -9.97297  -15.95400 -13.13489 1.000 165.07588 ? 211 DC C N1    1 
ATOM 600 C C2    . DC C 3 3  ? -10.08264 -15.84742 -11.73881 1.000 166.76021 ? 211 DC C C2    1 
ATOM 601 O O2    . DC C 3 3  ? -9.32732  -16.51530 -11.02187 1.000 166.87144 ? 211 DC C O2    1 
ATOM 602 N N3    . DC C 3 3  ? -11.02398 -15.01934 -11.21117 1.000 168.31424 ? 211 DC C N3    1 
ATOM 603 C C4    . DC C 3 3  ? -11.81999 -14.31605 -12.01926 1.000 165.56084 ? 211 DC C C4    1 
ATOM 604 N N4    . DC C 3 3  ? -12.73324 -13.51222 -11.46000 1.000 165.46929 ? 211 DC C N4    1 
ATOM 605 C C5    . DC C 3 3  ? -11.71522 -14.40427 -13.43976 1.000 164.69585 ? 211 DC C C5    1 
ATOM 606 C C6    . DC C 3 3  ? -10.78605 -15.22277 -13.94805 1.000 164.98300 ? 211 DC C C6    1 
ATOM 607 P P     . DT C 3 4  ? -7.46199  -20.70031 -14.46796 1.000 176.60879 ? 212 DT C P     1 
ATOM 608 O OP1   . DT C 3 4  ? -6.63008  -21.36859 -15.49030 1.000 177.34381 ? 212 DT C OP1   1 
ATOM 609 O OP2   . DT C 3 4  ? -8.90170  -21.02338 -14.37837 1.000 176.81083 ? 212 DT C OP2   1 
ATOM 610 O "O5'" . DT C 3 4  ? -6.80199  -20.97046 -13.04398 1.000 176.48502 ? 212 DT C "O5'" 1 
ATOM 611 C "C5'" . DT C 3 4  ? -6.66877  -22.27727 -12.56450 1.000 177.27471 ? 212 DT C "C5'" 1 
ATOM 612 C "C4'" . DT C 3 4  ? -7.74868  -22.58694 -11.55177 1.000 177.38564 ? 212 DT C "C4'" 1 
ATOM 613 O "O4'" . DT C 3 4  ? -8.57257  -21.41110 -11.31088 1.000 176.60444 ? 212 DT C "O4'" 1 
ATOM 614 C "C3'" . DT C 3 4  ? -8.70937  -23.69965 -11.97535 1.000 178.48171 ? 212 DT C "C3'" 1 
ATOM 615 O "O3'" . DT C 3 4  ? -8.75041  -24.69831 -10.97650 1.000 179.94598 ? 212 DT C "O3'" 1 
ATOM 616 C "C2'" . DT C 3 4  ? -10.05352 -22.98208 -12.11712 1.000 178.45382 ? 212 DT C "C2'" 1 
ATOM 617 C "C1'" . DT C 3 4  ? -9.89131  -21.85061 -11.12282 1.000 177.02554 ? 212 DT C "C1'" 1 
ATOM 618 N N1    . DT C 3 4  ? -10.84961 -20.71630 -11.33225 1.000 176.41238 ? 212 DT C N1    1 
ATOM 619 C C2    . DT C 3 4  ? -11.31376 -20.02018 -10.24001 1.000 176.04186 ? 212 DT C C2    1 
ATOM 620 O O2    . DT C 3 4  ? -10.96299 -20.26108 -9.10156  1.000 176.17645 ? 212 DT C O2    1 
ATOM 621 N N3    . DT C 3 4  ? -12.19687 -19.01284 -10.53368 1.000 175.61081 ? 212 DT C N3    1 
ATOM 622 C C4    . DT C 3 4  ? -12.65997 -18.65264 -11.78947 1.000 175.51608 ? 212 DT C C4    1 
ATOM 623 O O4    . DT C 3 4  ? -13.44914 -17.73545 -11.96334 1.000 175.19918 ? 212 DT C O4    1 
ATOM 624 C C5    . DT C 3 4  ? -12.14945 -19.43132 -12.88642 1.000 175.93979 ? 212 DT C C5    1 
ATOM 625 C C7    . DT C 3 4  ? -12.59411 -19.13029 -14.28981 1.000 176.02003 ? 212 DT C C7    1 
ATOM 626 C C6    . DT C 3 4  ? -11.28480 -20.41997 -12.60827 1.000 176.37553 ? 212 DT C C6    1 
ATOM 627 P P     . DC C 3 5  ? -8.49292  -26.23467 -11.36495 1.000 202.58497 ? 213 DC C P     1 
ATOM 628 O OP1   . DC C 3 5  ? -7.94262  -26.90592 -10.16666 1.000 202.29051 ? 213 DC C OP1   1 
ATOM 629 O OP2   . DC C 3 5  ? -7.73116  -26.25361 -12.63376 1.000 200.59370 ? 213 DC C OP2   1 
ATOM 630 O "O5'" . DC C 3 5  ? -9.95636  -26.80916 -11.67425 1.000 204.35914 ? 213 DC C "O5'" 1 
ATOM 631 C "C5'" . DC C 3 5  ? -10.77618 -27.31313 -10.61498 1.000 205.03956 ? 213 DC C "C5'" 1 
ATOM 632 C "C4'" . DC C 3 5  ? -11.15037 -26.20898 -9.64071  1.000 203.34312 ? 213 DC C "C4'" 1 
ATOM 633 O "O4'" . DC C 3 5  ? -11.46168 -24.99719 -10.37953 1.000 201.40896 ? 213 DC C "O4'" 1 
ATOM 634 C "C3'" . DC C 3 5  ? -12.38473 -26.48715 -8.77786  1.000 203.37186 ? 213 DC C "C3'" 1 
ATOM 635 O "O3'" . DC C 3 5  ? -12.21245 -25.90026 -7.48512  1.000 202.48051 ? 213 DC C "O3'" 1 
ATOM 636 C "C2'" . DC C 3 5  ? -13.47530 -25.77215 -9.55829  1.000 201.65865 ? 213 DC C "C2'" 1 
ATOM 637 C "C1'" . DC C 3 5  ? -12.71781 -24.52589 -9.96297  1.000 200.41136 ? 213 DC C "C1'" 1 
ATOM 638 N N1    . DC C 3 5  ? -13.34092 -23.75356 -11.06908 1.000 193.12290 ? 213 DC C N1    1 
ATOM 639 C C2    . DC C 3 5  ? -14.04992 -22.58753 -10.76982 1.000 192.13938 ? 213 DC C C2    1 
ATOM 640 O O2    . DC C 3 5  ? -14.14860 -22.23320 -9.58743  1.000 191.95977 ? 213 DC C O2    1 
ATOM 641 N N3    . DC C 3 5  ? -14.61115 -21.88202 -11.78163 1.000 191.55349 ? 213 DC C N3    1 
ATOM 642 C C4    . DC C 3 5  ? -14.47545 -22.30491 -13.04131 1.000 191.94134 ? 213 DC C C4    1 
ATOM 643 N N4    . DC C 3 5  ? -15.04342 -21.58040 -14.00846 1.000 191.49141 ? 213 DC C N4    1 
ATOM 644 C C5    . DC C 3 5  ? -13.75089 -23.48999 -13.36529 1.000 192.96318 ? 213 DC C C5    1 
ATOM 645 C C6    . DC C 3 5  ? -13.20609 -24.17702 -12.35775 1.000 193.51700 ? 213 DC C C6    1 
ATOM 646 P P     . DG C 3 6  ? -13.28468 -26.16502 -6.31329  1.000 225.67129 ? 214 DG C P     1 
ATOM 647 O OP1   . DG C 3 6  ? -12.56015 -26.10858 -5.02318  1.000 225.65612 ? 214 DG C OP1   1 
ATOM 648 O OP2   . DG C 3 6  ? -14.04503 -27.38257 -6.67463  1.000 228.24085 ? 214 DG C OP2   1 
ATOM 649 O "O5'" . DG C 3 6  ? -14.28468 -24.91183 -6.39992  1.000 225.53343 ? 214 DG C "O5'" 1 
ATOM 650 C "C5'" . DG C 3 6  ? -14.70998 -24.24504 -5.20382  1.000 225.43715 ? 214 DG C "C5'" 1 
ATOM 651 C "C4'" . DG C 3 6  ? -16.22564 -24.28963 -5.04653  1.000 226.91667 ? 214 DG C "C4'" 1 
ATOM 652 O "O4'" . DG C 3 6  ? -16.85979 -23.62436 -6.16997  1.000 228.18591 ? 214 DG C "O4'" 1 
ATOM 653 C "C3'" . DG C 3 6  ? -16.83552 -25.68526 -4.98411  1.000 228.46982 ? 214 DG C "C3'" 1 
ATOM 654 O "O3'" . DG C 3 6  ? -17.93584 -25.69572 -4.08157  1.000 228.07831 ? 214 DG C "O3'" 1 
ATOM 655 C "C2'" . DG C 3 6  ? -17.28646 -25.93084 -6.42186  1.000 230.17206 ? 214 DG C "C2'" 1 
ATOM 656 C "C1'" . DG C 3 6  ? -17.68470 -24.53194 -6.87890  1.000 229.76236 ? 214 DG C "C1'" 1 
ATOM 657 N N9    . DG C 3 6  ? -17.46743 -24.30976 -8.30421  1.000 220.68997 ? 214 DG C N9    1 
ATOM 658 C C8    . DG C 3 6  ? -16.53804 -24.92996 -9.09749  1.000 220.81058 ? 214 DG C C8    1 
ATOM 659 N N7    . DG C 3 6  ? -16.55400 -24.52588 -10.33508 1.000 220.16441 ? 214 DG C N7    1 
ATOM 660 C C5    . DG C 3 6  ? -17.55992 -23.57107 -10.36629 1.000 219.51684 ? 214 DG C C5    1 
ATOM 661 C C6    . DG C 3 6  ? -18.03492 -22.78869 -11.44162 1.000 218.80273 ? 214 DG C C6    1 
ATOM 662 O O6    . DG C 3 6  ? -17.64410 -22.78976 -12.61689 1.000 218.60934 ? 214 DG C O6    1 
ATOM 663 N N1    . DG C 3 6  ? -19.06820 -21.94083 -11.04607 1.000 218.44069 ? 214 DG C N1    1 
ATOM 664 C C2    . DG C 3 6  ? -19.57467 -21.86329 -9.76894  1.000 218.80396 ? 214 DG C C2    1 
ATOM 665 N N2    . DG C 3 6  ? -20.56962 -20.98824 -9.57249  1.000 218.53552 ? 214 DG C N2    1 
ATOM 666 N N3    . DG C 3 6  ? -19.13651 -22.59310 -8.75195  1.000 219.52926 ? 214 DG C N3    1 
ATOM 667 C C4    . DG C 3 6  ? -18.13135 -23.42211 -9.12235  1.000 219.82140 ? 214 DG C C4    1 
ATOM 668 O "O5'" . DT D 4 1  ? 6.41499   13.62875  26.04274  1.000 200.71733 ? 202 DT D "O5'" 1 
ATOM 669 C "C5'" . DT D 4 1  ? 6.21016   15.02814  26.19569  1.000 201.78511 ? 202 DT D "C5'" 1 
ATOM 670 C "C4'" . DT D 4 1  ? 6.85834   15.79968  25.06044  1.000 200.27584 ? 202 DT D "C4'" 1 
ATOM 671 O "O4'" . DT D 4 1  ? 8.26482   15.44082  24.95223  1.000 199.09205 ? 202 DT D "O4'" 1 
ATOM 672 C "C3'" . DT D 4 1  ? 6.25638   15.55037  23.66636  1.000 198.67181 ? 202 DT D "C3'" 1 
ATOM 673 O "O3'" . DT D 4 1  ? 6.02484   16.81789  23.00639  1.000 198.71726 ? 202 DT D "O3'" 1 
ATOM 674 C "C2'" . DT D 4 1  ? 7.34408   14.72170  22.96863  1.000 196.61615 ? 202 DT D "C2'" 1 
ATOM 675 C "C1'" . DT D 4 1  ? 8.56949   15.35567  23.58580  1.000 197.06191 ? 202 DT D "C1'" 1 
ATOM 676 N N1    . DT D 4 1  ? 9.86410   14.62628  23.37951  1.000 195.68627 ? 202 DT D N1    1 
ATOM 677 C C2    . DT D 4 1  ? 10.95464  15.36003  23.00331  1.000 195.16392 ? 202 DT D C2    1 
ATOM 678 O O2    . DT D 4 1  ? 10.91185  16.56505  22.83850  1.000 195.64347 ? 202 DT D O2    1 
ATOM 679 N N3    . DT D 4 1  ? 12.10969  14.65478  22.83125  1.000 194.15998 ? 202 DT D N3    1 
ATOM 680 C C4    . DT D 4 1  ? 12.27376  13.28640  22.99038  1.000 193.59931 ? 202 DT D C4    1 
ATOM 681 O O4    . DT D 4 1  ? 13.35301  12.72911  22.81063  1.000 192.72653 ? 202 DT D O4    1 
ATOM 682 C C5    . DT D 4 1  ? 11.08261  12.56215  23.38454  1.000 194.18151 ? 202 DT D C5    1 
ATOM 683 C C7    . DT D 4 1  ? 11.13968  11.07592  23.58840  1.000 193.74403 ? 202 DT D C7    1 
ATOM 684 C C6    . DT D 4 1  ? 9.94315   13.25897  23.55783  1.000 195.17963 ? 202 DT D C6    1 
ATOM 685 P P     . DG D 4 2  ? 6.24807   16.97768  21.41996  1.000 196.68567 ? 203 DG D P     1 
ATOM 686 O OP1   . DG D 4 2  ? 5.53675   15.85987  20.75253  1.000 195.62927 ? 203 DG D OP1   1 
ATOM 687 O OP2   . DG D 4 2  ? 7.69724   17.21080  21.20977  1.000 195.89913 ? 203 DG D OP2   1 
ATOM 688 O "O5'" . DG D 4 2  ? 5.52409   18.35936  21.02985  1.000 197.38578 ? 203 DG D "O5'" 1 
ATOM 689 C "C5'" . DG D 4 2  ? 4.83969   18.47850  19.76711  1.000 196.35205 ? 203 DG D "C5'" 1 
ATOM 690 C "C4'" . DG D 4 2  ? 5.43535   19.57556  18.88694  1.000 195.75540 ? 203 DG D "C4'" 1 
ATOM 691 O "O4'" . DG D 4 2  ? 6.86687   19.39815  18.78103  1.000 194.84982 ? 203 DG D "O4'" 1 
ATOM 692 C "C3'" . DG D 4 2  ? 4.96354   19.55285  17.44519  1.000 194.39509 ? 203 DG D "C3'" 1 
ATOM 693 O "O3'" . DG D 4 2  ? 5.23726   20.81114  16.82325  1.000 194.44094 ? 203 DG D "O3'" 1 
ATOM 694 C "C2'" . DG D 4 2  ? 5.83952   18.44544  16.86837  1.000 192.62691 ? 203 DG D "C2'" 1 
ATOM 695 C "C1'" . DG D 4 2  ? 7.17417   18.71432  17.57238  1.000 192.94396 ? 203 DG D "C1'" 1 
ATOM 696 N N9    . DG D 4 2  ? 7.91145   17.50855  17.93308  1.000 192.25310 ? 203 DG D N9    1 
ATOM 697 C C8    . DG D 4 2  ? 7.40443   16.38932  18.53589  1.000 192.47898 ? 203 DG D C8    1 
ATOM 698 N N7    . DG D 4 2  ? 8.29845   15.47733  18.78259  1.000 191.83560 ? 203 DG D N7    1 
ATOM 699 C C5    . DG D 4 2  ? 9.47861   16.02141  18.30123  1.000 191.10764 ? 203 DG D C5    1 
ATOM 700 C C6    . DG D 4 2  ? 10.78262  15.48422  18.28417  1.000 190.26395 ? 203 DG D C6    1 
ATOM 701 O O6    . DG D 4 2  ? 11.16244  14.37963  18.70074  1.000 189.96684 ? 203 DG D O6    1 
ATOM 702 N N1    . DG D 4 2  ? 11.69060  16.36248  17.70258  1.000 189.80704 ? 203 DG D N1    1 
ATOM 703 C C2    . DG D 4 2  ? 11.37583  17.60672  17.20699  1.000 190.15244 ? 203 DG D C2    1 
ATOM 704 N N2    . DG D 4 2  ? 12.38615  18.31039  16.68581  1.000 189.70779 ? 203 DG D N2    1 
ATOM 705 N N3    . DG D 4 2  ? 10.15677  18.12324  17.22009  1.000 190.94546 ? 203 DG D N3    1 
ATOM 706 C C4    . DG D 4 2  ? 9.25971   17.27883  17.78060  1.000 191.37555 ? 203 DG D C4    1 
ATOM 707 P P     . DA D 4 3  ? 4.72131   21.11944  15.32883  1.000 186.80469 ? 204 DA D P     1 
ATOM 708 O OP1   . DA D 4 3  ? 4.73775   22.58964  15.15596  1.000 187.68616 ? 204 DA D OP1   1 
ATOM 709 O OP2   . DA D 4 3  ? 3.45684   20.37530  15.12543  1.000 186.72008 ? 204 DA D OP2   1 
ATOM 710 O "O5'" . DA D 4 3  ? 5.84948   20.47585  14.38681  1.000 184.84453 ? 204 DA D "O5'" 1 
ATOM 711 C "C5'" . DA D 4 3  ? 6.00810   20.91741  13.03444  1.000 183.73574 ? 204 DA D "C5'" 1 
ATOM 712 C "C4'" . DA D 4 3  ? 7.48067   21.11464  12.71277  1.000 182.91402 ? 204 DA D "C4'" 1 
ATOM 713 O "O4'" . DA D 4 3  ? 8.27694   20.25786  13.57302  1.000 182.80315 ? 204 DA D "O4'" 1 
ATOM 714 C "C3'" . DA D 4 3  ? 7.90670   20.72249  11.30826  1.000 181.08728 ? 204 DA D "C3'" 1 
ATOM 715 O "O3'" . DA D 4 3  ? 9.16790   21.33366  11.03756  1.000 180.79503 ? 204 DA D "O3'" 1 
ATOM 716 C "C2'" . DA D 4 3  ? 8.07215   19.21830  11.48509  1.000 180.08334 ? 204 DA D "C2'" 1 
ATOM 717 C "C1'" . DA D 4 3  ? 8.85352   19.22225  12.78940  1.000 181.04846 ? 204 DA D "C1'" 1 
ATOM 718 N N9    . DA D 4 3  ? 8.83257   17.97970  13.56852  1.000 180.98243 ? 204 DA D N9    1 
ATOM 719 C C8    . DA D 4 3  ? 7.79998   17.48206  14.31363  1.000 181.85406 ? 204 DA D C8    1 
ATOM 720 N N7    . DA D 4 3  ? 8.09256   16.36765  14.95068  1.000 181.68675 ? 204 DA D N7    1 
ATOM 721 C C5    . DA D 4 3  ? 9.41680   16.12826  14.61214  1.000 180.62629 ? 204 DA D C5    1 
ATOM 722 C C6    . DA D 4 3  ? 10.32679  15.09876  14.95819  1.000 180.00326 ? 204 DA D C6    1 
ATOM 723 N N6    . DA D 4 3  ? 10.01838  14.07099  15.75877  1.000 180.38685 ? 204 DA D N6    1 
ATOM 724 N N1    . DA D 4 3  ? 11.57519  15.16848  14.44076  1.000 179.03310 ? 204 DA D N1    1 
ATOM 725 C C2    . DA D 4 3  ? 11.88024  16.19295  13.63867  1.000 178.73402 ? 204 DA D C2    1 
ATOM 726 N N3    . DA D 4 3  ? 11.11827  17.20985  13.24575  1.000 179.26573 ? 204 DA D N3    1 
ATOM 727 C C4    . DA D 4 3  ? 9.88822   17.11882  13.77083  1.000 180.19868 ? 204 DA D C4    1 
ATOM 728 P P     . DC D 4 4  ? 9.41394   22.19822  9.70678   1.000 177.76856 ? 205 DC D P     1 
ATOM 729 O OP1   . DC D 4 4  ? 10.65734  22.97313  9.91467   1.000 178.14813 ? 205 DC D OP1   1 
ATOM 730 O OP2   . DC D 4 4  ? 8.15738   22.89034  9.35160   1.000 178.49214 ? 205 DC D OP2   1 
ATOM 731 O "O5'" . DC D 4 4  ? 9.71701   21.09652  8.59810   1.000 175.77592 ? 205 DC D "O5'" 1 
ATOM 732 C "C5'" . DC D 4 4  ? 10.67594  20.09360  8.86424   1.000 174.88863 ? 205 DC D "C5'" 1 
ATOM 733 C "C4'" . DC D 4 4  ? 10.63621  19.02138  7.79994   1.000 173.11621 ? 205 DC D "C4'" 1 
ATOM 734 O "O4'" . DC D 4 4  ? 10.52604  17.72614  8.43517   1.000 172.77380 ? 205 DC D "O4'" 1 
ATOM 735 C "C3'" . DC D 4 4  ? 9.44962   19.10363  6.84256   1.000 172.75708 ? 205 DC D "C3'" 1 
ATOM 736 O "O3'" . DC D 4 4  ? 9.79584   18.51143  5.57839   1.000 171.06633 ? 205 DC D "O3'" 1 
ATOM 737 C "C2'" . DC D 4 4  ? 8.41579   18.25286  7.57608   1.000 173.18128 ? 205 DC D "C2'" 1 
ATOM 738 C "C1'" . DC D 4 4  ? 9.31033   17.11660  8.04651   1.000 172.43306 ? 205 DC D "C1'" 1 
ATOM 739 N N1    . DC D 4 4  ? 8.78439   16.32303  9.20052   1.000 173.17737 ? 205 DC D N1    1 
ATOM 740 C C2    . DC D 4 4  ? 9.63745   15.41886  9.83074   1.000 172.83875 ? 205 DC D C2    1 
ATOM 741 O O2    . DC D 4 4  ? 10.79463  15.31573  9.40996   1.000 171.92316 ? 205 DC D O2    1 
ATOM 742 N N3    . DC D 4 4  ? 9.17597   14.68806  10.87470  1.000 173.58484 ? 205 DC D N3    1 
ATOM 743 C C4    . DC D 4 4  ? 7.91463   14.84021  11.28431  1.000 174.62618 ? 205 DC D C4    1 
ATOM 744 N N4    . DC D 4 4  ? 7.50146   14.09793  12.31916  1.000 175.41577 ? 205 DC D N4    1 
ATOM 745 C C5    . DC D 4 4  ? 7.02236   15.75985  10.64928  1.000 174.97407 ? 205 DC D C5    1 
ATOM 746 C C6    . DC D 4 4  ? 7.49428   16.47074  9.61642   1.000 174.22354 ? 205 DC D C6    1 
ATOM 747 P P     . DT D 4 5  ? 10.85270  19.20216  4.57365   1.000 160.37411 ? 206 DT D P     1 
ATOM 748 O OP1   . DT D 4 5  ? 11.53951  20.33804  5.22505   1.000 161.61000 ? 206 DT D OP1   1 
ATOM 749 O OP2   . DT D 4 5  ? 10.14136  19.46198  3.30453   1.000 159.78064 ? 206 DT D OP2   1 
ATOM 750 O "O5'" . DT D 4 5  ? 11.91144  18.03327  4.29133   1.000 158.86549 ? 206 DT D "O5'" 1 
ATOM 751 C "C5'" . DT D 4 5  ? 12.52543  17.33713  5.38431   1.000 159.07564 ? 206 DT D "C5'" 1 
ATOM 752 C "C4'" . DT D 4 5  ? 12.90821  15.92490  4.98092   1.000 157.55661 ? 206 DT D "C4'" 1 
ATOM 753 O "O4'" . DT D 4 5  ? 12.16645  14.96277  5.77933   1.000 157.81552 ? 206 DT D "O4'" 1 
ATOM 754 C "C3'" . DT D 4 5  ? 12.59767  15.57125  3.53689   1.000 156.14444 ? 206 DT D "C3'" 1 
ATOM 755 O "O3'" . DT D 4 5  ? 13.49882  14.57150  3.08617   1.000 154.75686 ? 206 DT D "O3'" 1 
ATOM 756 C "C2'" . DT D 4 5  ? 11.17538  15.03384  3.64738   1.000 156.32119 ? 206 DT D "C2'" 1 
ATOM 757 C "C1'" . DT D 4 5  ? 11.26143  14.24909  4.95277   1.000 156.88749 ? 206 DT D "C1'" 1 
ATOM 758 N N1    . DT D 4 5  ? 9.96027   14.13168  5.68149   1.000 157.94553 ? 206 DT D N1    1 
ATOM 759 C C2    . DT D 4 5  ? 9.86191   13.26372  6.74514   1.000 158.39703 ? 206 DT D C2    1 
ATOM 760 O O2    . DT D 4 5  ? 10.78163  12.56076  7.12115   1.000 157.95364 ? 206 DT D O2    1 
ATOM 761 N N3    . DT D 4 5  ? 8.63539   13.24017  7.35345   1.000 159.45685 ? 206 DT D N3    1 
ATOM 762 C C4    . DT D 4 5  ? 7.52080   13.98590  7.01766   1.000 160.09890 ? 206 DT D C4    1 
ATOM 763 O O4    . DT D 4 5  ? 6.46087   13.89476  7.62919   1.000 161.10558 ? 206 DT D O4    1 
ATOM 764 C C5    . DT D 4 5  ? 7.69178   14.87932  5.89694   1.000 159.57741 ? 206 DT D C5    1 
ATOM 765 C C7    . DT D 4 5  ? 6.55153   15.74064  5.43960   1.000 160.26569 ? 206 DT D C7    1 
ATOM 766 C C6    . DT D 4 5  ? 8.88978   14.90988  5.29076   1.000 158.54539 ? 206 DT D C6    1 
ATOM 767 P P     . DG D 4 6  ? 14.98997  14.97060  2.63746   1.000 154.25537 ? 207 DG D P     1 
ATOM 768 O OP1   . DG D 4 6  ? 15.73638  15.38033  3.84869   1.000 155.40061 ? 207 DG D OP1   1 
ATOM 769 O OP2   . DG D 4 6  ? 14.88913  15.88988  1.48193   1.000 154.02282 ? 207 DG D OP2   1 
ATOM 770 O "O5'" . DG D 4 6  ? 15.61591  13.59217  2.12934   1.000 152.66380 ? 207 DG D "O5'" 1 
ATOM 771 C "C5'" . DG D 4 6  ? 16.28484  12.74352  3.04975   1.000 152.68958 ? 207 DG D "C5'" 1 
ATOM 772 C "C4'" . DG D 4 6  ? 15.64791  11.36661  3.08733   1.000 151.94766 ? 207 DG D "C4'" 1 
ATOM 773 O "O4'" . DG D 4 6  ? 14.29344  11.45894  3.61020   1.000 152.84390 ? 207 DG D "O4'" 1 
ATOM 774 C "C3'" . DG D 4 6  ? 15.52510  10.66102  1.73237   1.000 150.33069 ? 207 DG D "C3'" 1 
ATOM 775 O "O3'" . DG D 4 6  ? 15.84856  9.28345   1.89261   1.000 149.49987 ? 207 DG D "O3'" 1 
ATOM 776 C "C2'" . DG D 4 6  ? 14.04613  10.84367  1.39786   1.000 150.57548 ? 207 DG D "C2'" 1 
ATOM 777 C "C1'" . DG D 4 6  ? 13.45129  10.69858  2.78243   1.000 151.86999 ? 207 DG D "C1'" 1 
ATOM 778 N N9    . DG D 4 6  ? 12.07431  11.17417  2.91214   1.000 152.74183 ? 207 DG D N9    1 
ATOM 779 C C8    . DG D 4 6  ? 11.41048  12.06150  2.10143   1.000 152.84649 ? 207 DG D C8    1 
ATOM 780 N N7    . DG D 4 6  ? 10.17251  12.27305  2.46758   1.000 153.76127 ? 207 DG D N7    1 
ATOM 781 C C5    . DG D 4 6  ? 10.01133  11.47486  3.59194   1.000 154.29897 ? 207 DG D C5    1 
ATOM 782 C C6    . DG D 4 6  ? 8.88390   11.28998  4.43102   1.000 155.40260 ? 207 DG D C6    1 
ATOM 783 O O6    . DG D 4 6  ? 7.76302   11.81361  4.34713   1.000 156.13676 ? 207 DG D O6    1 
ATOM 784 N N1    . DG D 4 6  ? 9.15551   10.39092  5.46180   1.000 155.70454 ? 207 DG D N1    1 
ATOM 785 C C2    . DG D 4 6  ? 10.36017  9.75594   5.65054   1.000 155.02270 ? 207 DG D C2    1 
ATOM 786 N N2    . DG D 4 6  ? 10.43942  8.92254   6.69523   1.000 155.52917 ? 207 DG D N2    1 
ATOM 787 N N3    . DG D 4 6  ? 11.41645  9.92339   4.87419   1.000 153.98695 ? 207 DG D N3    1 
ATOM 788 C C4    . DG D 4 6  ? 11.17315  10.79398  3.87319   1.000 153.68361 ? 207 DG D C4    1 
ATOM 789 P P     . DT D 4 7  ? 16.55991  8.46211   0.70873   1.000 147.77192 ? 208 DT D P     1 
ATOM 790 O OP1   . DT D 4 7  ? 17.99311  8.84110   0.69014   1.000 147.66955 ? 208 DT D OP1   1 
ATOM 791 O OP2   . DT D 4 7  ? 15.73240  8.63742   -0.50597  1.000 147.05508 ? 208 DT D OP2   1 
ATOM 792 O "O5'" . DT D 4 7  ? 16.43037  6.93272   1.17372   1.000 147.28574 ? 208 DT D "O5'" 1 
ATOM 793 C "C5'" . DT D 4 7  ? 15.14805  6.30806   1.22672   1.000 147.32094 ? 208 DT D "C5'" 1 
ATOM 794 C "C4'" . DT D 4 7  ? 14.88452  5.69757   2.59819   1.000 148.31340 ? 208 DT D "C4'" 1 
ATOM 795 O "O4'" . DT D 4 7  ? 14.13705  6.63847   3.40371   1.000 149.80616 ? 208 DT D "O4'" 1 
ATOM 796 C "C3'" . DT D 4 7  ? 14.09073  4.39194   2.57317   1.000 147.85222 ? 208 DT D "C3'" 1 
ATOM 797 O "O3'" . DT D 4 7  ? 14.95614  3.29829   2.86463   1.000 147.31274 ? 208 DT D "O3'" 1 
ATOM 798 C "C2'" . DT D 4 7  ? 13.01487  4.54333   3.65513   1.000 149.32073 ? 208 DT D "C2'" 1 
ATOM 799 C "C1'" . DT D 4 7  ? 12.99772  6.03565   3.98204   1.000 150.40332 ? 208 DT D "C1'" 1 
ATOM 800 N N1    . DT D 4 7  ? 11.77748  6.77537   3.50327   1.000 150.77998 ? 208 DT D N1    1 
ATOM 801 C C2    . DT D 4 7  ? 10.59918  6.69427   4.22313   1.000 151.87105 ? 208 DT D C2    1 
ATOM 802 O O2    . DT D 4 7  ? 10.47431  6.02474   5.23378   1.000 152.55438 ? 208 DT D O2    1 
ATOM 803 N N3    . DT D 4 7  ? 9.56067   7.42648   3.70268   1.000 152.19524 ? 208 DT D N3    1 
ATOM 804 C C4    . DT D 4 7  ? 9.58841   8.22134   2.56552   1.000 151.57518 ? 208 DT D C4    1 
ATOM 805 O O4    . DT D 4 7  ? 8.60972   8.84522   2.17672   1.000 151.99982 ? 208 DT D O4    1 
ATOM 806 C C5    . DT D 4 7  ? 10.85234  8.26479   1.87038   1.000 150.46837 ? 208 DT D C5    1 
ATOM 807 C C7    . DT D 4 7  ? 10.99868  9.08747   0.62616   1.000 149.81142 ? 208 DT D C7    1 
ATOM 808 C C6    . DT D 4 7  ? 11.87194  7.55441   2.36784   1.000 150.12753 ? 208 DT D C6    1 
# 
loop_
_atom_site_anisotrop.id 
_atom_site_anisotrop.type_symbol 
_atom_site_anisotrop.pdbx_label_atom_id 
_atom_site_anisotrop.pdbx_label_alt_id 
_atom_site_anisotrop.pdbx_label_comp_id 
_atom_site_anisotrop.pdbx_label_asym_id 
_atom_site_anisotrop.pdbx_label_seq_id 
_atom_site_anisotrop.pdbx_PDB_ins_code 
_atom_site_anisotrop.U[1][1] 
_atom_site_anisotrop.U[2][2] 
_atom_site_anisotrop.U[3][3] 
_atom_site_anisotrop.U[1][2] 
_atom_site_anisotrop.U[1][3] 
_atom_site_anisotrop.U[2][3] 
_atom_site_anisotrop.pdbx_auth_seq_id 
_atom_site_anisotrop.pdbx_auth_comp_id 
_atom_site_anisotrop.pdbx_auth_asym_id 
_atom_site_anisotrop.pdbx_auth_atom_id 
1   O "O5'" . DC A 1  ? 2.28095 5.11332 3.14786 -1.46454 0.73530  -1.59839 103 DC A "O5'" 
2   C "C5'" . DC A 1  ? 2.26657 5.11341 3.12606 -1.45792 0.72435  -1.57347 103 DC A "C5'" 
3   C "C4'" . DC A 1  ? 2.28016 5.06531 3.17060 -1.46983 0.74200  -1.55391 103 DC A "C4'" 
4   O "O4'" . DC A 1  ? 2.32786 5.08444 3.25472 -1.49901 0.77179  -1.58625 103 DC A "O4'" 
5   C "C3'" . DC A 1  ? 2.24303 4.96150 3.12997 -1.44784 0.73538  -1.50693 103 DC A "C3'" 
6   O "O3'" . DC A 1  ? 2.20172 4.93250 3.06252 -1.42323 0.71168  -1.46905 103 DC A "O3'" 
7   C "C2'" . DC A 1  ? 2.27667 4.93793 3.20443 -1.47018 0.76323  -1.50559 103 DC A "C2'" 
8   C "C1'" . DC A 1  ? 2.32791 5.00834 3.27911 -1.50018 0.78584  -1.55797 103 DC A "C1'" 
9   N N1    . DC A 1  ? 2.33692 4.97490 3.30121 -1.50323 0.79903  -1.56785 103 DC A N1    
10  C C2    . DC A 1  ? 2.34904 4.91390 3.34391 -1.51014 0.81918  -1.54897 103 DC A C2    
11  O O2    . DC A 1  ? 2.35182 4.88982 3.36164 -1.51340 0.82548  -1.52442 103 DC A O2    
12  N N3    . DC A 1  ? 2.35796 4.88468 3.36569 -1.51273 0.83167  -1.55717 103 DC A N3    
13  C C4    . DC A 1  ? 2.35463 4.91379 3.34550 -1.50889 0.82442  -1.58404 103 DC A C4    
14  N N4    . DC A 1  ? 2.36395 4.88351 3.36908 -1.51164 0.83758  -1.59129 103 DC A N4    
15  C C5    . DC A 1  ? 2.34213 4.97697 3.30121 -1.50160 0.80382  -1.60347 103 DC A C5    
16  C C6    . DC A 1  ? 2.33397 5.00573 3.28103 -1.49899 0.79193  -1.59407 103 DC A C6    
17  P P     . DG A 2  ? 2.19788 4.89903 3.07175 -1.42385 0.71523  -1.43702 104 DG A P     
18  O OP1   . DG A 2  ? 2.24309 4.96557 3.14358 -1.45327 0.73418  -1.46487 104 DG A OP1   
19  O OP2   . DG A 2  ? 2.15209 4.87455 2.99246 -1.39507 0.68773  -1.40417 104 DG A OP2   
20  O "O5'" . DG A 2  ? 2.19202 4.81165 3.08556 -1.42081 0.72807  -1.40854 104 DG A "O5'" 
21  C "C5'" . DG A 2  ? 2.21194 4.79090 3.13523 -1.43466 0.74655  -1.39373 104 DG A "C5'" 
22  C "C4'" . DG A 2  ? 2.19747 4.70515 3.13215 -1.42494 0.75372  -1.35951 104 DG A "C4'" 
23  O "O4'" . DG A 2  ? 2.21885 4.69971 3.17077 -1.43599 0.76981  -1.38040 104 DG A "O4'" 
24  C "C3'" . DG A 2  ? 2.14349 4.63869 3.04599 -1.39153 0.72871  -1.31969 104 DG A "C3'" 
25  O "O3'" . DG A 2  ? 2.13356 4.57199 3.04945 -1.38532 0.73603  -1.28104 104 DG A "O3'" 
26  C "C2'" . DG A 2  ? 2.13481 4.62659 3.02693 -1.38432 0.72445  -1.33307 104 DG A "C2'" 
27  C "C1'" . DG A 2  ? 2.18109 4.63913 3.11240 -1.41165 0.75513  -1.35722 104 DG A "C1'" 
28  N N9    . DG A 2  ? 2.19527 4.66639 3.12659 -1.41852 0.75951  -1.39134 104 DG A N9    
29  C C8    . DG A 2  ? 2.19383 4.72510 3.10292 -1.41712 0.74660  -1.42232 104 DG A C8    
30  N N7    . DG A 2  ? 2.21057 4.74059 3.12639 -1.42527 0.75572  -1.45024 104 DG A N7    
31  C C5    . DG A 2  ? 2.22454 4.68777 3.16997 -1.43285 0.77639  -1.43675 104 DG A C5    
32  C C6    . DG A 2  ? 2.24621 4.67698 3.21209 -1.44332 0.79446  -1.45432 104 DG A C6    
33  O O6    . DG A 2  ? 2.25725 4.71337 3.21827 -1.44833 0.79547  -1.48779 104 DG A O6    
34  N N1    . DG A 2  ? 2.25588 4.61918 3.25084 -1.44774 0.81343  -1.42831 104 DG A N1    
35  C C2    . DG A 2  ? 2.24580 4.57919 3.24827 -1.44261 0.81458  -1.39039 104 DG A C2    
36  N N2    . DG A 2  ? 2.25901 4.53018 3.29063 -1.44760 0.83517  -1.36791 104 DG A N2    
37  N N3    . DG A 2  ? 2.22535 4.58910 3.20840 -1.43313 0.79759  -1.37523 104 DG A N3    
38  C C4    . DG A 2  ? 2.21572 4.64303 3.17106 -1.42876 0.77913  -1.39989 104 DG A C4    
39  P P     . DA A 3  ? 2.12813 4.56428 3.04732 -1.38337 0.73487  -1.25409 105 DA A P     
40  O OP1   . DA A 3  ? 2.16835 4.63430 3.10855 -1.40931 0.74946  -1.28322 105 DA A OP1   
41  O OP2   . DA A 3  ? 2.08073 4.53717 2.96255 -1.35461 0.70632  -1.22786 105 DA A OP2   
42  O "O5'" . DA A 3  ? 2.13261 4.50049 3.07734 -1.38435 0.75274  -1.22145 105 DA A "O5'" 
43  C "C5'" . DA A 3  ? 2.09878 4.43054 3.02996 -1.36213 0.74327  -1.18968 105 DA A "C5'" 
44  C "C4'" . DA A 3  ? 2.11882 4.39037 3.08302 -1.37125 0.76784  -1.17231 105 DA A "C4'" 
45  O "O4'" . DA A 3  ? 2.14594 4.40670 3.12789 -1.38620 0.78309  -1.20183 105 DA A "O4'" 
46  C "C3'" . DA A 3  ? 2.08277 4.31534 3.03494 -1.34730 0.75892  -1.12906 105 DA A "C3'" 
47  O "O3'" . DA A 3  ? 2.10364 4.28602 3.08850 -1.35615 0.78305  -1.10617 105 DA A "O3'" 
48  C "C2'" . DA A 3  ? 2.06990 4.30333 3.00860 -1.33909 0.75052  -1.14296 105 DA A "C2'" 
49  C "C1'" . DA A 3  ? 2.11749 4.35495 3.08505 -1.36736 0.77340  -1.18527 105 DA A "C1'" 
50  N N9    . DA A 3  ? 2.11542 4.38984 3.06560 -1.36729 0.76259  -1.22047 105 DA A N9    
51  C C8    . DA A 3  ? 2.10499 4.43752 3.02890 -1.36335 0.74373  -1.24222 105 DA A C8    
52  N N7    . DA A 3  ? 2.10732 4.46598 3.02068 -1.36435 0.73856  -1.27199 105 DA A N7    
53  C C5    . DA A 3  ? 2.12090 4.43435 3.05574 -1.37024 0.75546  -1.27167 105 DA A C5    
54  C C6    . DA A 3  ? 2.12972 4.44316 3.06652 -1.37391 0.75971  -1.29661 105 DA A C6    
55  N N6    . DA A 3  ? 2.12637 4.49094 3.04179 -1.37227 0.74667  -1.32807 105 DA A N6    
56  N N1    . DA A 3  ? 2.14350 4.40405 3.10581 -1.37938 0.77881  -1.28766 105 DA A N1    
57  C C2    . DA A 3  ? 2.14783 4.36003 3.13179 -1.38034 0.79262  -1.25391 105 DA A C2    
58  N N3    . DA A 3  ? 2.14024 4.34889 3.12408 -1.37691 0.79012  -1.22782 105 DA A N3    
59  C C4    . DA A 3  ? 2.12651 4.38724 3.08483 -1.37210 0.77081  -1.23939 105 DA A C4    
60  P P     . DG A 4  ? 2.07213 4.21482 3.05020 -1.33393 0.77823  -1.05429 106 DG A P     
61  O OP1   . DG A 4  ? 2.10410 4.20433 3.12102 -1.34815 0.80742  -1.03598 106 DG A OP1   
62  O OP2   . DG A 4  ? 2.03486 4.20459 2.97953 -1.31404 0.75284  -1.03649 106 DG A OP2   
63  O "O5'" . DG A 4  ? 2.04968 4.17606 3.01435 -1.31920 0.76929  -1.05034 106 DG A "O5'" 
64  C "C5'" . DG A 4  ? 2.06036 4.13768 3.04906 -1.32045 0.78809  -1.02992 106 DG A "C5'" 
65  C "C4'" . DG A 4  ? 2.04514 4.11798 3.02202 -1.31113 0.77976  -1.03918 106 DG A "C4'" 
66  O "O4'" . DG A 4  ? 2.04935 4.16605 3.01135 -1.31784 0.76883  -1.08267 106 DG A "O4'" 
67  C "C3'" . DG A 4  ? 1.99502 4.06391 2.93913 -1.28114 0.75493  -1.00652 106 DG A "C3'" 
68  O "O3'" . DG A 4  ? 1.99372 4.01646 2.95416 -1.27500 0.76774  -0.97590 106 DG A "O3'" 
69  C "C2'" . DG A 4  ? 1.97609 4.08011 2.89236 -1.27318 0.73388  -1.03507 106 DG A "C2'" 
70  C "C1'" . DG A 4  ? 2.01833 4.14118 2.95524 -1.29967 0.75021  -1.08210 106 DG A "C1'" 
71  N N9    . DG A 4  ? 2.00927 4.18666 2.91953 -1.29792 0.73084  -1.11511 106 DG A N9    
72  C C8    . DG A 4  ? 1.99716 4.21528 2.88631 -1.29336 0.71474  -1.11909 106 DG A C8    
73  N N7    . DG A 4  ? 1.99280 4.25784 2.86154 -1.29226 0.70063  -1.14914 106 DG A N7    
74  C C5    . DG A 4  ? 2.00196 4.25723 2.87772 -1.29639 0.70717  -1.16760 106 DG A C5    
75  C C6    . DG A 4  ? 2.00275 4.29642 2.86365 -1.29690 0.69825  -1.20159 106 DG A C6    
76  O O6    . DG A 4  ? 1.99547 4.34178 2.83350 -1.29333 0.68250  -1.22111 106 DG A O6    
77  N N1    . DG A 4  ? 2.01410 4.28114 2.88980 -1.30181 0.71023  -1.21139 106 DG A N1    
78  C C2    . DG A 4  ? 2.02383 4.23370 2.92618 -1.30550 0.72894  -1.18951 106 DG A C2    
79  N N2    . DG A 4  ? 2.03482 4.22610 2.94931 -1.30990 0.73912  -1.20296 106 DG A N2    
80  N N3    . DG A 4  ? 2.02358 4.19827 2.94021 -1.30457 0.73780  -1.15579 106 DG A N3    
81  C C4    . DG A 4  ? 2.01219 4.21264 2.91390 -1.30008 0.72585  -1.14734 106 DG A C4    
82  P P     . DC A 5  ? 1.94712 3.95562 2.88165 -1.24553 0.74831  -0.93246 107 DC A P     
83  O OP1   . DC A 5  ? 1.95917 3.92344 2.92030 -1.24575 0.76984  -0.89460 107 DC A OP1   
84  O OP2   . DC A 5  ? 1.91543 3.95876 2.81491 -1.23083 0.72171  -0.92893 107 DC A OP2   
85  O "O5'" . DC A 5  ? 1.92971 3.93931 2.85069 -1.23569 0.73719  -0.94418 107 DC A "O5'" 
86  C "C5'" . DC A 5  ? 1.95958 3.94576 2.90921 -1.25039 0.75909  -0.95998 107 DC A "C5'" 
87  C "C4'" . DC A 5  ? 1.94967 3.96034 2.88189 -1.24752 0.74521  -0.99205 107 DC A "C4'" 
88  O "O4'" . DC A 5  ? 1.94821 4.00842 2.85969 -1.25185 0.72976  -1.02551 107 DC A "O4'" 
89  C "C3'" . DC A 5  ? 1.90447 3.91403 2.80745 -1.22047 0.72171  -0.96919 107 DC A "C3'" 
90  O "O3'" . DC A 5  ? 1.91863 3.91097 2.83418 -1.22633 0.73425  -0.98144 107 DC A "O3'" 
91  C "C2'" . DC A 5  ? 1.87922 3.93978 2.74464 -1.21038 0.69299  -0.99161 107 DC A "C2'" 
92  C "C1'" . DC A 5  ? 1.91786 4.00439 2.79843 -1.23559 0.70590  -1.03557 107 DC A "C1'" 
93  N N1    . DC A 5  ? 1.90518 4.04439 2.75707 -1.23171 0.68493  -1.05562 107 DC A N1    
94  C C2    . DC A 5  ? 1.90393 4.08299 2.73931 -1.23215 0.67358  -1.09030 107 DC A C2    
95  O O2    . DC A 5  ? 1.91260 4.08208 2.75678 -1.23596 0.68048  -1.10511 107 DC A O2    
96  N N3    . DC A 5  ? 1.89341 4.12161 2.70375 -1.22766 0.65577  -1.10536 107 DC A N3    
97  C C4    . DC A 5  ? 1.88487 4.12096 2.68753 -1.22368 0.64958  -1.08838 107 DC A C4    
98  N N4    . DC A 5  ? 1.87574 4.16091 2.65513 -1.21916 0.63304  -1.10280 107 DC A N4    
99  C C5    . DC A 5  ? 1.88611 4.08156 2.70515 -1.22386 0.66079  -1.05503 107 DC A C5    
100 C C6    . DC A 5  ? 1.89621 4.04526 2.73906 -1.22760 0.67808  -1.03924 107 DC A C6    
101 P P     . DC A 6  ? 1.88505 3.85578 2.78727 -1.20349 0.72374  -0.94793 108 DC A P     
102 O OP1   . DC A 6  ? 1.92009 3.84952 2.85575 -1.21786 0.75647  -0.93715 108 DC A OP1   
103 O OP2   . DC A 6  ? 1.83689 3.81443 2.70966 -1.17613 0.69609  -0.91061 108 DC A OP2   
104 O "O5'" . DC A 6  ? 1.87470 3.87099 2.76002 -1.19969 0.70986  -0.97982 108 DC A "O5'" 
105 C "C5'" . DC A 6  ? 1.88301 3.91990 2.75900 -1.20849 0.70147  -1.02047 108 DC A "C5'" 
106 C "C4'" . DC A 6  ? 1.86947 3.92995 2.72768 -1.20110 0.68762  -1.04397 108 DC A "C4'" 
107 O "O4'" . DC A 6  ? 1.88009 3.98586 2.72881 -1.21014 0.68033  -1.08370 108 DC A "O4'" 
108 C "C3'" . DC A 6  ? 1.81506 3.88377 2.63828 -1.16880 0.65615  -1.01414 108 DC A "C3'" 
109 O "O3'" . DC A 6  ? 1.80719 3.84334 2.63775 -1.16107 0.66210  -0.99290 108 DC A "O3'" 
110 C "C2'" . DC A 6  ? 1.80890 3.92720 2.60822 -1.16672 0.63924  -1.05072 108 DC A "C2'" 
111 C "C1'" . DC A 6  ? 1.84352 3.98837 2.65340 -1.18940 0.65053  -1.08523 108 DC A "C1'" 
112 N N1    . DC A 6  ? 1.82806 4.00160 2.61564 -1.18218 0.63445  -1.07698 108 DC A N1    
113 C C2    . DC A 6  ? 1.81524 4.04263 2.57340 -1.17502 0.61410  -1.09800 108 DC A C2    
114 O O2    . DC A 6  ? 1.81575 4.06898 2.56488 -1.17405 0.60854  -1.12310 108 DC A O2    
115 N N3    . DC A 6  ? 1.80337 4.05409 2.54434 -1.16899 0.60178  -1.08910 108 DC A N3    
116 C C4    . DC A 6  ? 1.80383 4.02698 2.55518 -1.17034 0.60859  -1.06265 108 DC A C4    
117 N N4    . DC A 6  ? 1.79238 4.03932 2.52691 -1.16437 0.59657  -1.05507 108 DC A N4    
118 C C5    . DC A 6  ? 1.81648 3.98735 2.59639 -1.17726 0.62865  -1.04134 108 DC A C5    
119 C C6    . DC A 6  ? 1.82859 3.97653 2.62606 -1.18295 0.64121  -1.04877 108 DC A C6    
120 P P     . DT A 7  ? 1.75356 3.77870 2.55785 -1.12794 0.63646  -0.94616 109 DT A P     
121 O OP1   . DT A 7  ? 1.75269 3.76384 2.56124 -1.12500 0.64144  -0.94628 109 DT A OP1   
122 O OP2   . DT A 7  ? 1.74734 3.74892 2.55582 -1.12317 0.64024  -0.90915 109 DT A OP2   
123 O "O5'" . DT A 7  ? 1.72409 3.79937 2.48704 -1.11308 0.60537  -0.96011 109 DT A "O5'" 
124 C "C5'" . DT A 7  ? 1.70243 3.79974 2.44409 -1.09941 0.58771  -0.97067 109 DT A "C5'" 
125 C "C4'" . DT A 7  ? 1.70517 3.85566 2.42581 -1.10219 0.57462  -1.00646 109 DT A "C4'" 
126 O "O4'" . DT A 7  ? 1.72084 3.88370 2.44429 -1.11358 0.57937  -1.01293 109 DT A "O4'" 
127 C "C3'" . DT A 7  ? 1.66510 3.84761 2.34598 -1.07680 0.54407  -0.99635 109 DT A "C3'" 
128 O "O3'" . DT A 7  ? 1.65451 3.84647 2.32751 -1.06823 0.53660  -1.00594 109 DT A "O3'" 
129 C "C2'" . DT A 7  ? 1.67527 3.90543 2.34210 -1.08342 0.53743  -1.02337 109 DT A "C2'" 
130 C "C1'" . DT A 7  ? 1.71168 3.92548 2.40807 -1.10803 0.56128  -1.03312 109 DT A "C1'" 
131 N N1    . DT A 7  ? 1.70553 3.92780 2.39231 -1.10569 0.55521  -1.01873 109 DT A N1    
132 C C2    . DT A 7  ? 1.69305 3.96179 2.35293 -1.09730 0.53698  -1.02906 109 DT A C2    
133 O O2    . DT A 7  ? 1.68575 3.99136 2.32758 -1.09051 0.52463  -1.04790 109 DT A O2    
134 N N3    . DT A 7  ? 1.68981 3.96164 2.34495 -1.09655 0.53414  -1.01521 109 DT A N3    
135 C C4    . DT A 7  ? 1.69786 3.93361 2.37119 -1.10334 0.54715  -0.99339 109 DT A C4    
136 O O4    . DT A 7  ? 1.69414 3.93763 2.36100 -1.10187 0.54319  -0.98295 109 DT A O4    
137 C C5    . DT A 7  ? 1.71140 3.90084 2.41237 -1.11169 0.56628  -0.98250 109 DT A C5    
138 C C7    . DT A 7  ? 1.72193 3.87184 2.44467 -1.11849 0.58247  -0.95619 109 DT A C7    
139 C C6    . DT A 7  ? 1.71487 3.89923 2.42180 -1.11264 0.56968  -0.99550 109 DT A C6    
140 P P     . DG A 8  ? 1.61988 3.78367 2.28373 -1.04559 0.52497  -0.96939 110 DG A P     
141 O OP1   . DG A 8  ? 1.60000 3.79755 2.23902 -1.03075 0.50582  -0.98151 110 DG A OP1   
142 O OP2   . DG A 8  ? 1.63872 3.75514 2.33703 -1.05710 0.54875  -0.95819 110 DG A OP2   
143 O "O5'" . DG A 8  ? 1.58998 3.74591 2.23342 -1.02790 0.50919  -0.93179 110 DG A "O5'" 
144 C "C5'" . DG A 8  ? 1.55706 3.74388 2.16399 -1.00595 0.48214  -0.92326 110 DG A "C5'" 
145 C "C4'" . DG A 8  ? 1.56691 3.79373 2.16167 -1.01203 0.47721  -0.94485 110 DG A "C4'" 
146 O "O4'" . DG A 8  ? 1.58738 3.79643 2.20082 -1.02752 0.49267  -0.94128 110 DG A "O4'" 
147 C "C3'" . DG A 8  ? 1.53507 3.78843 2.09513 -0.98995 0.45214  -0.92908 110 DG A "C3'" 
148 O "O3'" . DG A 8  ? 1.52432 3.81607 2.06390 -0.97907 0.43753  -0.94502 110 DG A "O3'" 
149 C "C2'" . DG A 8  ? 1.55151 3.82286 2.11329 -1.00156 0.45676  -0.93928 110 DG A "C2'" 
150 C "C1'" . DG A 8  ? 1.58862 3.83466 2.18627 -1.02795 0.48392  -0.95367 110 DG A "C1'" 
151 N N9    . DG A 8  ? 1.59918 3.82710 2.20869 -1.03699 0.49383  -0.94067 110 DG A N9    
152 C C8    . DG A 8  ? 1.61697 3.80326 2.25479 -1.04988 0.51427  -0.92781 110 DG A C8    
153 N N7    . DG A 8  ? 1.62422 3.80590 2.26660 -1.05572 0.51932  -0.91850 110 DG A N7    
154 C C5    . DG A 8  ? 1.61043 3.83259 2.22643 -1.04650 0.50120  -0.92641 110 DG A C5    
155 C C6    . DG A 8  ? 1.61044 3.84775 2.21892 -1.04716 0.49743  -0.92212 110 DG A C6    
156 O O6    . DG A 8  ? 1.62266 3.84060 2.24577 -1.05636 0.50921  -0.91066 110 DG A O6    
157 N N1    . DG A 8  ? 1.59471 3.87542 2.17628 -1.03515 0.47823  -0.93166 110 DG A N1    
158 C C2    . DG A 8  ? 1.58117 3.88792 2.14512 -1.02374 0.46464  -0.94306 110 DG A C2    
159 N N2    . DG A 8  ? 1.56828 3.91702 2.10861 -1.01241 0.44805  -0.94870 110 DG A N2    
160 N N3    . DG A 8  ? 1.58090 3.87467 2.15074 -1.02314 0.46759  -0.94788 110 DG A N3    
161 C C4    . DG A 8  ? 1.59563 3.84658 2.19182 -1.03493 0.48596  -0.93945 110 DG A C4    
162 P P     . DT A 9  ? 1.49022 3.77536 2.01063 -0.95469 0.41987  -0.92281 111 DT A P     
163 O OP1   . DT A 9  ? 1.50233 3.79240 2.03348 -0.96099 0.42680  -0.94484 111 DT A OP1   
164 O OP2   . DT A 9  ? 1.47129 3.71393 1.99342 -0.94529 0.41836  -0.88512 111 DT A OP2   
165 O "O5'" . DT A 9  ? 1.46731 3.79563 1.95374 -0.93496 0.39669  -0.91989 111 DT A "O5'" 
166 C "C5'" . DT A 9  ? 1.43644 3.75431 1.90260 -0.91441 0.38049  -0.88647 111 DT A "C5'" 
167 C "C4'" . DT A 9  ? 1.43824 3.77777 1.89473 -0.91488 0.37622  -0.88659 111 DT A "C4'" 
168 O "O4'" . DT A 9  ? 1.46327 3.78293 1.94323 -0.93606 0.39474  -0.89262 111 DT A "O4'" 
169 C "C3'" . DT A 9  ? 1.40742 3.73853 1.84244 -0.89373 0.35957  -0.85377 111 DT A "C3'" 
170 O "O3'" . DT A 9  ? 1.40357 3.77474 1.82148 -0.88660 0.34884  -0.85965 111 DT A "O3'" 
171 C "C2'" . DT A 9  ? 1.41505 3.70850 1.86624 -0.90440 0.37173  -0.83875 111 DT A "C2'" 
172 C "C1'" . DT A 9  ? 1.44962 3.75800 1.92080 -0.92845 0.38874  -0.86876 111 DT A "C1'" 
173 N N1    . DT A 9  ? 1.46908 3.74339 1.96491 -0.94606 0.40744  -0.86360 111 DT A N1    
174 C C2    . DT A 9  ? 1.47573 3.75574 1.97182 -0.95145 0.40975  -0.86095 111 DT A C2    
175 O O2    . DT A 9  ? 1.46618 3.77676 1.94410 -0.94255 0.39737  -0.86228 111 DT A O2    
176 N N3    . DT A 9  ? 1.49462 3.74351 2.01426 -0.96735 0.42778  -0.85543 111 DT A N3    
177 C C4    . DT A 9  ? 1.50805 3.72107 2.05186 -0.97809 0.44428  -0.85125 111 DT A C4    
178 O O4    . DT A 9  ? 1.52592 3.71339 2.09108 -0.99160 0.46098  -0.84430 111 DT A O4    
179 C C5    . DT A 9  ? 1.50028 3.70844 2.04360 -0.97191 0.44130  -0.85435 111 DT A C5    
180 C C7    . DT A 9  ? 1.51434 3.68443 2.08499 -0.98224 0.45940  -0.84895 111 DT A C7    
181 C C6    . DT A 9  ? 1.48090 3.71974 1.99986 -0.95632 0.42275  -0.86066 111 DT A C6    
182 P P     . DA A 10 ? 1.37427 3.77038 1.76369 -0.86022 0.32681  -0.84514 112 DA A P     
183 O OP1   . DA A 10 ? 1.38599 3.83352 1.76895 -0.86164 0.32377  -0.87052 112 DA A OP1   
184 O OP2   . DA A 10 ? 1.35391 3.72158 1.73863 -0.84739 0.32074  -0.82596 112 DA A OP2   
185 O "O5'" . DA A 10 ? 1.35879 3.75048 1.73667 -0.84983 0.31830  -0.82222 112 DA A "O5'" 
186 C "C5'" . DA A 10 ? 1.37051 3.79302 1.74781 -0.85549 0.31914  -0.83336 112 DA A "C5'" 
187 C "C4'" . DA A 10 ? 1.35656 3.76267 1.72762 -0.84768 0.31411  -0.80957 112 DA A "C4'" 
188 O "O4'" . DA A 10 ? 1.37334 3.75023 1.76308 -0.86573 0.32950  -0.81026 112 DA A "O4'" 
189 C "C3'" . DA A 10 ? 1.32638 3.70687 1.68214 -0.82699 0.30128  -0.77950 112 DA A "C3'" 
190 O "O3'" . DA A 10 ? 1.30737 3.71032 1.64485 -0.80800 0.28608  -0.76615 112 DA A "O3'" 
191 C "C2'" . DA A 10 ? 1.32680 3.66324 1.69263 -0.83436 0.30990  -0.76331 112 DA A "C2'" 
192 C "C1'" . DA A 10 ? 1.35684 3.69430 1.74388 -0.85829 0.32748  -0.78305 112 DA A "C1'" 
193 N N9    . DA A 10 ? 1.37050 3.67321 1.77741 -0.87294 0.34253  -0.78387 112 DA A N9    
194 C C8    . DA A 10 ? 1.36841 3.65561 1.78050 -0.87234 0.34463  -0.78431 112 DA A C8    
195 N N7    . DA A 10 ? 1.38369 3.63915 1.81748 -0.88706 0.36059  -0.78311 112 DA A N7    
196 C C5    . DA A 10 ? 1.39696 3.64714 1.83958 -0.89812 0.36947  -0.78196 112 DA A C5    
197 C C6    . DA A 10 ? 1.41700 3.63906 1.88276 -0.91526 0.38775  -0.77886 112 DA A C6    
198 N N6    . DA A 10 ? 1.42778 3.62026 1.91381 -0.92443 0.40133  -0.77582 112 DA A N6    
199 N N1    . DA A 10 ? 1.42624 3.65199 1.89490 -0.92227 0.39235  -0.77780 112 DA A N1    
200 C C2    . DA A 10 ? 1.41579 3.67111 1.86608 -0.91278 0.37951  -0.77993 112 DA A C2    
201 N N3    . DA A 10 ? 1.39736 3.68047 1.82656 -0.89645 0.36256  -0.78203 112 DA A N3    
202 C C4    . DA A 10 ? 1.38873 3.66773 1.81471 -0.88975 0.35827  -0.78287 112 DA A C4    
203 P P     . DC A 11 ? 1.31157 3.73184 1.64913 -0.80942 0.28569  -0.76470 113 DC A P     
204 O OP1   . DC A 11 ? 1.33578 3.79329 1.68278 -0.82366 0.29302  -0.79127 113 DC A OP1   
205 O OP2   . DC A 11 ? 1.28643 3.71419 1.60679 -0.78672 0.26997  -0.74348 113 DC A OP2   
206 O "O5'" . DC A 11 ? 1.31634 3.69663 1.66446 -0.82040 0.29590  -0.75390 113 DC A "O5'" 
207 C "C5'" . DC A 11 ? 1.33369 3.72109 1.69277 -0.83406 0.30509  -0.76218 113 DC A "C5'" 
208 C "C4'" . DC A 11 ? 1.32780 3.67998 1.68864 -0.83485 0.30843  -0.74242 113 DC A "C4'" 
209 O "O4'" . DC A 11 ? 1.33921 3.65715 1.71420 -0.84863 0.32137  -0.74212 113 DC A "O4'" 
210 C "C3'" . DC A 11 ? 1.29937 3.63650 1.64259 -0.81392 0.29450  -0.71665 113 DC A "C3'" 
211 O "O3'" . DC A 11 ? 1.29555 3.62897 1.63661 -0.81158 0.29353  -0.70541 113 DC A "O3'" 
212 C "C2'" . DC A 11 ? 1.29437 3.59290 1.64004 -0.81548 0.29825  -0.70485 113 DC A "C2'" 
213 C "C1'" . DC A 11 ? 1.32070 3.60563 1.68793 -0.83841 0.31661  -0.71719 113 DC A "C1'" 
214 N N1    . DC A 11 ? 1.32635 3.58331 1.70516 -0.84600 0.32533  -0.71590 113 DC A N1    
215 C C2    . DC A 11 ? 1.34440 3.57476 1.74261 -0.86277 0.34176  -0.71412 113 DC A C2    
216 O O2    . DC A 11 ? 1.35525 3.58580 1.75937 -0.87119 0.34846  -0.71419 113 DC A O2    
217 N N3    . DC A 11 ? 1.35002 3.55544 1.76142 -0.86903 0.35056  -0.71132 113 DC A N3    
218 C C4    . DC A 11 ? 1.33792 3.54457 1.74288 -0.85948 0.34301  -0.71141 113 DC A C4    
219 N N4    . DC A 11 ? 1.34427 3.52590 1.76457 -0.86597 0.35275  -0.70801 113 DC A N4    
220 C C5    . DC A 11 ? 1.31936 3.55331 1.70321 -0.84246 0.32584  -0.71374 113 DC A C5    
221 C C6    . DC A 11 ? 1.31441 3.57240 1.68627 -0.83617 0.31785  -0.71523 113 DC A C6    
222 P P     . DG A 12 ? 1.28822 3.65619 1.62195 -0.79993 0.28385  -0.70505 114 DG A P     
223 O OP1   . DG A 12 ? 1.29787 3.70428 1.63380 -0.80161 0.28248  -0.72436 114 DG A OP1   
224 O OP2   . DG A 12 ? 1.26267 3.61937 1.58142 -0.78000 0.27109  -0.68276 114 DG A OP2   
225 O "O5'" . DG A 12 ? 1.30307 3.67050 1.64782 -0.81257 0.29358  -0.70782 114 DG A "O5'" 
226 C "C5'" . DG A 12 ? 1.29295 3.63868 1.63337 -0.80744 0.29218  -0.68972 114 DG A "C5'" 
227 C "C4'" . DG A 12 ? 1.31276 3.64688 1.66698 -0.82551 0.30643  -0.69440 114 DG A "C4'" 
228 O "O4'" . DG A 12 ? 1.32702 3.63951 1.69173 -0.84025 0.31791  -0.70044 114 DG A "O4'" 
229 C "C3'" . DG A 12 ? 1.30509 3.61579 1.65511 -0.82237 0.30676  -0.67667 114 DG A "C3'" 
230 O "O3'" . DG A 12 ? 1.32421 3.63768 1.68726 -0.83713 0.31857  -0.68321 114 DG A "O3'" 
231 C "C2'" . DG A 12 ? 1.30044 3.57631 1.64769 -0.82372 0.30914  -0.66537 114 DG A "C2'" 
232 C "C1'" . DG A 12 ? 1.31918 3.59581 1.68056 -0.83869 0.31961  -0.68187 114 DG A "C1'" 
233 N N9    . DG A 12 ? 1.30966 3.57104 1.66657 -0.83327 0.31585  -0.67717 114 DG A N9    
234 C C8    . DG A 12 ? 1.29080 3.56285 1.63377 -0.81690 0.30219  -0.67384 114 DG A C8    
235 N N7    . DG A 12 ? 1.28577 3.54074 1.62807 -0.81522 0.30175  -0.66971 114 DG A N7    
236 C C5    . DG A 12 ? 1.30251 3.53330 1.66056 -0.83147 0.31646  -0.66963 114 DG A C5    
237 C C6    . DG A 12 ? 1.30592 3.51136 1.67286 -0.83688 0.32333  -0.66470 114 DG A C6    
238 O O6    . DG A 12 ? 1.29379 3.49355 1.65503 -0.82809 0.31688  -0.66020 114 DG A O6    
239 N N1    . DG A 12 ? 1.32590 3.51187 1.71139 -0.85382 0.33985  -0.66398 114 DG A N1    
240 C C2    . DG A 12 ? 1.34080 3.53178 1.73408 -0.86444 0.34829  -0.66831 114 DG A C2    
241 N N2    . DG A 12 ? 1.35999 3.52971 1.77241 -0.87992 0.36499  -0.66509 114 DG A N2    
242 N N3    . DG A 12 ? 1.33722 3.55245 1.72139 -0.85959 0.34135  -0.67379 114 DG A N3    
243 C C4    . DG A 12 ? 1.31783 3.55201 1.68503 -0.84292 0.32558  -0.67405 114 DG A C4    
244 P P     . DG A 13 ? 1.32985 3.61291 1.69632 -0.84522 0.32778  -0.67060 115 DG A P     
245 O OP1   . DG A 13 ? 1.34577 3.64351 1.72328 -0.85535 0.33608  -0.67805 115 DG A OP1   
246 O OP2   . DG A 13 ? 1.30818 3.57303 1.65871 -0.83035 0.31789  -0.65094 115 DG A OP2   
247 O "O5'" . DG A 13 ? 1.34504 3.60572 1.72348 -0.85999 0.34003  -0.67420 115 DG A "O5'" 
248 C "C5'" . DG A 13 ? 1.36384 3.60687 1.75635 -0.87575 0.35518  -0.67195 115 DG A "C5'" 
249 C "C4'" . DG A 13 ? 1.35877 3.56791 1.74950 -0.87507 0.35816  -0.65385 115 DG A "C4'" 
250 O "O4'" . DG A 13 ? 1.34956 3.55214 1.73687 -0.86933 0.35287  -0.65411 115 DG A "O4'" 
251 C "C3'" . DG A 13 ? 1.33998 3.53798 1.71355 -0.86186 0.34881  -0.63422 115 DG A "C3'" 
252 O "O3'" . DG A 13 ? 1.35170 3.54176 1.73096 -0.87037 0.35846  -0.62724 115 DG A "O3'" 
253 C "C2'" . DG A 13 ? 1.32775 3.50199 1.69480 -0.85525 0.34497  -0.61965 115 DG A "C2'" 
254 C "C1'" . DG A 13 ? 1.33488 3.51242 1.71255 -0.86065 0.34842  -0.63320 115 DG A "C1'" 
255 N N9    . DG A 13 ? 1.31406 3.49542 1.67736 -0.84527 0.33408  -0.63074 115 DG A N9    
256 C C8    . DG A 13 ? 1.29766 3.50072 1.64611 -0.83076 0.31973  -0.63386 115 DG A C8    
257 N N7    . DG A 13 ? 1.28134 3.48304 1.61961 -0.81857 0.30942  -0.62938 115 DG A N7    
258 C C5    . DG A 13 ? 1.28661 3.46379 1.63331 -0.82539 0.31708  -0.62299 115 DG A C5    
259 C C6    . DG A 13 ? 1.27491 3.44012 1.61747 -0.81785 0.31184  -0.61574 115 DG A C6    
260 O O6    . DG A 13 ? 1.25710 3.43160 1.58613 -0.80321 0.29872  -0.61388 115 DG A O6    
261 N N1    . DG A 13 ? 1.28650 3.42701 1.64414 -0.82878 0.32431  -0.60929 115 DG A N1    
262 C C2    . DG A 13 ? 1.30749 3.43636 1.68240 -0.84485 0.34040  -0.60920 115 DG A C2    
263 N N2    . DG A 13 ? 1.31693 3.42176 1.70737 -0.85278 0.35219  -0.59987 115 DG A N2    
264 N N3    . DG A 13 ? 1.31878 3.45890 1.69674 -0.85215 0.34525  -0.61623 115 DG A N3    
265 C C4    . DG A 13 ? 1.30704 3.47131 1.67010 -0.84178 0.33272  -0.62324 115 DG A C4    
266 P P     . DA A 14 ? 1.37540 3.54566 1.77457 -0.88827 0.37762  -0.62341 116 DA A P     
267 O OP1   . DA A 14 ? 1.39714 3.57874 1.81614 -0.90324 0.38914  -0.64264 116 DA A OP1   
268 O OP2   . DA A 14 ? 1.37809 3.54236 1.77390 -0.88941 0.38131  -0.61103 116 DA A OP2   
269 O "O5'" . DA A 14 ? 1.36842 3.51299 1.76681 -0.88502 0.37787  -0.60883 116 DA A "O5'" 
270 C "C5'" . DA A 14 ? 1.38784 3.51552 1.80791 -0.89894 0.39425  -0.60805 116 DA A "C5'" 
271 C "C4'" . DA A 14 ? 1.37972 3.48187 1.79781 -0.89370 0.39479  -0.58658 116 DA A "C4'" 
272 O "O4'" . DA A 14 ? 1.36070 3.46342 1.76751 -0.88168 0.38166  -0.58782 116 DA A "O4'" 
273 C "C3'" . DA A 14 ? 1.36898 3.46240 1.77193 -0.88562 0.38985  -0.56527 116 DA A "C3'" 
274 O "O3'" . DA A 14 ? 1.38303 3.45503 1.80059 -0.89354 0.40509  -0.54729 116 DA A "O3'" 
275 C "C2'" . DA A 14 ? 1.34172 3.43481 1.72258 -0.86795 0.37119  -0.55814 116 DA A "C2'" 
276 C "C1'" . DA A 14 ? 1.34235 3.43163 1.73339 -0.86921 0.37254  -0.56641 116 DA A "C1'" 
277 N N9    . DA A 14 ? 1.31904 3.41723 1.69187 -0.85366 0.35467  -0.56928 116 DA A N9    
278 C C8    . DA A 14 ? 1.30812 3.42907 1.66786 -0.84519 0.34237  -0.58203 116 DA A C8    
279 N N7    . DA A 14 ? 1.28826 3.41307 1.63403 -0.83102 0.32840  -0.58009 116 DA A N7    
280 C C5    . DA A 14 ? 1.28533 3.38844 1.63468 -0.83034 0.33107  -0.56598 116 DA A C5    
281 C C6    . DA A 14 ? 1.26755 3.36391 1.60743 -0.81819 0.32085  -0.55725 116 DA A C6    
282 N N6    . DA A 14 ? 1.24941 3.36073 1.57353 -0.80405 0.30570  -0.56189 116 DA A N6    
283 N N1    . DA A 14 ? 1.26958 3.34388 1.61793 -0.82060 0.32741  -0.54213 116 DA A N1    
284 C C2    . DA A 14 ? 1.28903 3.34901 1.65518 -0.83415 0.34409  -0.53543 116 DA A C2    
285 N N3    . DA A 14 ? 1.30747 3.37174 1.68382 -0.84644 0.35531  -0.54234 116 DA A N3    
286 C C4    . DA A 14 ? 1.30416 3.39061 1.67076 -0.84397 0.34747  -0.55847 116 DA A C4    
287 P P     . DC A 15 ? 1.37865 3.44166 1.78471 -0.88863 0.40462  -0.52364 117 DC A P     
288 O OP1   . DC A 15 ? 1.40402 3.45691 1.83163 -0.90238 0.42565  -0.51430 117 DC A OP1   
289 O OP2   . DC A 15 ? 1.36267 3.44171 1.74521 -0.87874 0.38912  -0.52774 117 DC A OP2   
290 O "O5'" . DC A 15 ? 1.36386 3.41065 1.76324 -0.87852 0.39866  -0.50537 117 DC A "O5'" 
291 C "C5'" . DC A 15 ? 1.36428 3.40231 1.77641 -0.87954 0.40163  -0.50962 117 DC A "C5'" 
292 C "C4'" . DC A 15 ? 1.34309 3.37177 1.74118 -0.86561 0.38953  -0.49418 117 DC A "C4'" 
293 O "O4'" . DC A 15 ? 1.32195 3.36402 1.70197 -0.85399 0.37073  -0.50768 117 DC A "O4'" 
294 C "C3'" . DC A 15 ? 1.33255 3.35781 1.71264 -0.85711 0.38280  -0.47253 117 DC A "C3'" 
295 O "O3'" . DC A 15 ? 1.32230 3.33360 1.70055 -0.84910 0.38008  -0.45377 117 DC A "O3'" 
296 C "C2'" . DC A 15 ? 1.31220 3.35520 1.66657 -0.84597 0.36269  -0.48425 117 DC A "C2'" 
297 C "C1'" . DC A 15 ? 1.30107 3.34565 1.65601 -0.84011 0.35494  -0.49519 117 DC A "C1'" 
298 N N1    . DC A 15 ? 1.28373 3.34716 1.62056 -0.82945 0.33793  -0.51064 117 DC A N1    
299 C C2    . DC A 15 ? 1.26278 3.32660 1.58622 -0.81558 0.32353  -0.50775 117 DC A C2    
300 O O2    . DC A 15 ? 1.25836 3.30713 1.58438 -0.81268 0.32434  -0.49320 117 DC A O2    
301 N N3    . DC A 15 ? 1.24865 3.32984 1.55815 -0.80535 0.30999  -0.51971 117 DC A N3    
302 C C4    . DC A 15 ? 1.25461 3.35250 1.56393 -0.80851 0.31055  -0.53378 117 DC A C4    
303 N N4    . DC A 15 ? 1.24100 3.35648 1.53875 -0.79731 0.29822  -0.54298 117 DC A N4    
304 C C5    . DC A 15 ? 1.27539 3.37327 1.59782 -0.82290 0.32451  -0.53774 117 DC A C5    
305 C C6    . DC A 15 ? 1.28932 3.36966 1.62475 -0.83293 0.33774  -0.52598 117 DC A C6    
306 P P     . DA A 16 ? 1.34394 3.33463 1.75028 -0.85629 0.39957  -0.43980 118 DA A P     
307 O OP1   . DA A 16 ? 1.36245 3.35046 1.79442 -0.86899 0.41384  -0.45752 118 DA A OP1   
308 O OP2   . DA A 16 ? 1.35493 3.33764 1.76473 -0.85832 0.41071  -0.41525 118 DA A OP2   
309 O "O5'" . DA A 16 ? 1.32232 3.30684 1.71862 -0.84288 0.38659  -0.43139 118 DA A "O5'" 
310 C "C5'" . DA A 16 ? 1.29756 3.29549 1.66825 -0.83024 0.36384  -0.44216 118 DA A "C5'" 
311 C "C4'" . DA A 16 ? 1.27949 3.27730 1.62681 -0.81757 0.35026  -0.42238 118 DA A "C4'" 
312 O "O4'" . DA A 16 ? 1.26591 3.28035 1.58879 -0.81078 0.33414  -0.43283 118 DA A "O4'" 
313 C "C3'" . DA A 16 ? 1.29244 3.28179 1.64512 -0.82195 0.36230  -0.39931 118 DA A "C3'" 
314 O "O3'" . DA A 16 ? 1.29336 3.26691 1.65785 -0.81876 0.36973  -0.37798 118 DA A "O3'" 
315 C "C2'" . DA A 16 ? 1.27854 3.28001 1.60254 -0.81379 0.34661  -0.39432 118 DA A "C2'" 
316 C "C1'" . DA A 16 ? 1.26609 3.28246 1.57595 -0.80958 0.33241  -0.41848 118 DA A "C1'" 
317 N N9    . DA A 16 ? 1.27802 3.30533 1.58844 -0.81786 0.33726  -0.43163 118 DA A N9    
318 C C8    . DA A 16 ? 1.29928 3.32442 1.62250 -0.82958 0.35320  -0.42628 118 DA A C8    
319 N N7    . DA A 16 ? 1.30581 3.34329 1.62687 -0.83482 0.35400  -0.44132 118 DA A N7    
320 C C5    . DA A 16 ? 1.28786 3.33638 1.59435 -0.82552 0.33803  -0.45684 118 DA A C5    
321 C C6    . DA A 16 ? 1.28509 3.34967 1.58484 -0.82457 0.33209  -0.47546 118 DA A C6    
322 N N6    . DA A 16 ? 1.30018 3.37254 1.60598 -0.83388 0.34088  -0.48270 118 DA A N6    
323 N N1    . DA A 16 ? 1.26662 3.33965 1.55418 -0.81299 0.31745  -0.48495 118 DA A N1    
324 C C2    . DA A 16 ? 1.25178 3.31749 1.53338 -0.80349 0.30886  -0.47724 118 DA A C2    
325 N N3    . DA A 16 ? 1.25212 3.30269 1.53875 -0.80367 0.31262  -0.46088 118 DA A N3    
326 C C4    . DA A 16 ? 1.27094 3.31344 1.57074 -0.81503 0.32779  -0.45108 118 DA A C4    
327 P P     . DG A 17 ? 1.30324 3.27575 1.64700 -0.80354 0.35374  -0.35895 119 DG A P     
328 O OP1   . DG A 17 ? 1.30471 3.26156 1.66729 -0.80147 0.36253  -0.34720 119 DG A OP1   
329 O OP2   . DG A 17 ? 1.30623 3.28366 1.63666 -0.80251 0.35321  -0.34132 119 DG A OP2   
330 O "O5'" . DG A 17 ? 1.27885 3.26505 1.59798 -0.79304 0.33015  -0.37766 119 DG A "O5'" 
331 C "C5'" . DG A 17 ? 1.25668 3.24244 1.55999 -0.77902 0.31421  -0.36896 119 DG A "C5'" 
332 C "C4'" . DG A 17 ? 1.24306 3.23837 1.51847 -0.77037 0.29896  -0.35918 119 DG A "C4'" 
333 O "O4'" . DG A 17 ? 1.24256 3.25162 1.50578 -0.77235 0.29301  -0.37727 119 DG A "O4'" 
334 C "C3'" . DG A 17 ? 1.25382 3.24585 1.52953 -0.77364 0.30714  -0.33595 119 DG A "C3'" 
335 O "O3'" . DG A 17 ? 1.24110 3.22912 1.50759 -0.76316 0.29915  -0.31450 119 DG A "O3'" 
336 C "C2'" . DG A 17 ? 1.25551 3.26189 1.51316 -0.77617 0.30133  -0.34281 119 DG A "C2'" 
337 C "C1'" . DG A 17 ? 1.24378 3.25952 1.49159 -0.77243 0.28972  -0.36769 119 DG A "C1'" 
338 N N9    . DG A 17 ? 1.25600 3.28068 1.50620 -0.78141 0.29557  -0.38404 119 DG A N9    
339 C C8    . DG A 17 ? 1.27793 3.30147 1.54229 -0.79406 0.31190  -0.38213 119 DG A C8    
340 N N7    . DG A 17 ? 1.28417 3.31773 1.54780 -0.79952 0.31331  -0.39972 119 DG A N7    
341 C C5    . DG A 17 ? 1.26560 3.30733 1.51465 -0.78949 0.29765  -0.41352 119 DG A C5    
342 C C6    . DG A 17 ? 1.26286 3.31753 1.50625 -0.78860 0.29267  -0.43328 119 DG A C6    
343 O O6    . DG A 17 ? 1.27621 3.33805 1.52596 -0.79725 0.30058  -0.44388 119 DG A O6    
344 N N1    . DG A 17 ? 1.24258 3.30237 1.47276 -0.77542 0.27754  -0.43924 119 DG A N1    
345 C C2    . DG A 17 ? 1.22682 3.27995 1.44916 -0.76490 0.26792  -0.42815 119 DG A C2    
346 N N2    . DG A 17 ? 1.20910 3.26889 1.41971 -0.75237 0.25466  -0.43472 119 DG A N2    
347 N N3    . DG A 17 ? 1.22872 3.26998 1.45562 -0.76599 0.27173  -0.41055 119 DG A N3    
348 C C4    . DG A 17 ? 1.24845 3.28464 1.48910 -0.77832 0.28686  -0.40394 119 DG A C4    
349 P P     . DT A 18 ? 1.46731 3.46643 1.70204 -0.74976 0.27543  -0.31199 120 DT A P     
350 O OP1   . DT A 18 ? 1.42441 3.43066 1.64913 -0.74482 0.26345  -0.33510 120 DT A OP1   
351 O OP2   . DT A 18 ? 1.43169 3.42388 1.66546 -0.74093 0.27166  -0.28995 120 DT A OP2   
352 O "O5'" . DT A 18 ? 1.48012 3.49081 1.69968 -0.75384 0.27445  -0.30523 120 DT A "O5'" 
353 C "C5'" . DT A 18 ? 1.43869 3.45990 1.63173 -0.74518 0.25766  -0.29782 120 DT A "C5'" 
354 C "C4'" . DT A 18 ? 1.40914 3.43673 1.58566 -0.73680 0.24173  -0.31641 120 DT A "C4'" 
355 O "O4'" . DT A 18 ? 1.42417 3.45430 1.60944 -0.74368 0.24801  -0.33895 120 DT A "O4'" 
356 C "C3'" . DT A 18 ? 1.39428 3.43464 1.54436 -0.73121 0.22747  -0.31551 120 DT A "C3'" 
357 O "O3'" . DT A 18 ? 1.38471 3.42587 1.52205 -0.71862 0.21289  -0.32172 120 DT A "O3'" 
358 C "C2'" . DT A 18 ? 1.41848 3.46736 1.56853 -0.74044 0.23343  -0.33226 120 DT A "C2'" 
359 C "C1'" . DT A 18 ? 1.41459 3.45716 1.58326 -0.74372 0.24132  -0.34930 120 DT A "C1'" 
360 N N1    . DT A 18 ? 1.43394 3.47954 1.61543 -0.75671 0.25516  -0.36080 120 DT A N1    
361 C C2    . DT A 18 ? 1.41089 3.46502 1.58913 -0.75747 0.25303  -0.38112 120 DT A C2    
362 O O2    . DT A 18 ? 1.38976 3.44903 1.55590 -0.74771 0.24121  -0.38970 120 DT A O2    
363 N N3    . DT A 18 ? 1.42755 3.48429 1.61873 -0.76967 0.26640  -0.38976 120 DT A N3    
364 C C4    . DT A 18 ? 1.44339 3.49455 1.65055 -0.78081 0.28203  -0.38006 120 DT A C4    
365 O O4    . DT A 18 ? 1.45409 3.50836 1.67230 -0.79115 0.29368  -0.38853 120 DT A O4    
366 C C5    . DT A 18 ? 1.44588 3.48755 1.65712 -0.77886 0.28476  -0.35791 120 DT A C5    
367 C C7    . DT A 18 ? 1.47252 3.50709 1.70335 -0.78908 0.30377  -0.34315 120 DT A C7    
368 C C6    . DT A 18 ? 1.45184 3.49154 1.65012 -0.76710 0.27101  -0.34970 120 DT A C6    
369 P P     . DC A 19 ? 1.49393 3.54630 1.60546 -0.71087 0.19815  -0.32293 121 DC A P     
370 O OP1   . DC A 19 ? 1.47501 3.52411 1.57809 -0.69657 0.18569  -0.32029 121 DC A OP1   
371 O OP2   . DC A 19 ? 1.49837 3.55848 1.60020 -0.71637 0.19858  -0.30840 121 DC A OP2   
372 O "O5'" . DC A 19 ? 1.49036 3.54972 1.60239 -0.71484 0.20099  -0.34598 121 DC A "O5'" 
373 C "C5'" . DC A 19 ? 1.48543 3.55389 1.58087 -0.70951 0.19214  -0.35327 121 DC A "C5'" 
374 C "C4'" . DC A 19 ? 1.49900 3.57724 1.59035 -0.72046 0.19797  -0.35825 121 DC A "C4'" 
375 O "O4'" . DC A 19 ? 1.51561 3.59201 1.62470 -0.73212 0.21198  -0.36543 121 DC A "O4'" 
376 C "C3'" . DC A 19 ? 1.50767 3.59240 1.58686 -0.72470 0.19594  -0.34115 121 DC A "C3'" 
377 O "O3'" . DC A 19 ? 1.50772 3.60345 1.56805 -0.72188 0.18733  -0.34562 121 DC A "O3'" 
378 C "C2'" . DC A 19 ? 1.52675 3.61388 1.61845 -0.73891 0.21036  -0.34033 121 DC A "C2'" 
379 C "C1'" . DC A 19 ? 1.52695 3.61174 1.63164 -0.74221 0.21750  -0.36125 121 DC A "C1'" 
380 N N1    . DC A 19 ? 1.54428 3.62606 1.66802 -0.75441 0.23333  -0.36251 121 DC A N1    
381 C C2    . DC A 19 ? 1.54980 3.63585 1.68150 -0.76100 0.24073  -0.38065 121 DC A C2    
382 O O2    . DC A 19 ? 1.54184 3.63372 1.66605 -0.75602 0.23435  -0.39478 121 DC A O2    
383 N N3    . DC A 19 ? 1.56622 3.64985 1.71522 -0.77227 0.25558  -0.38140 121 DC A N3    
384 C C4    . DC A 19 ? 1.57985 3.65619 1.73950 -0.77672 0.26420  -0.36437 121 DC A C4    
385 N N4    . DC A 19 ? 1.59989 3.67323 1.77835 -0.78771 0.28050  -0.36505 121 DC A N4    
386 C C5    . DC A 19 ? 1.58099 3.65289 1.73398 -0.76972 0.25753  -0.34493 121 DC A C5    
387 C C6    . DC A 19 ? 1.55656 3.63202 1.69072 -0.75892 0.24148  -0.34492 121 DC A C6    
388 P P     . DA A 20 ? 1.57785 3.68883 1.62880 -0.73314 0.19093  -0.34798 122 DA A P     
389 O OP1   . DA A 20 ? 1.58016 3.69919 1.61322 -0.72718 0.18061  -0.35293 122 DA A OP1   
390 O OP2   . DA A 20 ? 1.60547 3.72096 1.65743 -0.74072 0.19566  -0.32943 122 DA A OP2   
391 O "O5'" . DA A 20 ? 1.58308 3.69493 1.64746 -0.74116 0.20214  -0.36782 122 DA A "O5'" 
392 C "C5'" . DA A 20 ? 1.56582 3.67767 1.63170 -0.73572 0.20019  -0.38619 122 DA A "C5'" 
393 C "C4'" . DA A 20 ? 1.57245 3.69702 1.63215 -0.74292 0.20327  -0.39881 122 DA A "C4'" 
394 O "O4'" . DA A 20 ? 1.58519 3.71259 1.65746 -0.75469 0.21583  -0.40593 122 DA A "O4'" 
395 C "C3'" . DA A 20 ? 1.59762 3.73449 1.63879 -0.74705 0.19819  -0.38999 122 DA A "C3'" 
396 O "O3'" . DA A 20 ? 1.61241 3.75304 1.64210 -0.73974 0.18993  -0.39691 122 DA A "O3'" 
397 C "C2'" . DA A 20 ? 1.60399 3.75261 1.64754 -0.76108 0.20836  -0.39688 122 DA A "C2'" 
398 C "C1'" . DA A 20 ? 1.60425 3.74357 1.66819 -0.76516 0.21936  -0.40013 122 DA A "C1'" 
399 N N9    . DA A 20 ? 1.61653 3.75196 1.68753 -0.77022 0.22514  -0.38262 122 DA A N9    
400 C C8    . DA A 20 ? 1.61628 3.74886 1.68187 -0.76606 0.21960  -0.36259 122 DA A C8    
401 N N7    . DA A 20 ? 1.63174 3.76004 1.71008 -0.77169 0.22926  -0.34903 122 DA A N7    
402 C C5    . DA A 20 ? 1.64564 3.77405 1.73759 -0.78055 0.24168  -0.36138 122 DA A C5    
403 C C6    . DA A 20 ? 1.66547 3.78982 1.77590 -0.78961 0.25717  -0.35596 122 DA A C6    
404 N N6    . DA A 20 ? 1.67106 3.78934 1.79113 -0.79082 0.26400  -0.33543 122 DA A N6    
405 N N1    . DA A 20 ? 1.66864 3.79516 1.78891 -0.79704 0.26665  -0.37168 122 DA A N1    
406 C C2    . DA A 20 ? 1.66249 3.79498 1.77530 -0.79506 0.26108  -0.39102 122 DA A C2    
407 N N3    . DA A 20 ? 1.64501 3.78078 1.74256 -0.78656 0.24811  -0.39758 122 DA A N3    
408 C C4    . DA A 20 ? 1.63261 3.76597 1.71975 -0.77972 0.23872  -0.38212 122 DA A C4    
409 O "O5'" . DC B 1  ? 2.99994 1.46904 1.42978 -0.35534 0.25117  -0.05545 119 DC B "O5'" 
410 C "C5'" . DC B 1  ? 2.57350 1.37294 1.38585 -0.27352 0.17964  -0.09461 119 DC B "C5'" 
411 C "C4'" . DC B 1  ? 3.01016 1.48714 1.44131 -0.37060 0.25226  -0.05813 119 DC B "C4'" 
412 O "O4'" . DC B 1  ? 2.58337 1.39551 1.40153 -0.28413 0.17588  -0.09566 119 DC B "O4'" 
413 C "C3'" . DC B 1  ? 2.57311 1.43191 1.35205 -0.29153 0.21038  0.00582  119 DC B "C3'" 
414 O "O3'" . DC B 1  ? 2.58455 1.39625 1.39887 -0.29271 0.17916  -0.09818 119 DC B "O3'" 
415 C "C2'" . DC B 1  ? 2.57390 1.43495 1.35456 -0.29214 0.20954  0.00579  119 DC B "C2'" 
416 C "C1'" . DC B 1  ? 2.56202 1.42837 1.34653 -0.29319 0.20671  0.00592  119 DC B "C1'" 
417 N N1    . DC B 1  ? 2.56187 1.37765 1.38230 -0.28587 0.17488  -0.09574 119 DC B N1    
418 C C2    . DC B 1  ? 2.55868 1.38003 1.38157 -0.29074 0.17372  -0.09636 119 DC B C2    
419 O O2    . DC B 1  ? 2.56211 1.43821 1.35226 -0.30165 0.20512  0.00481  119 DC B O2    
420 N N3    . DC B 1  ? 2.55519 1.37764 1.37987 -0.28857 0.17242  -0.09560 119 DC B N3    
421 C C4    . DC B 1  ? 2.55498 1.37331 1.37904 -0.28195 0.17218  -0.09429 119 DC B C4    
422 N N4    . DC B 1  ? 2.55026 1.42161 1.34109 -0.28474 0.20041  0.00764  119 DC B N4    
423 C C5    . DC B 1  ? 2.55830 1.37098 1.37984 -0.27692 0.17340  -0.09366 119 DC B C5    
424 C C6    . DC B 1  ? 2.56159 1.37321 1.38144 -0.27907 0.17473  -0.09441 119 DC B C6    
425 P P     . DC B 2  ? 2.60452 1.46723 1.38351 -0.30252 0.21253  0.00407  120 DC B P     
426 O OP1   . DC B 2  ? 2.60530 1.46853 1.38408 -0.30398 0.21235  0.00393  120 DC B OP1   
427 O OP2   . DC B 2  ? 2.60688 1.46351 1.38212 -0.29891 0.21476  0.00436  120 DC B OP2   
428 O "O5'" . DC B 2  ? 2.62288 1.49175 1.40483 -0.30959 0.21216  0.00306  120 DC B "O5'" 
429 C "C5'" . DC B 2  ? 2.61200 1.48343 1.39614 -0.30964 0.21109  0.00312  120 DC B "C5'" 
430 C "C4'" . DC B 2  ? 2.60707 1.48062 1.39163 -0.31468 0.21258  0.00218  120 DC B "C4'" 
431 O "O4'" . DC B 2  ? 2.59691 1.47249 1.38342 -0.31412 0.21162  0.00230  120 DC B "O4'" 
432 C "C3'" . DC B 2  ? 2.62716 1.44421 1.43948 -0.30803 0.18281  -0.10219 120 DC B "C3'" 
433 O "O3'" . DC B 2  ? 2.61015 1.48125 1.39145 -0.31985 0.21664  0.00097  120 DC B "O3'" 
434 C "C2'" . DC B 2  ? 2.62241 1.48762 1.40216 -0.30876 0.21503  0.00277  120 DC B "C2'" 
435 C "C1'" . DC B 2  ? 2.61702 1.43681 1.43266 -0.30556 0.18096  -0.10120 120 DC B "C1'" 
436 N N1    . DC B 2  ? 3.04975 1.54092 1.48467 -0.39436 0.25532  -0.06271 120 DC B N1    
437 C C2    . DC B 2  ? 2.61056 1.43213 1.42978 -0.30057 0.17840  -0.09953 120 DC B C2    
438 O O2    . DC B 2  ? 2.61116 1.43829 1.43239 -0.30633 0.17794  -0.10053 120 DC B O2    
439 N N3    . DC B 2  ? 2.61479 1.43389 1.43438 -0.29493 0.17749  -0.09818 120 DC B N3    
440 C C4    . DC B 2  ? 3.04617 1.53167 1.48138 -0.37997 0.25236  -0.05977 120 DC B C4    
441 N N4    . DC B 2  ? 2.60937 1.47210 1.39249 -0.28845 0.20738  0.00646  120 DC B N4    
442 C C5    . DC B 2  ? 2.61050 1.47138 1.39094 -0.29308 0.21047  0.00552  120 DC B C5    
443 C C6    . DC B 2  ? 3.04685 1.53011 1.47822 -0.38601 0.25594  -0.06139 120 DC B C6    
444 P P     . DG B 3  ? 2.88999 1.37819 1.31536 -0.41433 0.26460  -0.06776 121 DG B P     
445 O OP1   . DG B 3  ? 2.45155 1.31968 1.22895 -0.32455 0.21995  -0.00001 121 DG B OP1   
446 O OP2   . DG B 3  ? 2.45389 1.31334 1.22755 -0.31374 0.22013  0.00158  121 DG B OP2   
447 O "O5'" . DG B 3  ? 2.45043 1.31972 1.22897 -0.32505 0.22040  -0.00026 121 DG B "O5'" 
448 C "C5'" . DG B 3  ? 2.46179 1.33760 1.24362 -0.33188 0.22022  -0.00131 121 DG B "C5'" 
449 C "C4'" . DG B 3  ? 2.45677 1.33663 1.24175 -0.33292 0.21910  -0.00143 121 DG B "C4'" 
450 O "O4'" . DG B 3  ? 2.45576 1.33314 1.24060 -0.32663 0.21750  -0.00031 121 DG B "O4'" 
451 C "C3'" . DG B 3  ? 2.45246 1.28213 1.26571 -0.32936 0.18636  -0.10752 121 DG B "C3'" 
452 O "O3'" . DG B 3  ? 2.44057 1.32590 1.22890 -0.33788 0.21966  -0.00242 121 DG B "O3'" 
453 C "C2'" . DG B 3  ? 2.46652 1.28932 1.27739 -0.32256 0.18699  -0.10630 121 DG B "C2'" 
454 C "C1'" . DG B 3  ? 2.46752 1.29113 1.28076 -0.31858 0.18496  -0.10493 121 DG B "C1'" 
455 N N9    . DG B 3  ? 2.47363 1.29052 1.28472 -0.31116 0.18516  -0.10347 121 DG B N9    
456 C C8    . DG B 3  ? 2.46585 1.32821 1.24216 -0.31343 0.21898  0.00166  121 DG B C8    
457 N N7    . DG B 3  ? 2.47396 1.27939 1.28021 -0.30082 0.18649  -0.10174 121 DG B N7    
458 C C5    . DG B 3  ? 2.47266 1.33301 1.24942 -0.30574 0.21656  0.00306  121 DG B C5    
459 C C6    . DG B 3  ? 2.45515 1.31260 1.23113 -0.29953 0.21517  0.00416  121 DG B C6    
460 O O6    . DG B 3  ? 2.88783 1.35547 1.30886 -0.37895 0.26088  -0.06099 121 DG B O6    
461 N N1    . DG B 3  ? 2.45234 1.26246 1.26468 -0.29522 0.18225  -0.09951 121 DG B N1    
462 C C2    . DG B 3  ? 2.44477 1.31330 1.22796 -0.30721 0.21335  0.00305  121 DG B C2    
463 N N2    . DG B 3  ? 2.43157 1.30367 1.21768 -0.30735 0.21174  0.00314  121 DG B N2    
464 N N3    . DG B 3  ? 2.46211 1.33335 1.24598 -0.31302 0.21475  0.00201  121 DG B N3    
465 C C4    . DG B 3  ? 2.90763 1.39617 1.33760 -0.40317 0.26102  -0.06527 121 DG B C4    
466 P P     . DT B 4  ? 2.37194 1.21152 1.18921 -0.33811 0.18618  -0.10931 122 DT B P     
467 O OP1   . DT B 4  ? 2.36048 1.25623 1.15412 -0.34890 0.22041  -0.00436 122 DT B OP1   
468 O OP2   . DT B 4  ? 2.37773 1.21409 1.19172 -0.33971 0.18827  -0.11023 122 DT B OP2   
469 O "O5'" . DT B 4  ? 2.36315 1.25113 1.15326 -0.34070 0.22080  -0.00315 122 DT B "O5'" 
470 C "C5'" . DT B 4  ? 2.36534 1.20554 1.18592 -0.33231 0.18412  -0.10753 122 DT B "C5'" 
471 C "C4'" . DT B 4  ? 2.36579 1.20162 1.18536 -0.32698 0.18411  -0.10644 122 DT B "C4'" 
472 O "O4'" . DT B 4  ? 2.36157 1.24119 1.14897 -0.32620 0.21764  -0.00046 122 DT B "O4'" 
473 C "C3'" . DT B 4  ? 2.36980 1.20362 1.18726 -0.32822 0.18581  -0.10718 122 DT B "C3'" 
474 O "O3'" . DT B 4  ? 2.79635 1.30853 1.23686 -0.42934 0.26351  -0.07059 122 DT B "O3'" 
475 C "C2'" . DT B 4  ? 2.37543 1.20125 1.18855 -0.32343 0.18699  -0.10650 122 DT B "C2'" 
476 C "C1'" . DT B 4  ? 2.36576 1.24011 1.14961 -0.32331 0.21870  -0.00006 122 DT B "C1'" 
477 N N1    . DT B 4  ? 2.38393 1.20000 1.19414 -0.31190 0.18622  -0.10391 122 DT B N1    
478 C C2    . DT B 4  ? 2.41033 1.27359 1.18811 -0.31108 0.21766  0.00212  122 DT B C2    
479 O O2    . DT B 4  ? 2.43049 1.29565 1.21027 -0.30954 0.21609  0.00247  122 DT B O2    
480 N N3    . DT B 4  ? 2.42005 1.27681 1.19363 -0.30616 0.21825  0.00291  122 DT B N3    
481 C C4    . DT B 4  ? 2.39813 1.19989 1.20119 -0.30122 0.18807  -0.10223 122 DT B C4    
482 O O4    . DT B 4  ? 2.38996 1.23790 1.15706 -0.30246 0.22057  0.00339  122 DT B O4    
483 C C5    . DT B 4  ? 2.82059 1.29806 1.24047 -0.40620 0.26733  -0.06686 122 DT B C5    
484 C C7    . DT B 4  ? 2.38663 1.24283 1.15702 -0.31629 0.22311  0.00091  122 DT B C7    
485 C C6    . DT B 4  ? 2.37471 1.23971 1.15174 -0.31928 0.22072  0.00053  122 DT B C6    
486 P P     . DA B 5  ? 2.29197 1.13062 1.11213 -0.33117 0.18569  -0.10778 123 DA B P     
487 O OP1   . DA B 5  ? 2.73779 1.26474 1.18645 -0.44062 0.26325  -0.07274 123 DA B OP1   
488 O OP2   . DA B 5  ? 2.28964 1.17688 1.07974 -0.34068 0.22252  -0.00351 123 DA B OP2   
489 O "O5'" . DA B 5  ? 2.28528 1.16986 1.07561 -0.33200 0.21929  -0.00174 123 DA B "O5'" 
490 C "C5'" . DA B 5  ? 2.28036 1.16682 1.07305 -0.32928 0.21718  -0.00112 123 DA B "C5'" 
491 C "C4'" . DA B 5  ? 2.72554 1.23194 1.16609 -0.41588 0.25982  -0.06747 123 DA B "C4'" 
492 O "O4'" . DA B 5  ? 2.75181 1.25157 1.18801 -0.41247 0.26082  -0.06698 123 DA B "O4'" 
493 C "C3'" . DA B 5  ? 2.72179 1.22198 1.15852 -0.41175 0.26014  -0.06672 123 DA B "C3'" 
494 O "O3'" . DA B 5  ? 2.28399 1.15650 1.06916 -0.31211 0.21374  0.00223  123 DA B "O3'" 
495 C "C2'" . DA B 5  ? 2.29926 1.11759 1.11132 -0.31164 0.18483  -0.10349 123 DA B "C2'" 
496 C "C1'" . DA B 5  ? 2.29191 1.16007 1.07278 -0.31459 0.21691  0.00160  123 DA B "C1'" 
497 N N9    . DA B 5  ? 2.29739 1.16127 1.07467 -0.31427 0.21851  0.00157  123 DA B N9    
498 C C8    . DA B 5  ? 2.29899 1.16509 1.07680 -0.31964 0.22028  0.00052  123 DA B C8    
499 N N7    . DA B 5  ? 2.30402 1.16510 1.07803 -0.31768 0.22136  0.00082  123 DA B N7    
500 C C5    . DA B 5  ? 2.31270 1.11574 1.11530 -0.30447 0.18807  -0.10288 123 DA B C5    
501 C C6    . DA B 5  ? 2.75451 1.21747 1.16609 -0.39406 0.26725  -0.06452 123 DA B C6    
502 N N6    . DA B 5  ? 2.31564 1.16100 1.07913 -0.30640 0.22250  0.00278  123 DA B N6    
503 N N1    . DA B 5  ? 2.31864 1.10888 1.11564 -0.29232 0.18829  -0.10048 123 DA B N1    
504 C C2    . DA B 5  ? 2.30766 1.15341 1.07364 -0.29719 0.21774  0.00466  123 DA B C2    
505 N N3    . DA B 5  ? 2.30236 1.15478 1.07294 -0.30175 0.21706  0.00389  123 DA B N3    
506 C C4    . DA B 5  ? 2.30842 1.11324 1.11329 -0.30245 0.18648  -0.10205 123 DA B C4    
507 P P     . DC B 6  ? 2.10107 0.97085 0.88462 -0.30871 0.21277  0.00295  124 DC B P     
508 O OP1   . DC B 6  ? 2.10921 0.92107 0.92237 -0.29577 0.18005  -0.09901 124 DC B OP1   
509 O OP2   . DC B 6  ? 2.09498 0.97150 0.88349 -0.31217 0.21192  0.00235  124 DC B OP2   
510 O "O5'" . DC B 6  ? 2.11385 0.92888 0.92569 -0.30535 0.18272  -0.10163 124 DC B "O5'" 
511 C "C5'" . DC B 6  ? 2.12520 0.90560 0.95886 -0.32163 0.19888  -0.02311 124 DC B "C5'" 
512 C "C4'" . DC B 6  ? 2.12908 0.90203 0.95993 -0.31539 0.19856  -0.02276 124 DC B "C4'" 
513 O "O4'" . DC B 6  ? 2.12565 0.92648 0.92874 -0.29792 0.18471  -0.10064 124 DC B "O4'" 
514 C "C3'" . DC B 6  ? 2.15156 0.90618 0.96182 -0.31398 0.20161  -0.02211 124 DC B "C3'" 
515 O "O3'" . DC B 6  ? 2.15725 0.90233 0.96169 -0.30647 0.20082  -0.02154 124 DC B "O3'" 
516 C "C2'" . DC B 6  ? 2.15074 0.90811 0.96429 -0.31698 0.20307  -0.02244 124 DC B "C2'" 
517 C "C1'" . DC B 6  ? 2.13030 0.90163 0.96362 -0.31448 0.19996  -0.02306 124 DC B "C1'" 
518 N N1    . DC B 6  ? 2.57246 1.03422 0.98214 -0.39447 0.26561  -0.06414 124 DC B N1    
519 C C2    . DC B 6  ? 2.14061 0.92865 0.93404 -0.29579 0.18877  -0.10127 124 DC B C2    
520 O O2    . DC B 6  ? 2.14310 0.92484 0.93385 -0.28920 0.18840  -0.09985 124 DC B O2    
521 N N3    . DC B 6  ? 2.13607 0.97789 0.89606 -0.30559 0.22203  0.00320  124 DC B N3    
522 C C4    . DC B 6  ? 2.14017 0.93597 0.93577 -0.30643 0.19052  -0.10389 124 DC B C4    
523 N N4    . DC B 6  ? 2.13566 0.98426 0.89899 -0.31602 0.22464  0.00114  124 DC B N4    
524 C C5    . DC B 6  ? 2.13511 0.93748 0.93451 -0.31029 0.18959  -0.10444 124 DC B C5    
525 C C6    . DC B 6  ? 2.13290 0.93431 0.93297 -0.30660 0.18822  -0.10332 124 DC B C6    
526 P P     . DA B 7  ? 2.14517 0.87584 0.93327 -0.30241 0.20114  -0.02079 125 DA B P     
527 O OP1   . DA B 7  ? 2.13473 0.86946 0.93143 -0.29636 0.19826  -0.02069 125 DA B OP1   
528 O OP2   . DA B 7  ? 2.15120 0.88081 0.93242 -0.30787 0.20224  -0.02097 125 DA B OP2   
529 O "O5'" . DA B 7  ? 2.16697 0.87871 0.93586 -0.29907 0.20379  -0.02021 125 DA B "O5'" 
530 C "C5'" . DA B 7  ? 2.16609 0.87776 0.93809 -0.29786 0.20458  -0.02030 125 DA B "C5'" 
531 C "C4'" . DA B 7  ? 2.18827 0.88000 0.94033 -0.29321 0.20684  -0.01959 125 DA B "C4'" 
532 O "O4'" . DA B 7  ? 2.18845 0.88008 0.94275 -0.29319 0.20804  -0.01972 125 DA B "O4'" 
533 C "C3'" . DA B 7  ? 2.21031 0.88691 0.94137 -0.29612 0.20946  -0.01940 125 DA B "C3'" 
534 O "O3'" . DA B 7  ? 2.23081 0.88788 0.94290 -0.28997 0.21071  -0.01868 125 DA B "O3'" 
535 C "C2'" . DA B 7  ? 2.21135 0.89102 0.94339 -0.30219 0.21146  -0.01986 125 DA B "C2'" 
536 C "C1'" . DA B 7  ? 2.19986 0.88641 0.94448 -0.29896 0.21064  -0.01981 125 DA B "C1'" 
537 N N9    . DA B 7  ? 2.18258 0.88597 0.94455 -0.30446 0.21005  -0.02052 125 DA B N9    
538 C C8    . DA B 7  ? 2.16909 0.88676 0.94295 -0.31034 0.20905  -0.02112 125 DA B C8    
539 N N7    . DA B 7  ? 2.15558 0.88622 0.94366 -0.31409 0.20865  -0.02169 125 DA B N7    
540 C C5    . DA B 7  ? 2.16019 0.88489 0.94576 -0.31054 0.20939  -0.02148 125 DA B C5    
541 C C6    . DA B 7  ? 2.15161 0.88374 0.94742 -0.31177 0.20932  -0.02192 125 DA B C6    
542 N N6    . DA B 7  ? 2.13594 0.88377 0.94723 -0.31706 0.20835  -0.02267 125 DA B N6    
543 N N1    . DA B 7  ? 2.16027 0.88266 0.94942 -0.30721 0.21033  -0.02160 125 DA B N1    
544 C C2    . DA B 7  ? 2.17676 0.88286 0.94983 -0.30166 0.21138  -0.02084 125 DA B C2    
545 N N3    . DA B 7  ? 2.18633 0.88389 0.94846 -0.29980 0.21144  -0.02036 125 DA B N3    
546 C C4    . DA B 7  ? 2.17697 0.88480 0.94638 -0.30458 0.21036  -0.02074 125 DA B C4    
547 O "O5'" . DG C 1  ? 1.76293 1.23684 2.67927 -0.49580 -1.10897 0.71352  209 DG C "O5'" 
548 C "C5'" . DG C 1  ? 1.76038 1.23349 2.67314 -0.49544 -1.09998 0.71121  209 DG C "C5'" 
549 C "C4'" . DG C 1  ? 1.77076 1.23042 2.67144 -0.49620 -1.09418 0.70682  209 DG C "C4'" 
550 O "O4'" . DG C 1  ? 1.76932 1.22829 2.66781 -0.49624 -1.08612 0.70536  209 DG C "O4'" 
551 C "C3'" . DG C 1  ? 1.77684 1.22939 2.67434 -0.49642 -1.09332 0.70441  209 DG C "C3'" 
552 O "O3'" . DG C 1  ? 1.79064 1.23005 2.67763 -0.49826 -1.09423 0.70275  209 DG C "O3'" 
553 C "C2'" . DG C 1  ? 1.77413 1.22699 2.67183 -0.49625 -1.08439 0.70262  209 DG C "C2'" 
554 C "C1'" . DG C 1  ? 1.76753 1.22656 2.66737 -0.49589 -1.08114 0.70374  209 DG C "C1'" 
555 N N9    . DG C 1  ? 1.75628 1.22710 2.66611 -0.49455 -1.08242 0.70598  209 DG C N9    
556 C C8    . DG C 1  ? 1.75028 1.22883 2.66538 -0.49434 -1.08457 0.70875  209 DG C C8    
557 N N7    . DG C 1  ? 1.74304 1.23052 2.66587 -0.49399 -1.08596 0.71134  209 DG C N7    
558 C C5    . DG C 1  ? 1.74342 1.22928 2.66676 -0.49350 -1.08490 0.70982  209 DG C C5    
559 C C6    . DG C 1  ? 1.73847 1.23074 2.66896 -0.49311 -1.08668 0.71172  209 DG C C6    
560 O O6    . DG C 1  ? 1.73324 1.23408 2.66990 -0.49368 -1.08932 0.71572  209 DG C O6    
561 N N1    . DG C 1  ? 1.74193 1.22892 2.67228 -0.49237 -1.08609 0.70900  209 DG C N1    
562 C C2    . DG C 1  ? 1.75012 1.22662 2.67383 -0.49250 -1.08377 0.70528  209 DG C C2    
563 N N2    . DG C 1  ? 1.75404 1.22586 2.68022 -0.49190 -1.08435 0.70321  209 DG C N2    
564 N N3    . DG C 1  ? 1.75577 1.22596 2.67132 -0.49351 -1.08189 0.70410  209 DG C N3    
565 C C4    . DG C 1  ? 1.75153 1.22708 2.66753 -0.49373 -1.08269 0.70634  209 DG C C4    
566 P P     . DG C 2  ? 1.83821 1.26758 2.72234 -0.49890 -1.09829 0.70091  210 DG C P     
567 O OP1   . DG C 2  ? 1.85079 1.26792 2.72441 -0.50165 -1.09083 0.69929  210 DG C OP1   
568 O OP2   . DG C 2  ? 1.84274 1.27000 2.72788 -0.49878 -1.10945 0.70198  210 DG C OP2   
569 O "O5'" . DG C 2  ? 1.82899 1.26641 2.72436 -0.49673 -1.09884 0.70073  210 DG C "O5'" 
570 C "C5'" . DG C 2  ? 1.83194 1.26499 2.72714 -0.49702 -1.09241 0.69848  210 DG C "C5'" 
571 C "C4'" . DG C 2  ? 1.82312 1.26448 2.73052 -0.49465 -1.09560 0.69885  210 DG C "C4'" 
572 O "O4'" . DG C 2  ? 1.80943 1.26450 2.72307 -0.49360 -1.09452 0.70181  210 DG C "O4'" 
573 C "C3'" . DG C 2  ? 1.82597 1.26652 2.74011 -0.49341 -1.10758 0.69947  210 DG C "C3'" 
574 O "O3'" . DG C 2  ? 1.82569 1.26619 2.74845 -0.49191 -1.10957 0.69829  210 DG C "O3'" 
575 C "C2'" . DG C 2  ? 1.81465 1.26873 2.73542 -0.49285 -1.11203 0.70405  210 DG C "C2'" 
576 C "C1'" . DG C 2  ? 1.80458 1.26721 2.72778 -0.49251 -1.10382 0.70488  210 DG C "C1'" 
577 N N9    . DG C 2  ? 1.79447 1.26951 2.72214 -0.49282 -1.10431 0.70937  210 DG C N9    
578 C C8    . DG C 2  ? 1.79302 1.27041 2.71741 -0.49373 -1.10365 0.71100  210 DG C C8    
579 N N7    . DG C 2  ? 1.78478 1.27343 2.71579 -0.49419 -1.10456 0.71548  210 DG C N7    
580 C C5    . DG C 2  ? 1.78073 1.27479 2.71855 -0.49384 -1.10572 0.71717  210 DG C C5    
581 C C6    . DG C 2  ? 1.77398 1.27938 2.71974 -0.49489 -1.10766 0.72268  210 DG C C6    
582 O O6    . DG C 2  ? 1.77026 1.28343 2.71915 -0.49649 -1.10841 0.72730  210 DG C O6    
583 N N1    . DG C 2  ? 1.77348 1.28002 2.72420 -0.49436 -1.10964 0.72303  210 DG C N1    
584 C C2    . DG C 2  ? 1.77856 1.27636 2.72822 -0.49261 -1.10982 0.71826  210 DG C C2    
585 N N2    . DG C 2  ? 1.77801 1.27786 2.73466 -0.49209 -1.11309 0.71935  210 DG C N2    
586 N N3    . DG C 2  ? 1.78539 1.27242 2.72805 -0.49182 -1.10774 0.71321  210 DG C N3    
587 C C4    . DG C 2  ? 1.78617 1.27200 2.72253 -0.49268 -1.10571 0.71317  210 DG C C4    
588 P P     . DC C 3  ? 1.98595 1.41141 2.90805 -0.49210 -1.11228 0.69426  211 DC C P     
589 O OP1   . DC C 3  ? 1.98421 1.40994 2.91019 -0.49195 -1.10445 0.69266  211 DC C OP1   
590 O OP2   . DC C 3  ? 1.99926 1.41245 2.90918 -0.49455 -1.11241 0.69304  211 DC C OP2   
591 O "O5'" . DC C 3  ? 1.98798 1.41360 2.92163 -0.48981 -1.12661 0.69479  211 DC C "O5'" 
592 C "C5'" . DC C 3  ? 1.98125 1.41626 2.91964 -0.48941 -1.13439 0.69896  211 DC C "C5'" 
593 C "C4'" . DC C 3  ? 1.97003 1.41828 2.92045 -0.48828 -1.13694 0.70297  211 DC C "C4'" 
594 O "O4'" . DC C 3  ? 1.95758 1.41910 2.90634 -0.48953 -1.13070 0.70729  211 DC C "O4'" 
595 C "C3'" . DC C 3  ? 1.98156 1.43211 2.94383 -0.48754 -1.15147 0.70632  211 DC C "C3'" 
596 O "O3'" . DC C 3  ? 1.98333 1.43620 2.95603 -0.48615 -1.15508 0.70696  211 DC C "O3'" 
597 C "C2'" . DC C 3  ? 1.97063 1.43527 2.93482 -0.48946 -1.15183 0.71309  211 DC C "C2'" 
598 C "C1'" . DC C 3  ? 1.95240 1.42472 2.91152 -0.49005 -1.13914 0.71351  211 DC C "C1'" 
599 N N1    . DC C 3  ? 1.94410 1.42704 2.90099 -0.49197 -1.13532 0.71814  211 DC C N1    
600 C C2    . DC C 3  ? 1.95905 1.45505 2.92203 -0.49339 -1.13424 0.72410  211 DC C C2    
601 O O2    . DC C 3  ? 1.95728 1.45617 2.92691 -0.49314 -1.13689 0.72575  211 DC C O2    
602 N N3    . DC C 3  ? 1.97628 1.48066 2.93821 -0.49527 -1.13132 0.72824  211 DC C N3    
603 C C4    . DC C 3  ? 1.94482 1.44520 2.90055 -0.49533 -1.12969 0.72631  211 DC C C4    
604 N N4    . DC C 3  ? 1.94071 1.44895 2.89742 -0.49698 -1.12782 0.73042  211 DC C N4    
605 C C5    . DC C 3  ? 1.94059 1.42787 2.88923 -0.49402 -1.13087 0.72044  211 DC C C5    
606 C C6    . DC C 3  ? 1.94688 1.42572 2.89601 -0.49257 -1.13349 0.71665  211 DC C C6    
607 P P     . DT C 4  ? 2.09053 1.54208 3.07772 -0.48507 -1.17158 0.70955  212 DT C P     
608 O OP1   . DT C 4  ? 2.10464 1.53959 3.09403 -0.48264 -1.17755 0.70277  212 DT C OP1   
609 O OP2   . DT C 4  ? 2.08984 1.54782 3.08035 -0.48691 -1.17934 0.71531  212 DT C OP2   
610 O "O5'" . DT C 4  ? 2.08234 1.54486 3.07842 -0.48526 -1.17123 0.71405  212 DT C "O5'" 
611 C "C5'" . DT C 4  ? 2.08748 1.55055 3.09760 -0.48470 -1.18472 0.71745  212 DT C "C5'" 
612 C "C4'" . DT C 4  ? 2.08207 1.55944 3.09834 -0.48822 -1.19009 0.72755  212 DT C "C4'" 
613 O "O4'" . DT C 4  ? 2.07238 1.55888 3.07890 -0.49063 -1.17939 0.73022  212 DT C "O4'" 
614 C "C3'" . DT C 4  ? 2.09369 1.56830 3.11951 -0.48888 -1.20523 0.73106  212 DT C "C3'" 
615 O "O3'" . DT C 4  ? 2.10527 1.58718 3.14468 -0.49100 -1.21604 0.73919  212 DT C "O3'" 
616 C "C2'" . DT C 4  ? 2.09300 1.57487 3.11256 -0.49156 -1.20073 0.73481  212 DT C "C2'" 
617 C "C1'" . DT C 4  ? 2.07332 1.56703 3.08581 -0.49353 -1.18717 0.73768  212 DT C "C1'" 
618 N N1    . DT C 4  ? 2.06702 1.56551 3.07034 -0.49502 -1.17852 0.73832  212 DT C N1    
619 C C2    . DT C 4  ? 2.05801 1.56998 3.06079 -0.49822 -1.17238 0.74504  212 DT C C2    
620 O O2    . DT C 4  ? 2.05518 1.57543 3.06328 -0.50033 -1.17321 0.75078  212 DT C O2    
621 N N3    . DT C 4  ? 2.05398 1.56847 3.04998 -0.49904 -1.16611 0.74492  212 DT C N3    
622 C C4    . DT C 4  ? 2.05811 1.56334 3.04737 -0.49730 -1.16567 0.73923  212 DT C C4    
623 O O4    . DT C 4  ? 2.05489 1.56271 3.03917 -0.49817 -1.16097 0.73969  212 DT C O4    
624 C C5    . DT C 4  ? 2.06822 1.55952 3.05717 -0.49457 -1.17231 0.73288  212 DT C C5    
625 C C7    . DT C 4  ? 2.07587 1.55525 3.05683 -0.49331 -1.17356 0.72711  212 DT C C7    
626 C C6    . DT C 4  ? 2.07219 1.56071 3.06856 -0.49344 -1.17839 0.73259  212 DT C C6    
627 P P     . DC C 5  ? 2.39057 1.86183 3.44491 -0.48896 -1.23473 0.73847  213 DC C P     
628 O OP1   . DC C 5  ? 2.38131 1.85903 3.44578 -0.49078 -1.24019 0.74481  213 DC C OP1   
629 O OP2   . DC C 5  ? 2.37261 1.82616 3.42288 -0.48401 -1.23493 0.72682  213 DC C OP2   
630 O "O5'" . DC C 5  ? 2.41080 1.88354 3.47037 -0.49152 -1.24354 0.74388  213 DC C "O5'" 
631 C "C5'" . DC C 5  ? 2.41384 1.89754 3.47919 -0.49677 -1.24358 0.75408  213 DC C "C5'" 
632 C "C4'" . DC C 5  ? 2.38901 1.88963 3.44747 -0.50093 -1.23136 0.76119  213 DC C "C4'" 
633 O "O4'" . DC C 5  ? 2.36775 1.86889 3.41599 -0.49923 -1.22431 0.75682  213 DC C "O4'" 
634 C "C3'" . DC C 5  ? 2.38346 1.89653 3.44721 -0.50750 -1.23115 0.77324  213 DC C "C3'" 
635 O "O3'" . DC C 5  ? 2.36843 1.89520 3.42970 -0.51173 -1.22361 0.78077  213 DC C "O3'" 
636 C "C2'" . DC C 5  ? 2.36298 1.87724 3.42190 -0.50730 -1.22792 0.77217  213 DC C "C2'" 
637 C "C1'" . DC C 5  ? 2.35160 1.86423 3.39889 -0.50354 -1.21966 0.76440  213 DC C "C1'" 
638 N N1    . DC C 5  ? 2.26358 1.77120 3.30301 -0.50147 -1.21671 0.75891  213 DC C N1    
639 C C2    . DC C 5  ? 2.25046 1.76729 3.28266 -0.50359 -1.20588 0.76151  213 DC C C2    
640 O O2    . DC C 5  ? 2.24339 1.77298 3.27722 -0.50722 -1.20084 0.76903  213 DC C O2    
641 N N3    . DC C 5  ? 2.24782 1.75849 3.27185 -0.50181 -1.20231 0.75593  213 DC C N3    
642 C C4    . DC C 5  ? 2.25840 1.75430 3.28020 -0.49853 -1.20887 0.74836  213 DC C C4    
643 N N4    . DC C 5  ? 2.25769 1.74738 3.27073 -0.49750 -1.20598 0.74368  213 DC C N4    
644 C C5    . DC C 5  ? 2.27231 1.75818 3.30124 -0.49631 -1.21983 0.74541  213 DC C C5    
645 C C6    . DC C 5  ? 2.27414 1.76636 3.31226 -0.49764 -1.22349 0.75069  213 DC C C6    
646 P P     . DG C 6  ? 2.65496 2.19663 3.72289 -0.52018 -1.22376 0.79598  214 DG C P     
647 O OP1   . DG C 6  ? 2.65238 2.20163 3.71990 -0.52381 -1.22149 0.80199  214 DG C OP1   
648 O OP2   . DG C 6  ? 2.68527 2.22247 3.76437 -0.52206 -1.23423 0.80002  214 DG C OP2   
649 O "O5'" . DG C 6  ? 2.65208 2.20316 3.71399 -0.52167 -1.21508 0.79836  214 DG C "O5'" 
650 C "C5'" . DG C 6  ? 2.64598 2.21217 3.70744 -0.52773 -1.20924 0.80890  214 DG C "C5'" 
651 C "C4'" . DG C 6  ? 2.65890 2.23487 3.72803 -0.53333 -1.21053 0.81970  214 DG C "C4'" 
652 O "O4'" . DG C 6  ? 2.67795 2.24899 3.74308 -0.52904 -1.20805 0.81236  214 DG C "O4'" 
653 C "C3'" . DG C 6  ? 2.67419 2.25007 3.75656 -0.53759 -1.22075 0.82812  214 DG C "C3'" 
654 O "O3'" . DG C 6  ? 2.66109 2.25241 3.75243 -0.54632 -1.22122 0.84430  214 DG C "O3'" 
655 C "C2'" . DG C 6  ? 2.69958 2.26330 3.78260 -0.53205 -1.22486 0.81885  214 DG C "C2'" 
656 C "C1'" . DG C 6  ? 2.69665 2.26278 3.77050 -0.52934 -1.21605 0.81378  214 DG C "C1'" 
657 N N9    . DG C 6  ? 2.58891 2.14061 3.65570 -0.52213 -1.21704 0.80017  214 DG C N9    
658 C C8    . DG C 6  ? 2.59617 2.13315 3.66047 -0.51685 -1.22233 0.79001  214 DG C C8    
659 N N7    . DG C 6  ? 2.59379 2.12001 3.65144 -0.51193 -1.22293 0.78016  214 DG C N7    
660 C C5    . DG C 6  ? 2.58375 2.11779 3.63910 -0.51374 -1.21750 0.78346  214 DG C C5    
661 C C6    . DG C 6  ? 2.57909 2.10689 3.62753 -0.51075 -1.21638 0.77690  214 DG C C6    
662 O O6    . DG C 6  ? 2.58337 2.09732 3.62545 -0.50633 -1.22016 0.76720  214 DG C O6    
663 N N1    . DG C 6  ? 2.57030 2.10922 3.62023 -0.51387 -1.21126 0.78334  214 DG C N1    
664 C C2    . DG C 6  ? 2.56720 2.12158 3.62478 -0.51950 -1.20790 0.79523  214 DG C C2    
665 N N2    . DG C 6  ? 2.56026 2.12315 3.61994 -0.52179 -1.20414 0.80027  214 DG C N2    
666 N N3    . DG C 6  ? 2.57237 2.13304 3.63570 -0.52307 -1.20909 0.80232  214 DG C N3    
667 C C4    . DG C 6  ? 2.58030 2.13002 3.64189 -0.51975 -1.21381 0.79557  214 DG C C4    
668 O "O5'" . DT D 1  ? 2.69946 3.08042 1.84646 -0.83187 -0.03159 -0.95864 202 DT D "O5'" 
669 C "C5'" . DT D 1  ? 2.71529 3.08741 1.86422 -0.82143 -0.03707 -0.97298 202 DT D "C5'" 
670 C "C4'" . DT D 1  ? 2.69925 3.04544 1.86487 -0.81272 -0.04895 -0.96831 202 DT D "C4'" 
671 O "O4'" . DT D 1  ? 2.68947 3.02231 1.85280 -0.81331 -0.05772 -0.95583 202 DT D "O4'" 
672 C "C3'" . DT D 1  ? 2.67330 3.01547 1.85986 -0.81284 -0.04679 -0.96138 202 DT D "C3'" 
673 O "O3'" . DT D 1  ? 2.67596 3.00086 1.87353 -0.80223 -0.05381 -0.96959 202 DT D "O3'" 
674 C "C2'" . DT D 1  ? 2.64892 2.98030 1.84130 -0.81634 -0.05203 -0.94294 202 DT D "C2'" 
675 C "C1'" . DT D 1  ? 2.66259 2.98016 1.84471 -0.81138 -0.06254 -0.94464 202 DT D "C1'" 
676 N N1    . DT D 1  ? 2.64811 2.95743 1.82965 -0.81429 -0.06871 -0.92966 202 DT D N1    
677 C C2    . DT D 1  ? 2.64685 2.93489 1.83360 -0.80745 -0.08059 -0.92756 202 DT D C2    
678 O O2    . DT D 1  ? 2.65601 2.93074 1.84682 -0.79968 -0.08623 -0.93698 202 DT D O2    
679 N N3    . DT D 1  ? 2.63593 2.91848 1.82279 -0.81003 -0.08579 -0.91457 202 DT D N3    
680 C C4    . DT D 1  ? 2.62647 2.92147 1.80795 -0.81839 -0.08080 -0.90323 202 DT D C4    
681 O O4    . DT D 1  ? 2.61734 2.90604 1.79935 -0.81946 -0.08663 -0.89228 202 DT D O4    
682 C C5    . DT D 1  ? 2.62901 2.94497 1.80403 -0.82591 -0.06822 -0.90564 202 DT D C5    
683 C C7    . DT D 1  ? 2.62153 2.95086 1.78900 -0.83601 -0.06186 -0.89410 202 DT D C7    
684 C C6    . DT D 1  ? 2.63911 2.96186 1.81496 -0.82372 -0.06252 -0.91876 202 DT D C6    
685 P P     . DG D 2  ? 2.65033 2.95473 1.86810 -0.79769 -0.06048 -0.95952 203 DG D P     
686 O OP1   . DG D 2  ? 2.62897 2.94714 1.85692 -0.80475 -0.05158 -0.95087 203 DG D OP1   
687 O OP2   . DG D 2  ? 2.64739 2.93127 1.86462 -0.79500 -0.07170 -0.95074 203 DG D OP2   
688 O "O5'" . DG D 2  ? 2.66104 2.95337 1.88536 -0.78701 -0.06456 -0.97370 203 DG D "O5'" 
689 C "C5'" . DG D 2  ? 2.64478 2.92980 1.88591 -0.78322 -0.06470 -0.97168 203 DG D "C5'" 
690 C "C4'" . DG D 2  ? 2.64500 2.89965 1.89317 -0.77357 -0.07710 -0.97121 203 DG D "C4'" 
691 O "O4'" . DG D 2  ? 2.63878 2.87939 1.88524 -0.77531 -0.08460 -0.95930 203 DG D "O4'" 
692 C "C3'" . DG D 2  ? 2.62575 2.86970 1.89069 -0.76994 -0.07864 -0.96546 203 DG D "C3'" 
693 O "O3'" . DG D 2  ? 2.63449 2.85114 1.90225 -0.76007 -0.08924 -0.97021 203 DG D "O3'" 
694 C "C2'" . DG D 2  ? 2.60173 2.84448 1.87273 -0.77664 -0.07900 -0.94650 203 DG D "C2'" 
695 C "C1'" . DG D 2  ? 2.61256 2.84575 1.87268 -0.77727 -0.08588 -0.94402 203 DG D "C1'" 
696 N N9    . DG D 2  ? 2.60132 2.84597 1.85745 -0.78608 -0.08280 -0.93142 203 DG D N9    
697 C C8    . DG D 2  ? 2.59777 2.86698 1.84857 -0.79488 -0.07244 -0.92908 203 DG D C8    
698 N N7    . DG D 2  ? 2.58993 2.86282 1.83611 -0.80117 -0.07273 -0.91734 203 DG D N7    
699 C C5    . DG D 2  ? 2.58684 2.83745 1.83693 -0.79606 -0.08380 -0.91172 203 DG D C5    
700 C C6    . DG D 2  ? 2.57867 2.82311 1.82738 -0.79864 -0.08925 -0.89971 203 DG D C6    
701 O O6    . DG D 2  ? 2.57284 2.82950 1.81553 -0.80577 -0.08580 -0.89109 203 DG D O6    
702 N N1    . DG D 2  ? 2.57851 2.79983 1.83345 -0.79206 -0.09978 -0.89846 203 DG D N1    
703 C C2    . DG D 2  ? 2.58667 2.79134 1.84693 -0.78428 -0.10459 -0.90738 203 DG D C2    
704 N N2    . DG D 2  ? 2.58667 2.76964 1.85173 -0.77977 -0.11427 -0.90466 203 DG D N2    
705 N N3    . DG D 2  ? 2.59518 2.80412 1.85576 -0.78119 -0.10026 -0.91854 203 DG D N3    
706 C C4    . DG D 2  ? 2.59417 2.82708 1.85016 -0.78724 -0.08982 -0.92025 203 DG D C4    
707 P P     . DA D 3  ? 2.53834 2.73858 1.82081 -0.75357 -0.09307 -0.96738 204 DA D P     
708 O OP1   . DA D 3  ? 2.55873 2.73484 1.83765 -0.74344 -0.10234 -0.97850 204 DA D OP1   
709 O OP2   . DA D 3  ? 2.52738 2.74966 1.81747 -0.75629 -0.08309 -0.96945 204 DA D OP2   
710 O "O5'" . DA D 3  ? 2.51511 2.70219 1.80595 -0.75689 -0.09777 -0.94823 204 DA D "O5'" 
711 C "C5'" . DA D 3  ? 2.50546 2.66896 1.80670 -0.75079 -0.10509 -0.94267 204 DA D "C5'" 
712 C "C4'" . DA D 3  ? 2.50182 2.64520 1.80289 -0.75126 -0.11357 -0.93235 204 DA D "C4'" 
713 O "O4'" . DA D 3  ? 2.49733 2.65578 1.79257 -0.75947 -0.11026 -0.92525 204 DA D "O4'" 
714 C "C3'" . DA D 3  ? 2.47899 2.60855 1.79296 -0.75063 -0.11721 -0.91795 204 DA D "C3'" 
715 O "O3'" . DA D 3  ? 2.48312 2.59035 1.79591 -0.74901 -0.12612 -0.91339 204 DA D "O3'" 
716 C "C2'" . DA D 3  ? 2.45764 2.60948 1.77523 -0.75971 -0.10967 -0.90551 204 DA D "C2'" 
717 C "C1'" . DA D 3  ? 2.47161 2.63096 1.77645 -0.76409 -0.10966 -0.90832 204 DA D "C1'" 
718 N N9    . DA D 3  ? 2.46381 2.64834 1.76435 -0.77302 -0.10139 -0.90289 204 DA D N9    
719 C C8    . DA D 3  ? 2.46861 2.67679 1.76422 -0.77721 -0.09172 -0.90986 204 DA D C8    
720 N N7    . DA D 3  ? 2.46230 2.68834 1.75262 -0.78585 -0.08594 -0.90266 204 DA D N7    
721 C C5    . DA D 3  ? 2.45245 2.66582 1.74470 -0.78662 -0.09280 -0.89041 204 DA D C5    
722 C C6    . DA D 3  ? 2.44334 2.66424 1.73172 -0.79341 -0.09218 -0.87872 204 DA D C6    
723 N N6    . DA D 3  ? 2.44366 2.68644 1.72378 -0.80155 -0.08392 -0.87697 204 DA D N6    
724 N N1    . DA D 3  ? 2.43493 2.63966 1.72785 -0.79155 -0.10048 -0.86917 204 DA D N1    
725 C C2    . DA D 3  ? 2.43604 2.61868 1.73634 -0.78432 -0.10819 -0.87102 204 DA D C2    
726 N N3    . DA D 3  ? 2.44530 2.61749 1.74849 -0.77790 -0.10971 -0.88112 204 DA D N3    
727 C C4    . DA D 3  ? 2.45304 2.64165 1.75204 -0.77903 -0.10197 -0.89063 204 DA D C4    
728 P P     . DC D 4  ? 2.45256 2.52974 1.77209 -0.74199 -0.13478 -0.91122 205 DC D P     
729 O OP1   . DC D 4  ? 2.46516 2.52398 1.77967 -0.74165 -0.14246 -0.91150 205 DC D OP1   
730 O OP2   . DC D 4  ? 2.46364 2.53518 1.78308 -0.73463 -0.13494 -0.92284 205 DC D OP2   
731 O "O5'" . DC D 4  ? 2.42222 2.50163 1.75483 -0.74530 -0.13317 -0.89378 205 DC D "O5'" 
732 C "C5'" . DC D 4  ? 2.40664 2.49722 1.74111 -0.75261 -0.13114 -0.88134 205 DC D "C5'" 
733 C "C4'" . DC D 4  ? 2.37853 2.47352 1.72558 -0.75473 -0.12864 -0.86671 205 DC D "C4'" 
734 O "O4'" . DC D 4  ? 2.36575 2.48644 1.71242 -0.76233 -0.12078 -0.86048 205 DC D "O4'" 
735 C "C3'" . DC D 4  ? 2.37250 2.46433 1.72715 -0.74950 -0.12733 -0.86918 205 DC D "C3'" 
736 O "O3'" . DC D 4  ? 2.34961 2.43406 1.71607 -0.74919 -0.12921 -0.85526 205 DC D "O3'" 
737 C "C2'" . DC D 4  ? 2.36884 2.48888 1.72238 -0.75402 -0.11748 -0.87300 205 DC D "C2'" 
738 C "C1'" . DC D 4  ? 2.35486 2.48893 1.70789 -0.76255 -0.11424 -0.86077 205 DC D "C1'" 
739 N N1    . DC D 4  ? 2.35756 2.51860 1.70379 -0.76962 -0.10512 -0.86425 205 DC D N1    
740 C C2    . DC D 4  ? 2.35102 2.52325 1.69282 -0.77704 -0.10304 -0.85526 205 DC D C2    
741 O O2    . DC D 4  ? 2.34238 2.50269 1.68722 -0.77702 -0.10891 -0.84512 205 DC D O2    
742 N N3    . DC D 4  ? 2.35530 2.55091 1.68921 -0.78399 -0.09472 -0.85826 205 DC D N3    
743 C C4    . DC D 4  ? 2.36478 2.57381 1.69641 -0.78399 -0.08802 -0.86992 205 DC D C4    
744 N N4    . DC D 4  ? 2.36984 2.60216 1.69299 -0.79176 -0.07927 -0.87268 205 DC D N4    
745 C C5    . DC D 4  ? 2.37058 2.56963 1.70801 -0.77599 -0.09007 -0.87966 205 DC D C5    
746 C C6    . DC D 4  ? 2.36707 2.54153 1.71110 -0.76886 -0.09893 -0.87627 205 DC D C6    
747 P P     . DT D 5  ? 2.22234 2.27881 1.59234 -0.74546 -0.13826 -0.84896 206 DT D P     
748 O OP1   . DT D 5  ? 2.24606 2.28818 1.60621 -0.74416 -0.14369 -0.85776 206 DT D OP1   
749 O OP2   . DT D 5  ? 2.21683 2.26004 1.59406 -0.73901 -0.14075 -0.84853 206 DT D OP2   
750 O "O5'" . DT D 5  ? 2.19817 2.26250 1.57550 -0.75159 -0.13714 -0.83191 206 DT D "O5'" 
751 C "C5'" . DT D 5  ? 2.19677 2.27848 1.56890 -0.75848 -0.13370 -0.82891 206 DT D "C5'" 
752 C "C4'" . DT D 5  ? 2.17040 2.26510 1.55093 -0.76339 -0.13035 -0.81342 206 DT D "C4'" 
753 O "O4'" . DT D 5  ? 2.16640 2.28609 1.54379 -0.76876 -0.12206 -0.81422 206 DT D "O4'" 
754 C "C3'" . DT D 5  ? 2.15083 2.23799 1.54395 -0.75999 -0.13133 -0.80453 206 DT D "C3'" 
755 O "O3'" . DT D 5  ? 2.12958 2.22058 1.52990 -0.76347 -0.13166 -0.78952 206 DT D "O3'" 
756 C "C2'" . DT D 5  ? 2.14678 2.25103 1.54168 -0.76045 -0.12421 -0.80896 206 DT D "C2'" 
757 C "C1'" . DT D 5  ? 2.14899 2.27585 1.53617 -0.76822 -0.11792 -0.80928 206 DT D "C1'" 
758 N N1    . DT D 5  ? 2.15793 2.30270 1.54057 -0.77001 -0.11038 -0.82006 206 DT D N1    
759 C C2    . DT D 5  ? 2.15850 2.32540 1.53447 -0.77787 -0.10332 -0.81965 206 DT D C2    
760 O O2    . DT D 5  ? 2.15213 2.32413 1.52526 -0.78299 -0.10344 -0.81069 206 DT D O2    
761 N N3    . DT D 5  ? 2.16774 2.35081 1.54008 -0.77954 -0.09602 -0.83055 206 DT D N3    
762 C C4    . DT D 5  ? 2.17597 2.35578 1.55128 -0.77357 -0.09552 -0.84199 206 DT D C4    
763 O O4    . DT D 5  ? 2.18400 2.38084 1.55643 -0.77563 -0.08836 -0.85200 206 DT D O4    
764 C C5    . DT D 5  ? 2.17554 2.33055 1.55711 -0.76476 -0.10399 -0.84179 206 DT D C5    
765 C C7    . DT D 5  ? 2.18577 2.33381 1.56979 -0.75698 -0.10514 -0.85406 206 DT D C7    
766 C C6    . DT D 5  ? 2.16691 2.30563 1.55146 -0.76379 -0.11071 -0.83082 206 DT D C6    
767 P P     . DG D 6  ? 2.12817 2.20199 1.53084 -0.76277 -0.13879 -0.78275 207 DG D P     
768 O OP1   . DG D 6  ? 2.14534 2.22147 1.53771 -0.76583 -0.14025 -0.78894 207 DG D OP1   
769 O OP2   . DG D 6  ? 2.13123 2.18232 1.53863 -0.75655 -0.14392 -0.78434 207 DG D OP2   
770 O "O5'" . DG D 6  ? 2.10162 2.18554 1.51337 -0.76625 -0.13733 -0.76646 207 DG D "O5'" 
771 C "C5'" . DG D 6  ? 2.09826 2.19763 1.50562 -0.77209 -0.13526 -0.76177 207 DG D "C5'" 
772 C "C4'" . DG D 6  ? 2.08121 2.20032 1.49180 -0.77603 -0.12878 -0.75438 207 DG D "C4'" 
773 O "O4'" . DG D 6  ? 2.09058 2.22046 1.49633 -0.77683 -0.12279 -0.76430 207 DG D "O4'" 
774 C "C3'" . DG D 6  ? 2.05715 2.17347 1.48126 -0.77372 -0.12906 -0.74260 207 DG D "C3'" 
775 O "O3'" . DG D 6  ? 2.04078 2.17235 1.46718 -0.77858 -0.12609 -0.73168 207 DG D "O3'" 
776 C "C2'" . DG D 6  ? 2.05852 2.17762 1.48504 -0.77117 -0.12506 -0.74948 207 DG D "C2'" 
777 C "C1'" . DG D 6  ? 2.07288 2.20925 1.48825 -0.77635 -0.11904 -0.75853 207 DG D "C1'" 
778 N N9    . DG D 6  ? 2.08307 2.22357 1.49685 -0.77437 -0.11500 -0.77026 207 DG D N9    
779 C C8    . DG D 6  ? 2.08760 2.21407 1.50581 -0.76732 -0.11795 -0.77666 207 DG D C8    
780 N N7    . DG D 6  ? 2.09691 2.23259 1.51273 -0.76674 -0.11321 -0.78757 207 DG D N7    
781 C C5    . DG D 6  ? 2.09861 2.25612 1.50793 -0.77457 -0.10608 -0.78824 207 DG D C5    
782 C C6    . DG D 6  ? 2.10793 2.28438 1.51228 -0.77825 -0.09810 -0.79834 207 DG D C6    
783 O O6    . DG D 6  ? 2.11612 2.29456 1.52180 -0.77466 -0.09587 -0.80939 207 DG D O6    
784 N N1    . DG D 6  ? 2.10824 2.30286 1.50497 -0.78706 -0.09238 -0.79511 207 DG D N1    
785 C C2    . DG D 6  ? 2.10068 2.29458 1.49490 -0.79093 -0.09487 -0.78376 207 DG D C2    
786 N N2    . DG D 6  ? 2.10427 2.31587 1.48927 -0.79922 -0.08908 -0.78250 207 DG D N2    
787 N N3    . DG D 6  ? 2.09124 2.26840 1.49115 -0.78699 -0.10249 -0.77472 207 DG D N3    
788 C C4    . DG D 6  ? 2.09070 2.25057 1.49801 -0.77923 -0.10740 -0.77751 207 DG D C4    
789 P P     . DT D 7  ? 2.01609 2.14352 1.45505 -0.77688 -0.12912 -0.71648 208 DT D P     
790 O OP1   . DT D 7  ? 2.01843 2.13523 1.45712 -0.77603 -0.13535 -0.71318 208 DT D OP1   
791 O OP2   . DT D 7  ? 2.00630 2.12596 1.45516 -0.77180 -0.12917 -0.71548 208 DT D OP2   
792 O "O5'" . DT D 7  ? 2.00341 2.15114 1.44163 -0.78296 -0.12393 -0.70825 208 DT D "O5'" 
793 C "C5'" . DT D 7  ? 1.99900 2.16022 1.43831 -0.78560 -0.11698 -0.70983 208 DT D "C5'" 
794 C "C4'" . DT D 7  ? 2.00961 2.18899 1.43664 -0.79343 -0.11101 -0.71351 208 DT D "C4'" 
795 O "O4'" . DT D 7  ? 2.03098 2.21205 1.44892 -0.79378 -0.10816 -0.72805 208 DT D "O4'" 
796 C "C3'" . DT D 7  ? 1.99723 2.19354 1.42693 -0.79888 -0.10402 -0.70784 208 DT D "C3'" 
797 O "O3'" . DT D 7  ? 1.98915 2.19195 1.41611 -0.80324 -0.10482 -0.69730 208 DT D "O3'" 
798 C "C2'" . DT D 7  ? 2.01465 2.22501 1.43386 -0.80429 -0.09629 -0.71983 208 DT D "C2'" 
799 C "C1'" . DT D 7  ? 2.03389 2.23292 1.44784 -0.79946 -0.09959 -0.73243 208 DT D "C1'" 
800 N N1    . DT D 7  ? 2.03776 2.23412 1.45707 -0.79512 -0.09742 -0.74211 208 DT D N1    
801 C C2    . DT D 7  ? 2.04811 2.26015 1.46215 -0.79942 -0.08942 -0.75203 208 DT D C2    
802 O O2    . DT D 7  ? 2.05456 2.28270 1.45911 -0.80735 -0.08341 -0.75298 208 DT D O2    
803 N N3    . DT D 7  ? 2.05150 2.25973 1.47150 -0.79408 -0.08870 -0.76122 208 DT D N3    
804 C C4    . DT D 7  ? 2.04697 2.23625 1.47594 -0.78511 -0.09543 -0.76125 208 DT D C4    
805 O O4    . DT D 7  ? 2.05202 2.23846 1.48482 -0.78030 -0.09491 -0.77033 208 DT D O4    
806 C C5    . DT D 7  ? 2.03697 2.21014 1.47000 -0.78182 -0.10313 -0.75033 208 DT D C5    
807 C C7    . DT D 7  ? 2.03304 2.18477 1.47434 -0.77306 -0.11035 -0.74943 208 DT D C7    
808 C C6    . DT D 7  ? 2.03247 2.21051 1.46118 -0.78686 -0.10361 -0.74161 208 DT D C6    
# 
